data_1WIA
#
_entry.id   1WIA
#
_entity_poly.entity_id   1
_entity_poly.type   'polypeptide(L)'
_entity_poly.pdbx_seq_one_letter_code
;GSSGSSGINVRLKFLNDTEELAVARPEDTVGTLKSKYFPGQESQMKLIYQGRLLQDPARTLSSLNITNNCVIHCHRSPPG
AAVSGPSASSGPSSG
;
_entity_poly.pdbx_strand_id   A
#
# COMPACT_ATOMS: atom_id res chain seq x y z
N GLY A 1 -17.64 -15.14 18.41
CA GLY A 1 -16.96 -15.51 17.19
C GLY A 1 -17.14 -14.48 16.08
N SER A 2 -16.23 -14.50 15.12
CA SER A 2 -16.29 -13.56 14.01
C SER A 2 -16.05 -14.27 12.67
N SER A 3 -16.49 -13.65 11.59
CA SER A 3 -16.33 -14.22 10.26
C SER A 3 -16.77 -13.23 9.18
N GLY A 4 -16.16 -13.34 8.00
CA GLY A 4 -16.50 -12.45 6.91
C GLY A 4 -15.33 -12.24 5.96
N SER A 5 -15.09 -13.22 5.10
CA SER A 5 -14.00 -13.14 4.14
C SER A 5 -14.52 -12.78 2.75
N SER A 6 -14.42 -11.50 2.39
CA SER A 6 -14.89 -11.04 1.09
C SER A 6 -13.86 -10.11 0.44
N GLY A 7 -13.73 -10.22 -0.88
CA GLY A 7 -12.77 -9.40 -1.60
C GLY A 7 -11.66 -10.22 -2.23
N ILE A 8 -10.72 -9.53 -2.87
CA ILE A 8 -9.60 -10.21 -3.52
C ILE A 8 -8.32 -10.05 -2.70
N ASN A 9 -7.50 -11.09 -2.71
CA ASN A 9 -6.24 -11.08 -1.96
C ASN A 9 -5.09 -10.62 -2.86
N VAL A 10 -4.21 -9.78 -2.30
CA VAL A 10 -3.08 -9.28 -3.05
C VAL A 10 -1.78 -9.49 -2.28
N ARG A 11 -0.74 -9.92 -3.00
CA ARG A 11 0.56 -10.16 -2.38
C ARG A 11 1.51 -9.00 -2.63
N LEU A 12 1.95 -8.37 -1.55
CA LEU A 12 2.87 -7.23 -1.65
C LEU A 12 4.32 -7.70 -1.69
N LYS A 13 4.96 -7.52 -2.83
CA LYS A 13 6.35 -7.92 -3.00
C LYS A 13 7.28 -6.72 -2.84
N PHE A 14 8.31 -6.89 -2.02
CA PHE A 14 9.28 -5.82 -1.78
C PHE A 14 10.62 -6.14 -2.44
N LEU A 15 11.36 -5.09 -2.78
CA LEU A 15 12.65 -5.25 -3.43
C LEU A 15 13.61 -6.06 -2.55
N ASN A 16 13.20 -6.28 -1.30
CA ASN A 16 14.02 -7.05 -0.36
C ASN A 16 13.83 -8.54 -0.58
N ASP A 17 13.27 -8.91 -1.72
CA ASP A 17 13.04 -10.31 -2.05
C ASP A 17 12.07 -10.95 -1.05
N THR A 18 11.15 -10.15 -0.54
CA THR A 18 10.16 -10.63 0.42
C THR A 18 8.74 -10.38 -0.06
N GLU A 19 7.76 -10.88 0.68
CA GLU A 19 6.36 -10.70 0.33
C GLU A 19 5.50 -10.50 1.58
N GLU A 20 4.34 -9.88 1.40
CA GLU A 20 3.43 -9.63 2.51
C GLU A 20 1.98 -9.86 2.09
N LEU A 21 1.25 -10.60 2.92
CA LEU A 21 -0.15 -10.89 2.63
C LEU A 21 -1.03 -9.67 2.90
N ALA A 22 -1.70 -9.18 1.86
CA ALA A 22 -2.58 -8.03 2.00
C ALA A 22 -3.83 -8.19 1.14
N VAL A 23 -4.99 -8.06 1.76
CA VAL A 23 -6.26 -8.20 1.06
C VAL A 23 -6.75 -6.84 0.55
N ALA A 24 -6.96 -6.74 -0.75
CA ALA A 24 -7.42 -5.49 -1.35
C ALA A 24 -8.71 -5.72 -2.14
N ARG A 25 -9.48 -4.65 -2.33
CA ARG A 25 -10.73 -4.74 -3.07
C ARG A 25 -10.64 -3.99 -4.40
N PRO A 26 -11.44 -4.42 -5.38
CA PRO A 26 -11.47 -3.81 -6.72
C PRO A 26 -12.08 -2.41 -6.70
N GLU A 27 -12.50 -1.97 -5.51
CA GLU A 27 -13.10 -0.65 -5.37
C GLU A 27 -12.19 0.28 -4.57
N ASP A 28 -11.42 -0.31 -3.66
CA ASP A 28 -10.50 0.46 -2.83
C ASP A 28 -9.56 1.31 -3.68
N THR A 29 -8.78 2.17 -3.03
CA THR A 29 -7.86 3.03 -3.74
C THR A 29 -6.41 2.72 -3.36
N VAL A 30 -5.48 3.10 -4.22
CA VAL A 30 -4.06 2.86 -3.97
C VAL A 30 -3.59 3.59 -2.71
N GLY A 31 -4.02 4.84 -2.56
CA GLY A 31 -3.63 5.62 -1.40
C GLY A 31 -4.04 4.96 -0.09
N THR A 32 -5.25 4.41 -0.07
CA THR A 32 -5.76 3.75 1.12
C THR A 32 -4.98 2.48 1.43
N LEU A 33 -4.74 1.67 0.40
CA LEU A 33 -3.99 0.43 0.55
C LEU A 33 -2.63 0.69 1.20
N LYS A 34 -1.92 1.69 0.69
CA LYS A 34 -0.60 2.03 1.21
C LYS A 34 -0.68 2.37 2.69
N SER A 35 -1.64 3.23 3.06
CA SER A 35 -1.82 3.64 4.45
C SER A 35 -2.37 2.49 5.28
N LYS A 36 -3.11 1.59 4.63
CA LYS A 36 -3.70 0.45 5.31
C LYS A 36 -2.62 -0.49 5.83
N TYR A 37 -1.66 -0.82 4.96
CA TYR A 37 -0.57 -1.70 5.33
C TYR A 37 0.69 -0.91 5.67
N PHE A 38 1.00 0.08 4.85
CA PHE A 38 2.18 0.92 5.05
C PHE A 38 1.78 2.32 5.49
N PRO A 39 1.44 2.47 6.78
CA PRO A 39 1.03 3.76 7.34
C PRO A 39 2.19 4.75 7.43
N GLY A 40 1.94 5.99 7.02
CA GLY A 40 2.97 7.00 7.05
C GLY A 40 4.00 6.83 5.96
N GLN A 41 4.46 5.59 5.77
CA GLN A 41 5.45 5.29 4.74
C GLN A 41 4.80 5.12 3.38
N GLU A 42 3.80 5.96 3.10
CA GLU A 42 3.09 5.89 1.83
C GLU A 42 3.82 6.70 0.75
N SER A 43 4.54 7.74 1.19
CA SER A 43 5.28 8.59 0.27
C SER A 43 6.50 7.87 -0.28
N GLN A 44 6.86 6.75 0.35
CA GLN A 44 8.01 5.96 -0.07
C GLN A 44 7.57 4.63 -0.68
N MET A 45 6.67 3.94 0.01
CA MET A 45 6.16 2.66 -0.46
C MET A 45 5.40 2.82 -1.77
N LYS A 46 6.13 2.80 -2.87
CA LYS A 46 5.52 2.94 -4.19
C LYS A 46 5.13 1.58 -4.76
N LEU A 47 3.96 1.52 -5.37
CA LEU A 47 3.47 0.28 -5.96
C LEU A 47 3.56 0.33 -7.49
N ILE A 48 3.93 -0.79 -8.10
CA ILE A 48 4.04 -0.88 -9.55
C ILE A 48 3.28 -2.08 -10.09
N TYR A 49 2.35 -1.82 -10.99
CA TYR A 49 1.54 -2.88 -11.60
C TYR A 49 1.74 -2.92 -13.11
N GLN A 50 2.36 -3.99 -13.60
CA GLN A 50 2.61 -4.15 -15.02
C GLN A 50 3.51 -3.04 -15.54
N GLY A 51 4.56 -2.74 -14.79
CA GLY A 51 5.49 -1.70 -15.19
C GLY A 51 4.90 -0.30 -15.04
N ARG A 52 3.67 -0.23 -14.54
CA ARG A 52 3.00 1.03 -14.33
C ARG A 52 3.04 1.45 -12.86
N LEU A 53 3.25 2.74 -12.62
CA LEU A 53 3.30 3.25 -11.26
C LEU A 53 1.91 3.59 -10.75
N LEU A 54 1.55 3.02 -9.61
CA LEU A 54 0.24 3.27 -9.00
C LEU A 54 0.24 4.56 -8.19
N GLN A 55 1.20 5.44 -8.49
CA GLN A 55 1.32 6.71 -7.79
C GLN A 55 -0.06 7.25 -7.42
N ASP A 56 -0.93 7.35 -8.41
CA ASP A 56 -2.29 7.87 -8.20
C ASP A 56 -2.93 7.18 -7.00
N PRO A 57 -3.03 7.92 -5.88
CA PRO A 57 -3.64 7.40 -4.65
C PRO A 57 -5.15 7.20 -4.78
N ALA A 58 -5.69 7.59 -5.92
CA ALA A 58 -7.12 7.46 -6.17
C ALA A 58 -7.41 6.32 -7.15
N ARG A 59 -6.45 6.06 -8.03
CA ARG A 59 -6.59 5.00 -9.02
C ARG A 59 -7.13 3.72 -8.38
N THR A 60 -8.39 3.40 -8.68
CA THR A 60 -9.01 2.19 -8.14
C THR A 60 -8.28 0.94 -8.58
N LEU A 61 -8.29 -0.08 -7.74
CA LEU A 61 -7.63 -1.35 -8.04
C LEU A 61 -8.27 -2.01 -9.27
N SER A 62 -9.57 -1.79 -9.44
CA SER A 62 -10.29 -2.36 -10.57
C SER A 62 -9.78 -1.80 -11.89
N SER A 63 -9.58 -0.48 -11.93
CA SER A 63 -9.09 0.17 -13.13
C SER A 63 -7.66 -0.27 -13.46
N LEU A 64 -6.87 -0.48 -12.41
CA LEU A 64 -5.48 -0.90 -12.58
C LEU A 64 -5.41 -2.37 -12.96
N ASN A 65 -6.56 -3.01 -13.10
CA ASN A 65 -6.63 -4.42 -13.47
C ASN A 65 -6.09 -5.29 -12.35
N ILE A 66 -6.14 -4.78 -11.12
CA ILE A 66 -5.65 -5.52 -9.96
C ILE A 66 -6.66 -6.57 -9.52
N THR A 67 -6.37 -7.83 -9.84
CA THR A 67 -7.25 -8.93 -9.48
C THR A 67 -6.68 -9.72 -8.30
N ASN A 68 -7.39 -10.78 -7.90
CA ASN A 68 -6.97 -11.60 -6.79
C ASN A 68 -5.74 -12.44 -7.16
N ASN A 69 -5.15 -13.09 -6.17
CA ASN A 69 -3.98 -13.93 -6.39
C ASN A 69 -2.94 -13.19 -7.23
N CYS A 70 -2.92 -11.87 -7.11
CA CYS A 70 -1.98 -11.05 -7.86
C CYS A 70 -0.88 -10.50 -6.95
N VAL A 71 0.24 -10.10 -7.54
CA VAL A 71 1.36 -9.56 -6.78
C VAL A 71 1.66 -8.13 -7.20
N ILE A 72 1.95 -7.27 -6.23
CA ILE A 72 2.27 -5.87 -6.51
C ILE A 72 3.67 -5.52 -6.03
N HIS A 73 4.51 -5.11 -6.96
CA HIS A 73 5.89 -4.73 -6.64
C HIS A 73 5.93 -3.43 -5.84
N CYS A 74 6.70 -3.41 -4.76
CA CYS A 74 6.82 -2.23 -3.92
C CYS A 74 8.19 -1.58 -4.10
N HIS A 75 8.23 -0.26 -3.96
CA HIS A 75 9.48 0.48 -4.11
C HIS A 75 9.70 1.41 -2.92
N ARG A 76 10.94 1.48 -2.44
CA ARG A 76 11.27 2.33 -1.30
C ARG A 76 12.20 3.46 -1.73
N SER A 77 11.81 4.69 -1.41
CA SER A 77 12.61 5.86 -1.77
C SER A 77 13.28 6.45 -0.54
N PRO A 78 14.41 7.15 -0.76
CA PRO A 78 15.17 7.77 0.32
C PRO A 78 14.45 8.97 0.94
N PRO A 79 14.69 9.19 2.24
CA PRO A 79 14.07 10.30 2.97
C PRO A 79 14.59 11.65 2.53
N GLY A 80 13.82 12.34 1.68
CA GLY A 80 14.24 13.65 1.21
C GLY A 80 13.59 14.78 1.97
N ALA A 81 13.32 14.55 3.25
CA ALA A 81 12.69 15.56 4.10
C ALA A 81 13.34 15.58 5.49
N ALA A 82 13.36 16.76 6.10
CA ALA A 82 13.93 16.91 7.43
C ALA A 82 12.88 17.40 8.43
N VAL A 83 11.66 16.91 8.28
CA VAL A 83 10.57 17.29 9.17
C VAL A 83 10.73 16.64 10.55
N SER A 84 10.42 17.41 11.60
CA SER A 84 10.54 16.92 12.96
C SER A 84 9.55 17.62 13.87
N GLY A 85 8.75 16.84 14.60
CA GLY A 85 7.78 17.39 15.51
C GLY A 85 7.15 16.35 16.41
N PRO A 86 6.83 16.75 17.65
CA PRO A 86 6.22 15.85 18.63
C PRO A 86 4.79 15.47 18.28
N SER A 87 4.20 14.58 19.07
CA SER A 87 2.83 14.13 18.83
C SER A 87 1.86 15.30 18.93
N ALA A 88 1.04 15.47 17.89
CA ALA A 88 0.05 16.55 17.87
C ALA A 88 -1.34 16.02 18.18
N SER A 89 -2.11 16.81 18.92
CA SER A 89 -3.47 16.42 19.29
C SER A 89 -4.49 17.38 18.70
N SER A 90 -5.15 16.95 17.62
CA SER A 90 -6.15 17.78 16.97
C SER A 90 -7.27 16.92 16.37
N GLY A 91 -8.51 17.32 16.60
CA GLY A 91 -9.64 16.58 16.08
C GLY A 91 -10.37 15.81 17.16
N PRO A 92 -11.31 16.48 17.85
CA PRO A 92 -12.09 15.87 18.93
C PRO A 92 -13.08 14.84 18.42
N SER A 93 -13.61 14.03 19.32
CA SER A 93 -14.57 12.99 18.95
C SER A 93 -15.52 12.70 20.10
N SER A 94 -16.80 13.04 19.91
CA SER A 94 -17.81 12.81 20.93
C SER A 94 -19.00 12.04 20.37
N GLY A 95 -19.15 10.79 20.80
CA GLY A 95 -20.24 9.96 20.32
C GLY A 95 -21.39 9.89 21.32
N GLY A 1 -8.27 -17.41 12.35
CA GLY A 1 -9.57 -17.71 11.80
C GLY A 1 -10.14 -16.57 10.98
N SER A 2 -10.52 -16.87 9.73
CA SER A 2 -11.06 -15.86 8.83
C SER A 2 -12.55 -15.64 9.11
N SER A 3 -12.98 -14.38 9.03
CA SER A 3 -14.38 -14.05 9.28
C SER A 3 -14.98 -13.34 8.06
N GLY A 4 -15.76 -14.07 7.27
CA GLY A 4 -16.38 -13.51 6.09
C GLY A 4 -15.42 -12.64 5.30
N SER A 5 -14.69 -13.26 4.37
CA SER A 5 -13.74 -12.54 3.54
C SER A 5 -14.31 -12.27 2.16
N SER A 6 -14.77 -11.06 1.93
CA SER A 6 -15.35 -10.68 0.64
C SER A 6 -14.44 -9.69 -0.10
N GLY A 7 -13.54 -10.23 -0.91
CA GLY A 7 -12.62 -9.38 -1.66
C GLY A 7 -11.53 -10.17 -2.36
N ILE A 8 -10.55 -9.47 -2.89
CA ILE A 8 -9.45 -10.11 -3.59
C ILE A 8 -8.14 -9.99 -2.80
N ASN A 9 -7.37 -11.08 -2.77
CA ASN A 9 -6.10 -11.10 -2.05
C ASN A 9 -4.98 -10.57 -2.93
N VAL A 10 -4.12 -9.74 -2.35
CA VAL A 10 -2.99 -9.17 -3.08
C VAL A 10 -1.68 -9.43 -2.34
N ARG A 11 -0.67 -9.87 -3.09
CA ARG A 11 0.64 -10.16 -2.51
C ARG A 11 1.58 -8.97 -2.67
N LEU A 12 1.98 -8.38 -1.56
CA LEU A 12 2.88 -7.22 -1.58
C LEU A 12 4.34 -7.68 -1.63
N LYS A 13 4.97 -7.52 -2.78
CA LYS A 13 6.37 -7.92 -2.95
C LYS A 13 7.29 -6.70 -2.84
N PHE A 14 8.36 -6.86 -2.07
CA PHE A 14 9.32 -5.77 -1.87
C PHE A 14 10.62 -6.06 -2.63
N LEU A 15 11.43 -5.02 -2.79
CA LEU A 15 12.71 -5.15 -3.50
C LEU A 15 13.65 -6.08 -2.73
N ASN A 16 13.29 -6.39 -1.49
CA ASN A 16 14.11 -7.26 -0.65
C ASN A 16 13.79 -8.73 -0.92
N ASP A 17 13.12 -8.98 -2.04
CA ASP A 17 12.75 -10.35 -2.40
C ASP A 17 11.81 -10.96 -1.38
N THR A 18 11.01 -10.11 -0.73
CA THR A 18 10.07 -10.57 0.28
C THR A 18 8.62 -10.37 -0.19
N GLU A 19 7.68 -10.94 0.56
CA GLU A 19 6.28 -10.81 0.22
C GLU A 19 5.42 -10.68 1.48
N GLU A 20 4.31 -9.96 1.36
CA GLU A 20 3.41 -9.76 2.49
C GLU A 20 1.95 -9.96 2.07
N LEU A 21 1.19 -10.64 2.92
CA LEU A 21 -0.22 -10.90 2.63
C LEU A 21 -1.06 -9.66 2.90
N ALA A 22 -1.72 -9.17 1.86
CA ALA A 22 -2.57 -7.99 1.98
C ALA A 22 -3.82 -8.11 1.10
N VAL A 23 -4.98 -8.19 1.75
CA VAL A 23 -6.24 -8.32 1.03
C VAL A 23 -6.75 -6.95 0.59
N ALA A 24 -6.95 -6.79 -0.71
CA ALA A 24 -7.46 -5.53 -1.26
C ALA A 24 -8.75 -5.75 -2.04
N ARG A 25 -9.53 -4.68 -2.19
CA ARG A 25 -10.79 -4.76 -2.92
C ARG A 25 -10.69 -4.03 -4.25
N PRO A 26 -11.48 -4.49 -5.24
CA PRO A 26 -11.50 -3.90 -6.58
C PRO A 26 -12.13 -2.51 -6.58
N GLU A 27 -12.58 -2.05 -5.42
CA GLU A 27 -13.20 -0.74 -5.30
C GLU A 27 -12.34 0.20 -4.47
N ASP A 28 -11.41 -0.38 -3.72
CA ASP A 28 -10.51 0.40 -2.87
C ASP A 28 -9.61 1.29 -3.71
N THR A 29 -8.71 2.01 -3.05
CA THR A 29 -7.79 2.90 -3.74
C THR A 29 -6.34 2.62 -3.35
N VAL A 30 -5.42 2.86 -4.28
CA VAL A 30 -4.01 2.63 -4.04
C VAL A 30 -3.52 3.41 -2.82
N GLY A 31 -4.00 4.64 -2.69
CA GLY A 31 -3.61 5.48 -1.57
C GLY A 31 -4.03 4.90 -0.23
N THR A 32 -5.26 4.38 -0.18
CA THR A 32 -5.79 3.79 1.04
C THR A 32 -5.03 2.52 1.41
N LEU A 33 -4.79 1.67 0.42
CA LEU A 33 -4.08 0.41 0.64
C LEU A 33 -2.72 0.67 1.29
N LYS A 34 -1.98 1.64 0.75
CA LYS A 34 -0.66 1.98 1.27
C LYS A 34 -0.75 2.40 2.73
N SER A 35 -1.70 3.28 3.04
CA SER A 35 -1.88 3.76 4.40
C SER A 35 -2.47 2.66 5.29
N LYS A 36 -3.21 1.76 4.68
CA LYS A 36 -3.84 0.66 5.41
C LYS A 36 -2.78 -0.28 5.98
N TYR A 37 -1.81 -0.66 5.14
CA TYR A 37 -0.74 -1.54 5.57
C TYR A 37 0.53 -0.76 5.89
N PHE A 38 0.86 0.18 5.02
CA PHE A 38 2.05 1.01 5.21
C PHE A 38 1.67 2.44 5.59
N PRO A 39 1.27 2.62 6.87
CA PRO A 39 0.87 3.94 7.39
C PRO A 39 2.05 4.89 7.52
N GLY A 40 1.86 6.12 7.08
CA GLY A 40 2.91 7.11 7.15
C GLY A 40 3.98 6.91 6.10
N GLN A 41 4.34 5.65 5.86
CA GLN A 41 5.35 5.34 4.85
C GLN A 41 4.72 5.09 3.49
N GLU A 42 3.76 5.94 3.13
CA GLU A 42 3.08 5.83 1.85
C GLU A 42 3.82 6.59 0.76
N SER A 43 4.47 7.68 1.14
CA SER A 43 5.22 8.51 0.20
C SER A 43 6.44 7.75 -0.32
N GLN A 44 6.92 6.80 0.47
CA GLN A 44 8.09 6.01 0.09
C GLN A 44 7.67 4.67 -0.50
N MET A 45 6.62 4.08 0.07
CA MET A 45 6.12 2.79 -0.40
C MET A 45 5.43 2.94 -1.75
N LYS A 46 6.22 2.89 -2.82
CA LYS A 46 5.67 3.02 -4.17
C LYS A 46 5.32 1.64 -4.74
N LEU A 47 4.16 1.56 -5.37
CA LEU A 47 3.70 0.30 -5.95
C LEU A 47 3.71 0.38 -7.48
N ILE A 48 4.09 -0.71 -8.12
CA ILE A 48 4.14 -0.76 -9.57
C ILE A 48 3.40 -1.99 -10.11
N TYR A 49 2.42 -1.74 -10.97
CA TYR A 49 1.63 -2.83 -11.55
C TYR A 49 1.84 -2.90 -13.06
N GLN A 50 2.46 -3.98 -13.52
CA GLN A 50 2.72 -4.17 -14.94
C GLN A 50 3.65 -3.08 -15.47
N GLY A 51 4.70 -2.78 -14.71
CA GLY A 51 5.64 -1.76 -15.13
C GLY A 51 5.07 -0.36 -15.01
N ARG A 52 3.82 -0.27 -14.56
CA ARG A 52 3.16 1.03 -14.41
C ARG A 52 3.13 1.44 -12.95
N LEU A 53 3.53 2.68 -12.69
CA LEU A 53 3.55 3.21 -11.32
C LEU A 53 2.15 3.65 -10.89
N LEU A 54 1.71 3.15 -9.74
CA LEU A 54 0.39 3.49 -9.22
C LEU A 54 0.41 4.85 -8.52
N GLN A 55 1.04 5.83 -9.17
CA GLN A 55 1.13 7.18 -8.62
C GLN A 55 -0.20 7.62 -8.02
N ASP A 56 -1.15 7.93 -8.90
CA ASP A 56 -2.48 8.36 -8.48
C ASP A 56 -3.00 7.48 -7.35
N PRO A 57 -2.96 8.00 -6.12
CA PRO A 57 -3.44 7.26 -4.94
C PRO A 57 -4.96 7.10 -4.92
N ALA A 58 -5.61 7.56 -5.98
CA ALA A 58 -7.05 7.47 -6.09
C ALA A 58 -7.46 6.38 -7.08
N ARG A 59 -6.51 5.97 -7.92
CA ARG A 59 -6.77 4.94 -8.92
C ARG A 59 -7.32 3.67 -8.26
N THR A 60 -8.54 3.31 -8.64
CA THR A 60 -9.18 2.12 -8.08
C THR A 60 -8.43 0.85 -8.49
N LEU A 61 -8.44 -0.14 -7.61
CA LEU A 61 -7.77 -1.41 -7.88
C LEU A 61 -8.38 -2.09 -9.10
N SER A 62 -9.68 -1.90 -9.30
CA SER A 62 -10.38 -2.50 -10.43
C SER A 62 -9.85 -1.94 -11.75
N SER A 63 -9.73 -0.63 -11.82
CA SER A 63 -9.24 0.03 -13.03
C SER A 63 -7.83 -0.43 -13.36
N LEU A 64 -7.02 -0.65 -12.33
CA LEU A 64 -5.64 -1.08 -12.51
C LEU A 64 -5.59 -2.58 -12.84
N ASN A 65 -6.75 -3.18 -13.01
CA ASN A 65 -6.83 -4.60 -13.33
C ASN A 65 -6.24 -5.45 -12.21
N ILE A 66 -6.40 -4.99 -10.98
CA ILE A 66 -5.88 -5.71 -9.82
C ILE A 66 -6.87 -6.75 -9.32
N THR A 67 -6.73 -7.97 -9.81
CA THR A 67 -7.62 -9.06 -9.41
C THR A 67 -6.99 -9.91 -8.31
N ASN A 68 -7.70 -10.96 -7.90
CA ASN A 68 -7.22 -11.85 -6.84
C ASN A 68 -6.02 -12.66 -7.35
N ASN A 69 -5.10 -12.96 -6.44
CA ASN A 69 -3.91 -13.74 -6.79
C ASN A 69 -2.94 -12.90 -7.61
N CYS A 70 -2.83 -11.62 -7.26
CA CYS A 70 -1.93 -10.70 -7.95
C CYS A 70 -0.88 -10.14 -7.00
N VAL A 71 0.33 -9.92 -7.52
CA VAL A 71 1.41 -9.38 -6.71
C VAL A 71 1.75 -7.95 -7.13
N ILE A 72 2.06 -7.11 -6.15
CA ILE A 72 2.40 -5.72 -6.41
C ILE A 72 3.80 -5.40 -5.91
N HIS A 73 4.67 -4.99 -6.84
CA HIS A 73 6.05 -4.64 -6.49
C HIS A 73 6.10 -3.34 -5.69
N CYS A 74 6.87 -3.34 -4.61
CA CYS A 74 7.01 -2.17 -3.76
C CYS A 74 8.41 -1.57 -3.87
N HIS A 75 8.48 -0.24 -3.87
CA HIS A 75 9.77 0.45 -3.97
C HIS A 75 9.99 1.35 -2.76
N ARG A 76 11.17 1.25 -2.15
CA ARG A 76 11.50 2.05 -0.99
C ARG A 76 12.52 3.13 -1.35
N SER A 77 12.13 4.39 -1.15
CA SER A 77 13.01 5.51 -1.47
C SER A 77 13.73 6.00 -0.21
N PRO A 78 14.99 6.43 -0.40
CA PRO A 78 15.82 6.93 0.70
C PRO A 78 15.33 8.27 1.24
N PRO A 79 15.52 8.49 2.55
CA PRO A 79 15.10 9.73 3.21
C PRO A 79 15.96 10.92 2.80
N GLY A 80 15.38 12.11 2.89
CA GLY A 80 16.09 13.32 2.52
C GLY A 80 16.39 14.21 3.71
N ALA A 81 15.45 14.26 4.66
CA ALA A 81 15.61 15.08 5.85
C ALA A 81 15.10 14.36 7.09
N ALA A 82 15.32 14.95 8.25
CA ALA A 82 14.88 14.36 9.51
C ALA A 82 13.82 15.24 10.18
N VAL A 83 12.70 14.62 10.54
CA VAL A 83 11.61 15.33 11.18
C VAL A 83 11.48 16.75 10.64
N SER A 84 11.35 16.87 9.32
CA SER A 84 11.23 18.16 8.67
C SER A 84 9.99 18.21 7.78
N GLY A 85 9.28 19.33 7.81
CA GLY A 85 8.09 19.47 6.99
C GLY A 85 6.88 19.91 7.82
N PRO A 86 6.01 20.73 7.20
CA PRO A 86 4.81 21.23 7.86
C PRO A 86 3.77 20.13 8.08
N SER A 87 3.28 20.04 9.31
CA SER A 87 2.28 19.03 9.66
C SER A 87 1.28 19.58 10.67
N ALA A 88 0.00 19.53 10.31
CA ALA A 88 -1.06 20.03 11.19
C ALA A 88 -2.39 19.34 10.88
N SER A 89 -3.05 18.85 11.93
CA SER A 89 -4.33 18.18 11.77
C SER A 89 -5.24 18.46 12.96
N SER A 90 -6.28 19.25 12.73
CA SER A 90 -7.23 19.61 13.77
C SER A 90 -8.58 19.97 13.18
N GLY A 91 -9.65 19.69 13.92
CA GLY A 91 -10.99 20.01 13.45
C GLY A 91 -11.89 20.49 14.57
N PRO A 92 -11.81 21.79 14.88
CA PRO A 92 -12.62 22.40 15.94
C PRO A 92 -14.10 22.48 15.56
N SER A 93 -14.95 22.75 16.55
CA SER A 93 -16.39 22.86 16.32
C SER A 93 -16.98 21.50 15.98
N SER A 94 -16.45 20.45 16.60
CA SER A 94 -16.92 19.09 16.36
C SER A 94 -17.48 18.48 17.64
N GLY A 95 -16.75 18.62 18.73
CA GLY A 95 -17.19 18.07 20.00
C GLY A 95 -17.15 16.55 20.02
N GLY A 1 -12.61 -15.88 15.27
CA GLY A 1 -12.29 -14.54 15.74
C GLY A 1 -13.02 -13.45 14.98
N SER A 2 -12.33 -12.35 14.72
CA SER A 2 -12.93 -11.22 14.00
C SER A 2 -12.77 -11.41 12.49
N SER A 3 -13.88 -11.72 11.83
CA SER A 3 -13.86 -11.92 10.38
C SER A 3 -14.03 -10.59 9.65
N GLY A 4 -13.21 -10.40 8.62
CA GLY A 4 -13.26 -9.17 7.85
C GLY A 4 -14.44 -9.14 6.89
N SER A 5 -14.16 -8.90 5.61
CA SER A 5 -15.21 -8.84 4.60
C SER A 5 -14.71 -9.40 3.27
N SER A 6 -15.65 -9.73 2.39
CA SER A 6 -15.31 -10.27 1.08
C SER A 6 -14.35 -9.34 0.34
N GLY A 7 -13.57 -9.92 -0.58
CA GLY A 7 -12.62 -9.13 -1.34
C GLY A 7 -11.56 -9.98 -2.01
N ILE A 8 -10.64 -9.34 -2.71
CA ILE A 8 -9.58 -10.05 -3.41
C ILE A 8 -8.27 -9.98 -2.62
N ASN A 9 -7.51 -11.06 -2.67
CA ASN A 9 -6.22 -11.13 -1.96
C ASN A 9 -5.09 -10.63 -2.84
N VAL A 10 -4.20 -9.82 -2.26
CA VAL A 10 -3.07 -9.27 -3.00
C VAL A 10 -1.78 -9.45 -2.22
N ARG A 11 -0.72 -9.85 -2.91
CA ARG A 11 0.58 -10.07 -2.29
C ARG A 11 1.49 -8.87 -2.53
N LEU A 12 1.98 -8.28 -1.45
CA LEU A 12 2.87 -7.12 -1.54
C LEU A 12 4.34 -7.57 -1.57
N LYS A 13 4.96 -7.46 -2.74
CA LYS A 13 6.36 -7.85 -2.90
C LYS A 13 7.26 -6.63 -2.83
N PHE A 14 8.34 -6.73 -2.05
CA PHE A 14 9.29 -5.64 -1.90
C PHE A 14 10.59 -5.94 -2.65
N LEU A 15 11.40 -4.91 -2.86
CA LEU A 15 12.68 -5.06 -3.56
C LEU A 15 13.63 -5.94 -2.75
N ASN A 16 13.24 -6.28 -1.53
CA ASN A 16 14.06 -7.10 -0.66
C ASN A 16 13.82 -8.59 -0.95
N ASP A 17 13.10 -8.87 -2.03
CA ASP A 17 12.81 -10.24 -2.41
C ASP A 17 11.83 -10.89 -1.42
N THR A 18 11.04 -10.07 -0.76
CA THR A 18 10.08 -10.56 0.22
C THR A 18 8.65 -10.21 -0.19
N GLU A 19 7.68 -10.93 0.37
CA GLU A 19 6.28 -10.69 0.06
C GLU A 19 5.44 -10.58 1.34
N GLU A 20 4.33 -9.88 1.26
CA GLU A 20 3.46 -9.70 2.41
C GLU A 20 2.00 -9.93 2.03
N LEU A 21 1.31 -10.78 2.79
CA LEU A 21 -0.09 -11.09 2.53
C LEU A 21 -0.99 -9.93 2.92
N ALA A 22 -1.70 -9.37 1.95
CA ALA A 22 -2.59 -8.25 2.18
C ALA A 22 -3.86 -8.37 1.34
N VAL A 23 -5.01 -8.19 1.98
CA VAL A 23 -6.29 -8.27 1.29
C VAL A 23 -6.75 -6.89 0.80
N ALA A 24 -6.96 -6.77 -0.50
CA ALA A 24 -7.41 -5.52 -1.09
C ALA A 24 -8.68 -5.70 -1.90
N ARG A 25 -9.43 -4.62 -2.07
CA ARG A 25 -10.68 -4.66 -2.82
C ARG A 25 -10.54 -3.93 -4.16
N PRO A 26 -11.38 -4.31 -5.13
CA PRO A 26 -11.37 -3.70 -6.47
C PRO A 26 -11.89 -2.27 -6.45
N GLU A 27 -12.49 -1.88 -5.33
CA GLU A 27 -13.04 -0.53 -5.19
C GLU A 27 -12.05 0.39 -4.47
N ASP A 28 -11.34 -0.17 -3.50
CA ASP A 28 -10.36 0.59 -2.73
C ASP A 28 -9.45 1.40 -3.66
N THR A 29 -8.69 2.32 -3.08
CA THR A 29 -7.78 3.16 -3.85
C THR A 29 -6.33 2.80 -3.57
N VAL A 30 -5.44 3.18 -4.49
CA VAL A 30 -4.02 2.91 -4.34
C VAL A 30 -3.46 3.58 -3.10
N GLY A 31 -3.96 4.77 -2.80
CA GLY A 31 -3.50 5.50 -1.64
C GLY A 31 -3.89 4.84 -0.34
N THR A 32 -5.12 4.33 -0.28
CA THR A 32 -5.61 3.66 0.92
C THR A 32 -4.88 2.35 1.16
N LEU A 33 -4.60 1.63 0.08
CA LEU A 33 -3.90 0.35 0.17
C LEU A 33 -2.57 0.50 0.92
N LYS A 34 -1.81 1.53 0.55
CA LYS A 34 -0.52 1.80 1.18
C LYS A 34 -0.70 2.17 2.65
N SER A 35 -1.70 3.00 2.92
CA SER A 35 -1.98 3.43 4.29
C SER A 35 -2.55 2.28 5.12
N LYS A 36 -3.22 1.35 4.45
CA LYS A 36 -3.82 0.21 5.12
C LYS A 36 -2.73 -0.69 5.72
N TYR A 37 -1.72 -1.00 4.93
CA TYR A 37 -0.62 -1.85 5.38
C TYR A 37 0.59 -1.01 5.77
N PHE A 38 0.90 -0.02 4.93
CA PHE A 38 2.05 0.85 5.19
C PHE A 38 1.58 2.23 5.63
N PRO A 39 1.23 2.37 6.91
CA PRO A 39 0.76 3.64 7.49
C PRO A 39 1.88 4.67 7.58
N GLY A 40 1.61 5.86 7.02
CA GLY A 40 2.60 6.92 7.06
C GLY A 40 3.71 6.71 6.04
N GLN A 41 4.17 5.48 5.92
CA GLN A 41 5.24 5.15 4.98
C GLN A 41 4.67 4.92 3.57
N GLU A 42 3.69 5.74 3.19
CA GLU A 42 3.08 5.62 1.89
C GLU A 42 3.87 6.39 0.83
N SER A 43 4.42 7.53 1.23
CA SER A 43 5.19 8.37 0.33
C SER A 43 6.46 7.63 -0.13
N GLN A 44 6.89 6.66 0.65
CA GLN A 44 8.07 5.89 0.33
C GLN A 44 7.71 4.54 -0.27
N MET A 45 6.60 3.97 0.19
CA MET A 45 6.13 2.68 -0.31
C MET A 45 5.41 2.85 -1.65
N LYS A 46 6.18 2.85 -2.73
CA LYS A 46 5.62 3.01 -4.07
C LYS A 46 5.24 1.64 -4.66
N LEU A 47 4.05 1.57 -5.24
CA LEU A 47 3.57 0.33 -5.84
C LEU A 47 3.67 0.40 -7.36
N ILE A 48 4.05 -0.72 -7.97
CA ILE A 48 4.17 -0.80 -9.42
C ILE A 48 3.42 -2.01 -9.98
N TYR A 49 2.49 -1.74 -10.89
CA TYR A 49 1.70 -2.80 -11.50
C TYR A 49 1.95 -2.87 -13.00
N GLN A 50 2.38 -4.04 -13.47
CA GLN A 50 2.66 -4.24 -14.88
C GLN A 50 3.63 -3.18 -15.41
N GLY A 51 4.72 -2.97 -14.68
CA GLY A 51 5.70 -1.98 -15.08
C GLY A 51 5.17 -0.56 -14.98
N ARG A 52 3.95 -0.41 -14.47
CA ARG A 52 3.33 0.89 -14.33
C ARG A 52 3.38 1.36 -12.87
N LEU A 53 3.60 2.65 -12.68
CA LEU A 53 3.66 3.22 -11.34
C LEU A 53 2.27 3.63 -10.85
N LEU A 54 1.86 3.06 -9.73
CA LEU A 54 0.56 3.37 -9.15
C LEU A 54 0.56 4.74 -8.47
N GLN A 55 1.04 5.75 -9.20
CA GLN A 55 1.11 7.11 -8.67
C GLN A 55 -0.26 7.55 -8.15
N ASP A 56 -1.18 7.80 -9.07
CA ASP A 56 -2.53 8.23 -8.70
C ASP A 56 -3.05 7.43 -7.50
N PRO A 57 -3.02 8.06 -6.32
CA PRO A 57 -3.48 7.42 -5.08
C PRO A 57 -4.99 7.25 -5.05
N ALA A 58 -5.64 7.61 -6.16
CA ALA A 58 -7.09 7.48 -6.25
C ALA A 58 -7.48 6.34 -7.19
N ARG A 59 -6.67 6.12 -8.21
CA ARG A 59 -6.92 5.06 -9.17
C ARG A 59 -7.44 3.80 -8.48
N THR A 60 -8.69 3.44 -8.77
CA THR A 60 -9.30 2.27 -8.17
C THR A 60 -8.55 1.00 -8.55
N LEU A 61 -8.45 0.07 -7.61
CA LEU A 61 -7.76 -1.19 -7.85
C LEU A 61 -8.36 -1.93 -9.04
N SER A 62 -9.66 -1.75 -9.24
CA SER A 62 -10.36 -2.41 -10.35
C SER A 62 -9.85 -1.90 -11.68
N SER A 63 -9.74 -0.57 -11.80
CA SER A 63 -9.27 0.04 -13.04
C SER A 63 -7.81 -0.34 -13.31
N LEU A 64 -7.04 -0.53 -12.24
CA LEU A 64 -5.63 -0.89 -12.37
C LEU A 64 -5.48 -2.37 -12.72
N ASN A 65 -6.62 -3.03 -12.94
CA ASN A 65 -6.61 -4.45 -13.30
C ASN A 65 -6.04 -5.28 -12.16
N ILE A 66 -6.21 -4.81 -10.93
CA ILE A 66 -5.72 -5.52 -9.75
C ILE A 66 -6.72 -6.56 -9.27
N THR A 67 -6.52 -7.81 -9.70
CA THR A 67 -7.41 -8.89 -9.31
C THR A 67 -6.80 -9.72 -8.17
N ASN A 68 -7.48 -10.80 -7.81
CA ASN A 68 -7.01 -11.67 -6.74
C ASN A 68 -5.83 -12.52 -7.20
N ASN A 69 -5.06 -13.02 -6.24
CA ASN A 69 -3.91 -13.87 -6.56
C ASN A 69 -2.87 -13.08 -7.36
N CYS A 70 -2.84 -11.77 -7.15
CA CYS A 70 -1.90 -10.91 -7.86
C CYS A 70 -0.84 -10.36 -6.91
N VAL A 71 0.30 -9.98 -7.47
CA VAL A 71 1.40 -9.44 -6.67
C VAL A 71 1.74 -8.02 -7.10
N ILE A 72 1.89 -7.13 -6.11
CA ILE A 72 2.22 -5.74 -6.39
C ILE A 72 3.64 -5.40 -5.89
N HIS A 73 4.51 -5.06 -6.82
CA HIS A 73 5.89 -4.71 -6.48
C HIS A 73 5.94 -3.41 -5.68
N CYS A 74 6.79 -3.36 -4.67
CA CYS A 74 6.93 -2.18 -3.84
C CYS A 74 8.33 -1.58 -3.98
N HIS A 75 8.40 -0.25 -3.93
CA HIS A 75 9.68 0.45 -4.06
C HIS A 75 9.83 1.50 -2.96
N ARG A 76 10.96 1.45 -2.25
CA ARG A 76 11.22 2.39 -1.18
C ARG A 76 12.20 3.48 -1.63
N SER A 77 11.79 4.73 -1.49
CA SER A 77 12.63 5.86 -1.88
C SER A 77 13.39 6.43 -0.68
N PRO A 78 14.54 7.06 -0.95
CA PRO A 78 15.37 7.65 0.09
C PRO A 78 14.73 8.89 0.72
N PRO A 79 14.91 9.06 2.04
CA PRO A 79 14.36 10.18 2.78
C PRO A 79 15.04 11.50 2.43
N GLY A 80 14.26 12.58 2.39
CA GLY A 80 14.80 13.88 2.07
C GLY A 80 15.43 14.56 3.26
N ALA A 81 14.68 14.65 4.36
CA ALA A 81 15.18 15.28 5.58
C ALA A 81 14.57 14.63 6.82
N ALA A 82 15.27 14.74 7.94
CA ALA A 82 14.82 14.16 9.19
C ALA A 82 13.58 14.90 9.72
N VAL A 83 12.66 14.15 10.34
CA VAL A 83 11.45 14.74 10.89
C VAL A 83 11.78 15.78 11.94
N SER A 84 11.27 17.00 11.74
CA SER A 84 11.51 18.09 12.68
C SER A 84 10.52 19.23 12.44
N GLY A 85 10.65 20.29 13.24
CA GLY A 85 9.78 21.44 13.09
C GLY A 85 9.42 22.07 14.43
N PRO A 86 9.24 23.40 14.43
CA PRO A 86 8.91 24.15 15.64
C PRO A 86 7.49 23.86 16.13
N SER A 87 6.54 23.84 15.20
CA SER A 87 5.14 23.57 15.53
C SER A 87 4.59 24.66 16.45
N ALA A 88 5.04 25.89 16.23
CA ALA A 88 4.59 27.03 17.02
C ALA A 88 4.43 28.28 16.16
N SER A 89 3.19 28.73 16.00
CA SER A 89 2.92 29.92 15.19
C SER A 89 1.99 30.87 15.95
N SER A 90 1.69 32.00 15.32
CA SER A 90 0.81 33.00 15.92
C SER A 90 -0.61 32.48 16.05
N GLY A 91 -1.35 33.00 17.03
CA GLY A 91 -2.71 32.57 17.24
C GLY A 91 -3.68 33.73 17.30
N PRO A 92 -4.92 33.51 16.84
CA PRO A 92 -5.96 34.54 16.84
C PRO A 92 -6.45 34.88 18.24
N SER A 93 -6.90 36.11 18.42
CA SER A 93 -7.39 36.57 19.72
C SER A 93 -8.55 37.55 19.56
N SER A 94 -9.15 37.95 20.67
CA SER A 94 -10.27 38.88 20.65
C SER A 94 -9.86 40.24 21.23
N GLY A 95 -10.28 41.30 20.55
CA GLY A 95 -9.94 42.64 21.02
C GLY A 95 -10.65 43.00 22.30
N GLY A 1 -6.96 -15.57 7.39
CA GLY A 1 -6.09 -15.73 6.24
C GLY A 1 -6.67 -16.68 5.21
N SER A 2 -6.97 -17.91 5.64
CA SER A 2 -7.53 -18.92 4.75
C SER A 2 -8.94 -18.55 4.33
N SER A 3 -9.85 -18.45 5.31
CA SER A 3 -11.23 -18.10 5.03
C SER A 3 -11.38 -16.61 4.77
N GLY A 4 -11.63 -16.26 3.51
CA GLY A 4 -11.79 -14.86 3.15
C GLY A 4 -12.19 -14.69 1.70
N SER A 5 -13.44 -15.03 1.38
CA SER A 5 -13.95 -14.92 0.01
C SER A 5 -14.11 -13.45 -0.37
N SER A 6 -14.82 -12.70 0.46
CA SER A 6 -15.06 -11.28 0.20
C SER A 6 -13.75 -10.55 -0.03
N GLY A 7 -13.69 -9.81 -1.13
CA GLY A 7 -12.48 -9.06 -1.45
C GLY A 7 -11.42 -9.93 -2.10
N ILE A 8 -10.55 -9.30 -2.90
CA ILE A 8 -9.49 -10.03 -3.58
C ILE A 8 -8.20 -10.00 -2.76
N ASN A 9 -7.44 -11.08 -2.83
CA ASN A 9 -6.19 -11.20 -2.10
C ASN A 9 -5.02 -10.67 -2.94
N VAL A 10 -4.23 -9.79 -2.35
CA VAL A 10 -3.08 -9.21 -3.04
C VAL A 10 -1.79 -9.45 -2.26
N ARG A 11 -0.72 -9.79 -2.99
CA ARG A 11 0.57 -10.06 -2.36
C ARG A 11 1.51 -8.87 -2.56
N LEU A 12 1.93 -8.26 -1.44
CA LEU A 12 2.83 -7.11 -1.50
C LEU A 12 4.27 -7.57 -1.56
N LYS A 13 4.90 -7.40 -2.72
CA LYS A 13 6.29 -7.79 -2.92
C LYS A 13 7.22 -6.59 -2.79
N PHE A 14 8.26 -6.73 -1.97
CA PHE A 14 9.21 -5.66 -1.76
C PHE A 14 10.55 -5.97 -2.44
N LEU A 15 11.31 -4.93 -2.73
CA LEU A 15 12.61 -5.09 -3.37
C LEU A 15 13.57 -5.88 -2.49
N ASN A 16 13.15 -6.14 -1.26
CA ASN A 16 13.97 -6.88 -0.30
C ASN A 16 13.81 -8.38 -0.51
N ASP A 17 13.30 -8.76 -1.68
CA ASP A 17 13.09 -10.17 -2.00
C ASP A 17 12.11 -10.83 -1.03
N THR A 18 11.19 -10.02 -0.50
CA THR A 18 10.20 -10.52 0.45
C THR A 18 8.78 -10.22 -0.03
N GLU A 19 7.80 -10.86 0.60
CA GLU A 19 6.41 -10.67 0.23
C GLU A 19 5.52 -10.59 1.48
N GLU A 20 4.40 -9.90 1.35
CA GLU A 20 3.47 -9.74 2.47
C GLU A 20 2.04 -9.99 2.01
N LEU A 21 1.32 -10.82 2.76
CA LEU A 21 -0.06 -11.15 2.43
C LEU A 21 -1.00 -10.00 2.85
N ALA A 22 -1.68 -9.42 1.86
CA ALA A 22 -2.60 -8.33 2.12
C ALA A 22 -3.87 -8.46 1.28
N VAL A 23 -5.02 -8.25 1.90
CA VAL A 23 -6.29 -8.35 1.22
C VAL A 23 -6.76 -6.99 0.72
N ALA A 24 -6.99 -6.88 -0.59
CA ALA A 24 -7.45 -5.64 -1.19
C ALA A 24 -8.75 -5.83 -1.95
N ARG A 25 -9.49 -4.74 -2.15
CA ARG A 25 -10.76 -4.80 -2.86
C ARG A 25 -10.66 -4.08 -4.20
N PRO A 26 -11.48 -4.52 -5.17
CA PRO A 26 -11.50 -3.92 -6.51
C PRO A 26 -12.08 -2.52 -6.52
N GLU A 27 -12.52 -2.05 -5.35
CA GLU A 27 -13.11 -0.73 -5.22
C GLU A 27 -12.15 0.21 -4.51
N ASP A 28 -11.45 -0.31 -3.50
CA ASP A 28 -10.49 0.50 -2.74
C ASP A 28 -9.57 1.27 -3.67
N THR A 29 -8.76 2.16 -3.09
CA THR A 29 -7.83 2.96 -3.87
C THR A 29 -6.38 2.60 -3.54
N VAL A 30 -5.47 3.04 -4.40
CA VAL A 30 -4.04 2.76 -4.21
C VAL A 30 -3.52 3.44 -2.95
N GLY A 31 -3.97 4.67 -2.72
CA GLY A 31 -3.53 5.41 -1.55
C GLY A 31 -3.91 4.73 -0.25
N THR A 32 -5.13 4.19 -0.19
CA THR A 32 -5.61 3.51 0.99
C THR A 32 -4.84 2.22 1.24
N LEU A 33 -4.51 1.51 0.15
CA LEU A 33 -3.76 0.26 0.26
C LEU A 33 -2.44 0.48 0.97
N LYS A 34 -1.72 1.51 0.57
CA LYS A 34 -0.43 1.83 1.18
C LYS A 34 -0.60 2.19 2.65
N SER A 35 -1.60 3.01 2.94
CA SER A 35 -1.87 3.43 4.32
C SER A 35 -2.41 2.27 5.15
N LYS A 36 -3.09 1.34 4.48
CA LYS A 36 -3.65 0.18 5.16
C LYS A 36 -2.55 -0.71 5.74
N TYR A 37 -1.55 -1.00 4.93
CA TYR A 37 -0.44 -1.84 5.36
C TYR A 37 0.77 -0.99 5.73
N PHE A 38 1.07 0.01 4.91
CA PHE A 38 2.20 0.89 5.15
C PHE A 38 1.72 2.30 5.46
N PRO A 39 1.28 2.51 6.71
CA PRO A 39 0.79 3.81 7.18
C PRO A 39 1.91 4.84 7.30
N GLY A 40 1.68 6.03 6.75
CA GLY A 40 2.68 7.08 6.80
C GLY A 40 3.81 6.86 5.82
N GLN A 41 4.26 5.62 5.72
CA GLN A 41 5.36 5.28 4.81
C GLN A 41 4.90 5.33 3.36
N GLU A 42 3.63 5.71 3.17
CA GLU A 42 3.06 5.78 1.82
C GLU A 42 3.90 6.70 0.93
N SER A 43 4.78 7.48 1.56
CA SER A 43 5.64 8.40 0.84
C SER A 43 6.59 7.65 -0.08
N GLN A 44 7.40 6.77 0.51
CA GLN A 44 8.36 5.99 -0.27
C GLN A 44 7.70 4.74 -0.85
N MET A 45 6.79 4.14 -0.08
CA MET A 45 6.09 2.95 -0.53
C MET A 45 5.45 3.16 -1.90
N LYS A 46 6.25 2.95 -2.94
CA LYS A 46 5.76 3.11 -4.31
C LYS A 46 5.34 1.78 -4.91
N LEU A 47 4.07 1.67 -5.28
CA LEU A 47 3.54 0.44 -5.87
C LEU A 47 3.61 0.50 -7.40
N ILE A 48 4.01 -0.60 -8.01
CA ILE A 48 4.12 -0.67 -9.46
C ILE A 48 3.40 -1.91 -9.99
N TYR A 49 2.44 -1.70 -10.89
CA TYR A 49 1.69 -2.80 -11.48
C TYR A 49 1.96 -2.90 -12.97
N GLN A 50 2.48 -4.05 -13.39
CA GLN A 50 2.79 -4.28 -14.80
C GLN A 50 3.69 -3.18 -15.34
N GLY A 51 4.76 -2.88 -14.61
CA GLY A 51 5.68 -1.85 -15.04
C GLY A 51 5.08 -0.45 -14.97
N ARG A 52 3.86 -0.37 -14.45
CA ARG A 52 3.17 0.91 -14.32
C ARG A 52 3.21 1.40 -12.88
N LEU A 53 3.42 2.70 -12.71
CA LEU A 53 3.48 3.30 -11.38
C LEU A 53 2.10 3.71 -10.91
N LEU A 54 1.69 3.18 -9.75
CA LEU A 54 0.39 3.50 -9.18
C LEU A 54 0.39 4.85 -8.50
N GLN A 55 0.95 5.85 -9.18
CA GLN A 55 1.03 7.20 -8.64
C GLN A 55 -0.34 7.66 -8.12
N ASP A 56 -1.25 7.96 -9.05
CA ASP A 56 -2.58 8.41 -8.68
C ASP A 56 -3.15 7.55 -7.55
N PRO A 57 -3.15 8.12 -6.33
CA PRO A 57 -3.67 7.43 -5.15
C PRO A 57 -5.18 7.27 -5.17
N ALA A 58 -5.80 7.77 -6.24
CA ALA A 58 -7.25 7.69 -6.40
C ALA A 58 -7.63 6.74 -7.53
N ARG A 59 -6.72 5.84 -7.87
CA ARG A 59 -6.95 4.89 -8.95
C ARG A 59 -7.50 3.57 -8.40
N THR A 60 -8.79 3.34 -8.59
CA THR A 60 -9.44 2.13 -8.12
C THR A 60 -8.67 0.89 -8.55
N LEU A 61 -8.62 -0.10 -7.67
CA LEU A 61 -7.92 -1.35 -7.97
C LEU A 61 -8.54 -2.06 -9.17
N SER A 62 -9.85 -1.92 -9.32
CA SER A 62 -10.57 -2.54 -10.42
C SER A 62 -10.11 -1.96 -11.76
N SER A 63 -10.02 -0.64 -11.83
CA SER A 63 -9.59 0.03 -13.05
C SER A 63 -8.15 -0.32 -13.39
N LEU A 64 -7.35 -0.57 -12.37
CA LEU A 64 -5.94 -0.92 -12.56
C LEU A 64 -5.79 -2.40 -12.92
N ASN A 65 -6.92 -3.08 -13.08
CA ASN A 65 -6.92 -4.49 -13.42
C ASN A 65 -6.30 -5.32 -12.31
N ILE A 66 -6.51 -4.89 -11.07
CA ILE A 66 -5.96 -5.59 -9.91
C ILE A 66 -6.95 -6.63 -9.39
N THR A 67 -6.80 -7.87 -9.86
CA THR A 67 -7.68 -8.95 -9.44
C THR A 67 -7.02 -9.80 -8.34
N ASN A 68 -7.71 -10.85 -7.93
CA ASN A 68 -7.19 -11.74 -6.90
C ASN A 68 -5.99 -12.54 -7.41
N ASN A 69 -5.09 -12.88 -6.50
CA ASN A 69 -3.90 -13.65 -6.84
C ASN A 69 -2.91 -12.78 -7.61
N CYS A 70 -2.86 -11.49 -7.26
CA CYS A 70 -1.96 -10.56 -7.92
C CYS A 70 -0.90 -10.05 -6.93
N VAL A 71 0.28 -9.74 -7.47
CA VAL A 71 1.38 -9.25 -6.64
C VAL A 71 1.75 -7.82 -7.01
N ILE A 72 1.94 -6.98 -5.99
CA ILE A 72 2.30 -5.59 -6.22
C ILE A 72 3.69 -5.29 -5.67
N HIS A 73 4.57 -4.82 -6.55
CA HIS A 73 5.94 -4.49 -6.16
C HIS A 73 6.00 -3.14 -5.46
N CYS A 74 6.75 -3.08 -4.36
CA CYS A 74 6.88 -1.84 -3.60
C CYS A 74 8.32 -1.34 -3.63
N HIS A 75 8.49 -0.08 -4.00
CA HIS A 75 9.83 0.51 -4.07
C HIS A 75 10.10 1.37 -2.84
N ARG A 76 11.18 1.06 -2.13
CA ARG A 76 11.55 1.80 -0.93
C ARG A 76 12.79 2.66 -1.18
N SER A 77 12.61 3.97 -1.15
CA SER A 77 13.72 4.89 -1.38
C SER A 77 14.42 5.23 -0.06
N PRO A 78 15.75 5.39 -0.14
CA PRO A 78 16.58 5.71 1.03
C PRO A 78 16.34 7.13 1.54
N PRO A 79 16.49 7.33 2.85
CA PRO A 79 16.28 8.63 3.49
C PRO A 79 17.39 9.62 3.12
N GLY A 80 17.08 10.91 3.26
CA GLY A 80 18.05 11.94 2.93
C GLY A 80 17.90 13.17 3.81
N ALA A 81 17.60 12.95 5.09
CA ALA A 81 17.43 14.05 6.03
C ALA A 81 18.03 13.71 7.38
N ALA A 82 18.26 14.73 8.19
CA ALA A 82 18.84 14.54 9.52
C ALA A 82 17.85 14.93 10.61
N VAL A 83 17.18 13.94 11.19
CA VAL A 83 16.21 14.19 12.25
C VAL A 83 15.47 15.50 12.01
N SER A 84 14.94 15.67 10.81
CA SER A 84 14.21 16.88 10.46
C SER A 84 13.24 16.62 9.31
N GLY A 85 12.01 17.11 9.46
CA GLY A 85 11.00 16.93 8.43
C GLY A 85 9.96 18.02 8.43
N PRO A 86 9.42 18.33 7.24
CA PRO A 86 8.40 19.37 7.09
C PRO A 86 7.05 18.96 7.69
N SER A 87 6.84 17.66 7.80
CA SER A 87 5.60 17.13 8.36
C SER A 87 4.40 17.89 7.81
N ALA A 88 4.44 18.21 6.51
CA ALA A 88 3.35 18.93 5.87
C ALA A 88 2.70 18.09 4.78
N SER A 89 1.40 18.25 4.60
CA SER A 89 0.66 17.49 3.60
C SER A 89 -0.57 18.27 3.14
N SER A 90 -1.26 17.73 2.14
CA SER A 90 -2.45 18.37 1.60
C SER A 90 -3.61 17.37 1.49
N GLY A 91 -4.78 17.88 1.12
CA GLY A 91 -5.94 17.01 0.98
C GLY A 91 -6.21 16.64 -0.46
N PRO A 92 -6.64 15.38 -0.67
CA PRO A 92 -6.95 14.86 -2.01
C PRO A 92 -8.20 15.50 -2.61
N SER A 93 -8.23 15.60 -3.93
CA SER A 93 -9.36 16.19 -4.63
C SER A 93 -10.52 15.20 -4.72
N SER A 94 -11.31 15.13 -3.65
CA SER A 94 -12.45 14.21 -3.60
C SER A 94 -13.75 14.99 -3.42
N GLY A 95 -14.30 15.47 -4.53
CA GLY A 95 -15.55 16.22 -4.49
C GLY A 95 -16.71 15.45 -5.08
N GLY A 1 -13.47 -14.98 9.78
CA GLY A 1 -12.53 -15.74 8.99
C GLY A 1 -11.38 -14.89 8.48
N SER A 2 -11.34 -14.67 7.16
CA SER A 2 -10.29 -13.87 6.55
C SER A 2 -10.64 -12.39 6.60
N SER A 3 -9.63 -11.55 6.83
CA SER A 3 -9.83 -10.12 6.90
C SER A 3 -10.38 -9.58 5.58
N GLY A 4 -11.60 -9.06 5.62
CA GLY A 4 -12.21 -8.52 4.43
C GLY A 4 -12.75 -9.60 3.51
N SER A 5 -13.90 -10.17 3.88
CA SER A 5 -14.52 -11.22 3.08
C SER A 5 -15.05 -10.67 1.76
N SER A 6 -15.45 -11.57 0.87
CA SER A 6 -15.99 -11.18 -0.43
C SER A 6 -15.04 -10.20 -1.12
N GLY A 7 -13.75 -10.43 -0.97
CA GLY A 7 -12.75 -9.57 -1.59
C GLY A 7 -11.62 -10.34 -2.21
N ILE A 8 -10.74 -9.64 -2.91
CA ILE A 8 -9.59 -10.27 -3.56
C ILE A 8 -8.33 -10.13 -2.71
N ASN A 9 -7.42 -11.09 -2.85
CA ASN A 9 -6.17 -11.07 -2.10
C ASN A 9 -5.02 -10.57 -2.97
N VAL A 10 -4.16 -9.74 -2.39
CA VAL A 10 -3.01 -9.20 -3.11
C VAL A 10 -1.73 -9.41 -2.33
N ARG A 11 -0.69 -9.90 -3.01
CA ARG A 11 0.59 -10.15 -2.38
C ARG A 11 1.53 -8.96 -2.57
N LEU A 12 1.93 -8.34 -1.46
CA LEU A 12 2.82 -7.18 -1.51
C LEU A 12 4.28 -7.63 -1.56
N LYS A 13 4.90 -7.46 -2.72
CA LYS A 13 6.29 -7.84 -2.90
C LYS A 13 7.20 -6.63 -2.79
N PHE A 14 8.23 -6.74 -1.95
CA PHE A 14 9.18 -5.65 -1.74
C PHE A 14 10.51 -5.97 -2.40
N LEU A 15 11.29 -4.92 -2.70
CA LEU A 15 12.59 -5.09 -3.33
C LEU A 15 13.53 -5.91 -2.44
N ASN A 16 13.09 -6.14 -1.20
CA ASN A 16 13.89 -6.91 -0.26
C ASN A 16 13.73 -8.41 -0.49
N ASP A 17 13.17 -8.76 -1.65
CA ASP A 17 12.96 -10.16 -2.00
C ASP A 17 12.01 -10.82 -1.02
N THR A 18 11.03 -10.05 -0.52
CA THR A 18 10.06 -10.57 0.42
C THR A 18 8.64 -10.22 0.00
N GLU A 19 7.67 -11.00 0.48
CA GLU A 19 6.28 -10.77 0.15
C GLU A 19 5.42 -10.68 1.41
N GLU A 20 4.30 -9.97 1.31
CA GLU A 20 3.39 -9.81 2.44
C GLU A 20 1.94 -10.03 2.02
N LEU A 21 1.20 -10.77 2.84
CA LEU A 21 -0.20 -11.05 2.54
C LEU A 21 -1.08 -9.84 2.87
N ALA A 22 -1.72 -9.29 1.85
CA ALA A 22 -2.59 -8.13 2.02
C ALA A 22 -3.83 -8.24 1.15
N VAL A 23 -4.99 -8.33 1.79
CA VAL A 23 -6.26 -8.44 1.07
C VAL A 23 -6.75 -7.07 0.62
N ALA A 24 -6.95 -6.92 -0.69
CA ALA A 24 -7.42 -5.66 -1.26
C ALA A 24 -8.70 -5.86 -2.04
N ARG A 25 -9.46 -4.78 -2.22
CA ARG A 25 -10.72 -4.85 -2.95
C ARG A 25 -10.61 -4.10 -4.28
N PRO A 26 -11.43 -4.53 -5.26
CA PRO A 26 -11.44 -3.92 -6.59
C PRO A 26 -12.02 -2.51 -6.58
N GLU A 27 -12.52 -2.09 -5.43
CA GLU A 27 -13.10 -0.76 -5.28
C GLU A 27 -12.16 0.17 -4.54
N ASP A 28 -11.46 -0.37 -3.54
CA ASP A 28 -10.52 0.41 -2.75
C ASP A 28 -9.58 1.21 -3.65
N THR A 29 -8.83 2.13 -3.04
CA THR A 29 -7.90 2.96 -3.79
C THR A 29 -6.45 2.62 -3.44
N VAL A 30 -5.53 3.00 -4.31
CA VAL A 30 -4.11 2.73 -4.10
C VAL A 30 -3.59 3.49 -2.88
N GLY A 31 -3.97 4.76 -2.77
CA GLY A 31 -3.53 5.58 -1.66
C GLY A 31 -3.95 5.00 -0.32
N THR A 32 -5.14 4.41 -0.28
CA THR A 32 -5.66 3.82 0.95
C THR A 32 -4.90 2.54 1.30
N LEU A 33 -4.65 1.70 0.30
CA LEU A 33 -3.94 0.45 0.50
C LEU A 33 -2.58 0.70 1.16
N LYS A 34 -1.84 1.67 0.65
CA LYS A 34 -0.53 2.00 1.20
C LYS A 34 -0.64 2.39 2.66
N SER A 35 -1.59 3.27 2.97
CA SER A 35 -1.79 3.73 4.34
C SER A 35 -2.39 2.62 5.20
N LYS A 36 -3.13 1.72 4.56
CA LYS A 36 -3.75 0.60 5.27
C LYS A 36 -2.69 -0.34 5.84
N TYR A 37 -1.72 -0.70 5.01
CA TYR A 37 -0.65 -1.60 5.43
C TYR A 37 0.61 -0.81 5.78
N PHE A 38 0.95 0.15 4.93
CA PHE A 38 2.14 0.96 5.14
C PHE A 38 1.75 2.41 5.47
N PRO A 39 1.32 2.64 6.71
CA PRO A 39 0.92 3.97 7.18
C PRO A 39 2.10 4.92 7.30
N GLY A 40 1.96 6.10 6.68
CA GLY A 40 3.03 7.09 6.73
C GLY A 40 4.19 6.72 5.83
N GLN A 41 4.24 5.48 5.38
CA GLN A 41 5.30 5.01 4.52
C GLN A 41 4.90 5.12 3.05
N GLU A 42 3.61 5.36 2.81
CA GLU A 42 3.10 5.48 1.45
C GLU A 42 3.96 6.42 0.63
N SER A 43 4.70 7.29 1.31
CA SER A 43 5.57 8.25 0.65
C SER A 43 6.63 7.55 -0.19
N GLN A 44 7.32 6.58 0.42
CA GLN A 44 8.36 5.84 -0.26
C GLN A 44 7.79 4.57 -0.90
N MET A 45 6.97 3.86 -0.14
CA MET A 45 6.35 2.63 -0.64
C MET A 45 5.66 2.86 -1.98
N LYS A 46 6.43 2.76 -3.06
CA LYS A 46 5.89 2.96 -4.40
C LYS A 46 5.42 1.64 -4.99
N LEU A 47 4.14 1.58 -5.34
CA LEU A 47 3.56 0.37 -5.92
C LEU A 47 3.60 0.44 -7.45
N ILE A 48 4.01 -0.66 -8.07
CA ILE A 48 4.08 -0.73 -9.52
C ILE A 48 3.37 -1.98 -10.06
N TYR A 49 2.41 -1.76 -10.93
CA TYR A 49 1.65 -2.86 -11.53
C TYR A 49 1.89 -2.96 -13.03
N GLN A 50 2.48 -4.07 -13.45
CA GLN A 50 2.78 -4.28 -14.86
C GLN A 50 3.67 -3.17 -15.42
N GLY A 51 4.62 -2.73 -14.60
CA GLY A 51 5.52 -1.67 -15.01
C GLY A 51 4.89 -0.30 -14.95
N ARG A 52 3.68 -0.24 -14.40
CA ARG A 52 2.96 1.03 -14.28
C ARG A 52 2.94 1.52 -12.84
N LEU A 53 3.21 2.80 -12.65
CA LEU A 53 3.22 3.39 -11.32
C LEU A 53 1.82 3.69 -10.84
N LEU A 54 1.48 3.20 -9.65
CA LEU A 54 0.15 3.42 -9.08
C LEU A 54 0.09 4.76 -8.35
N GLN A 55 0.93 5.69 -8.77
CA GLN A 55 0.97 7.02 -8.17
C GLN A 55 -0.42 7.46 -7.73
N ASP A 56 -1.25 7.84 -8.69
CA ASP A 56 -2.61 8.27 -8.40
C ASP A 56 -3.22 7.44 -7.29
N PRO A 57 -3.22 7.98 -6.06
CA PRO A 57 -3.78 7.31 -4.89
C PRO A 57 -5.29 7.20 -4.95
N ALA A 58 -5.88 7.70 -6.02
CA ALA A 58 -7.33 7.66 -6.20
C ALA A 58 -7.71 6.72 -7.34
N ARG A 59 -6.77 5.88 -7.75
CA ARG A 59 -7.02 4.93 -8.83
C ARG A 59 -7.58 3.61 -8.29
N THR A 60 -8.83 3.33 -8.63
CA THR A 60 -9.48 2.10 -8.18
C THR A 60 -8.70 0.87 -8.61
N LEU A 61 -8.57 -0.09 -7.71
CA LEU A 61 -7.85 -1.32 -8.01
C LEU A 61 -8.45 -2.03 -9.22
N SER A 62 -9.77 -1.93 -9.36
CA SER A 62 -10.47 -2.56 -10.47
C SER A 62 -9.99 -2.00 -11.80
N SER A 63 -9.86 -0.68 -11.87
CA SER A 63 -9.42 -0.01 -13.09
C SER A 63 -7.95 -0.37 -13.40
N LEU A 64 -7.16 -0.51 -12.35
CA LEU A 64 -5.75 -0.86 -12.51
C LEU A 64 -5.58 -2.33 -12.87
N ASN A 65 -6.70 -3.02 -13.06
CA ASN A 65 -6.68 -4.43 -13.41
C ASN A 65 -6.04 -5.26 -12.29
N ILE A 66 -6.33 -4.89 -11.05
CA ILE A 66 -5.78 -5.59 -9.89
C ILE A 66 -6.75 -6.66 -9.40
N THR A 67 -6.59 -7.88 -9.93
CA THR A 67 -7.46 -8.99 -9.54
C THR A 67 -6.80 -9.84 -8.45
N ASN A 68 -7.55 -10.77 -7.90
CA ASN A 68 -7.05 -11.65 -6.85
C ASN A 68 -5.82 -12.41 -7.33
N ASN A 69 -5.01 -12.87 -6.38
CA ASN A 69 -3.79 -13.60 -6.70
C ASN A 69 -2.83 -12.75 -7.51
N CYS A 70 -2.76 -11.47 -7.17
CA CYS A 70 -1.87 -10.54 -7.88
C CYS A 70 -0.78 -10.03 -6.94
N VAL A 71 0.42 -9.83 -7.49
CA VAL A 71 1.55 -9.35 -6.71
C VAL A 71 1.91 -7.91 -7.09
N ILE A 72 2.14 -7.07 -6.10
CA ILE A 72 2.49 -5.68 -6.34
C ILE A 72 3.90 -5.38 -5.83
N HIS A 73 4.71 -4.76 -6.69
CA HIS A 73 6.08 -4.42 -6.34
C HIS A 73 6.13 -3.09 -5.58
N CYS A 74 6.77 -3.11 -4.41
CA CYS A 74 6.88 -1.92 -3.59
C CYS A 74 8.33 -1.41 -3.56
N HIS A 75 8.52 -0.16 -3.97
CA HIS A 75 9.84 0.44 -3.99
C HIS A 75 10.06 1.33 -2.77
N ARG A 76 11.18 1.13 -2.07
CA ARG A 76 11.49 1.92 -0.89
C ARG A 76 12.71 2.81 -1.14
N SER A 77 12.48 4.11 -1.15
CA SER A 77 13.55 5.07 -1.39
C SER A 77 14.33 5.34 -0.10
N PRO A 78 15.65 5.54 -0.23
CA PRO A 78 16.53 5.80 0.91
C PRO A 78 16.29 7.19 1.52
N PRO A 79 16.44 7.28 2.84
CA PRO A 79 16.24 8.54 3.57
C PRO A 79 17.34 9.56 3.27
N GLY A 80 17.02 10.54 2.43
CA GLY A 80 17.99 11.56 2.09
C GLY A 80 18.91 11.90 3.24
N ALA A 81 18.33 12.36 4.34
CA ALA A 81 19.11 12.72 5.52
C ALA A 81 18.40 12.30 6.81
N ALA A 82 19.17 12.11 7.86
CA ALA A 82 18.60 11.71 9.15
C ALA A 82 18.34 12.92 10.04
N VAL A 83 17.14 13.47 9.94
CA VAL A 83 16.76 14.63 10.73
C VAL A 83 16.51 14.26 12.18
N SER A 84 16.50 12.96 12.45
CA SER A 84 16.27 12.45 13.81
C SER A 84 17.50 11.72 14.33
N GLY A 85 17.51 11.47 15.63
CA GLY A 85 18.63 10.78 16.25
C GLY A 85 18.33 9.32 16.52
N PRO A 86 19.18 8.68 17.35
CA PRO A 86 19.01 7.28 17.71
C PRO A 86 17.80 7.03 18.60
N SER A 87 17.30 8.11 19.20
CA SER A 87 16.14 8.02 20.09
C SER A 87 15.07 7.10 19.49
N ALA A 88 14.23 6.56 20.34
CA ALA A 88 13.16 5.65 19.91
C ALA A 88 11.80 6.13 20.43
N SER A 89 10.90 6.44 19.50
CA SER A 89 9.56 6.91 19.87
C SER A 89 8.56 5.76 19.81
N SER A 90 7.68 5.71 20.81
CA SER A 90 6.67 4.65 20.88
C SER A 90 5.66 4.95 21.99
N GLY A 91 4.43 4.47 21.80
CA GLY A 91 3.39 4.69 22.79
C GLY A 91 2.12 3.94 22.46
N PRO A 92 2.17 2.60 22.52
CA PRO A 92 1.02 1.75 22.24
C PRO A 92 -0.06 1.85 23.31
N SER A 93 -1.32 1.82 22.88
CA SER A 93 -2.45 1.91 23.79
C SER A 93 -2.48 0.72 24.74
N SER A 94 -3.04 0.92 25.92
CA SER A 94 -3.13 -0.13 26.93
C SER A 94 -3.39 -1.49 26.27
N GLY A 95 -2.86 -2.54 26.86
CA GLY A 95 -3.03 -3.88 26.32
C GLY A 95 -4.10 -4.66 27.06
N GLY A 1 -20.50 -15.56 14.48
CA GLY A 1 -20.33 -16.28 13.22
C GLY A 1 -18.95 -16.09 12.64
N SER A 2 -18.42 -17.16 12.05
CA SER A 2 -17.09 -17.13 11.45
C SER A 2 -16.92 -15.88 10.57
N SER A 3 -15.72 -15.31 10.60
CA SER A 3 -15.43 -14.12 9.82
C SER A 3 -14.93 -14.50 8.43
N GLY A 4 -15.18 -13.62 7.46
CA GLY A 4 -14.74 -13.88 6.09
C GLY A 4 -15.11 -12.76 5.14
N SER A 5 -14.84 -11.52 5.55
CA SER A 5 -15.15 -10.36 4.73
C SER A 5 -14.73 -10.59 3.28
N SER A 6 -15.52 -10.04 2.36
CA SER A 6 -15.24 -10.19 0.94
C SER A 6 -14.05 -9.34 0.52
N GLY A 7 -13.53 -9.59 -0.68
CA GLY A 7 -12.40 -8.83 -1.17
C GLY A 7 -11.38 -9.70 -1.88
N ILE A 8 -10.45 -9.07 -2.58
CA ILE A 8 -9.41 -9.80 -3.31
C ILE A 8 -8.10 -9.78 -2.54
N ASN A 9 -7.35 -10.87 -2.63
CA ASN A 9 -6.07 -10.99 -1.94
C ASN A 9 -4.93 -10.51 -2.84
N VAL A 10 -4.04 -9.71 -2.27
CA VAL A 10 -2.90 -9.18 -3.02
C VAL A 10 -1.59 -9.42 -2.28
N ARG A 11 -0.57 -9.87 -2.99
CA ARG A 11 0.72 -10.13 -2.39
C ARG A 11 1.70 -9.00 -2.68
N LEU A 12 2.17 -8.35 -1.62
CA LEU A 12 3.10 -7.23 -1.75
C LEU A 12 4.54 -7.74 -1.85
N LYS A 13 5.13 -7.59 -3.03
CA LYS A 13 6.51 -8.03 -3.25
C LYS A 13 7.48 -6.86 -3.14
N PHE A 14 8.51 -7.03 -2.33
CA PHE A 14 9.52 -5.98 -2.14
C PHE A 14 10.83 -6.35 -2.82
N LEU A 15 11.64 -5.34 -3.11
CA LEU A 15 12.93 -5.56 -3.76
C LEU A 15 13.86 -6.38 -2.88
N ASN A 16 13.44 -6.61 -1.63
CA ASN A 16 14.23 -7.38 -0.68
C ASN A 16 13.98 -8.87 -0.84
N ASP A 17 13.52 -9.27 -2.04
CA ASP A 17 13.25 -10.67 -2.32
C ASP A 17 12.25 -11.25 -1.31
N THR A 18 11.41 -10.37 -0.75
CA THR A 18 10.43 -10.80 0.22
C THR A 18 9.01 -10.41 -0.21
N GLU A 19 8.01 -11.01 0.42
CA GLU A 19 6.62 -10.73 0.10
C GLU A 19 5.79 -10.57 1.37
N GLU A 20 4.70 -9.82 1.26
CA GLU A 20 3.82 -9.58 2.40
C GLU A 20 2.35 -9.79 2.01
N LEU A 21 1.63 -10.51 2.85
CA LEU A 21 0.22 -10.78 2.59
C LEU A 21 -0.65 -9.59 2.96
N ALA A 22 -1.43 -9.11 2.00
CA ALA A 22 -2.31 -7.97 2.23
C ALA A 22 -3.65 -8.16 1.52
N VAL A 23 -4.73 -7.71 2.17
CA VAL A 23 -6.06 -7.83 1.61
C VAL A 23 -6.54 -6.50 1.03
N ALA A 24 -6.86 -6.52 -0.27
CA ALA A 24 -7.33 -5.31 -0.94
C ALA A 24 -8.64 -5.57 -1.68
N ARG A 25 -9.38 -4.50 -1.94
CA ARG A 25 -10.66 -4.61 -2.64
C ARG A 25 -10.61 -3.90 -3.99
N PRO A 26 -11.45 -4.35 -4.93
CA PRO A 26 -11.52 -3.77 -6.27
C PRO A 26 -12.11 -2.36 -6.27
N GLU A 27 -12.57 -1.92 -5.09
CA GLU A 27 -13.16 -0.60 -4.96
C GLU A 27 -12.17 0.38 -4.33
N ASP A 28 -11.39 -0.11 -3.37
CA ASP A 28 -10.40 0.72 -2.70
C ASP A 28 -9.50 1.44 -3.71
N THR A 29 -8.71 2.39 -3.22
CA THR A 29 -7.82 3.15 -4.08
C THR A 29 -6.36 2.87 -3.72
N VAL A 30 -5.45 3.25 -4.63
CA VAL A 30 -4.03 3.05 -4.41
C VAL A 30 -3.57 3.73 -3.12
N GLY A 31 -4.03 4.96 -2.91
CA GLY A 31 -3.66 5.70 -1.73
C GLY A 31 -4.07 4.99 -0.45
N THR A 32 -5.22 4.34 -0.48
CA THR A 32 -5.74 3.62 0.68
C THR A 32 -4.92 2.36 0.95
N LEU A 33 -4.55 1.68 -0.12
CA LEU A 33 -3.76 0.44 -0.01
C LEU A 33 -2.48 0.69 0.79
N LYS A 34 -1.78 1.77 0.44
CA LYS A 34 -0.53 2.11 1.12
C LYS A 34 -0.77 2.33 2.61
N SER A 35 -1.80 3.12 2.94
CA SER A 35 -2.13 3.40 4.32
C SER A 35 -2.69 2.16 5.02
N LYS A 36 -3.31 1.29 4.24
CA LYS A 36 -3.89 0.06 4.78
C LYS A 36 -2.80 -0.86 5.34
N TYR A 37 -1.74 -1.06 4.56
CA TYR A 37 -0.64 -1.91 4.99
C TYR A 37 0.53 -1.07 5.49
N PHE A 38 0.85 -0.02 4.75
CA PHE A 38 1.95 0.87 5.12
C PHE A 38 1.43 2.24 5.55
N PRO A 39 1.01 2.35 6.82
CA PRO A 39 0.48 3.60 7.38
C PRO A 39 1.56 4.66 7.54
N GLY A 40 1.38 5.79 6.86
CA GLY A 40 2.34 6.88 6.94
C GLY A 40 3.55 6.65 6.06
N GLN A 41 3.85 5.38 5.80
CA GLN A 41 4.99 5.03 4.96
C GLN A 41 4.64 5.18 3.48
N GLU A 42 3.39 5.51 3.20
CA GLU A 42 2.93 5.68 1.82
C GLU A 42 3.85 6.64 1.06
N SER A 43 4.58 7.47 1.81
CA SER A 43 5.48 8.43 1.21
C SER A 43 6.55 7.73 0.37
N GLN A 44 7.22 6.75 0.97
CA GLN A 44 8.26 6.00 0.29
C GLN A 44 7.69 4.74 -0.35
N MET A 45 6.85 4.03 0.39
CA MET A 45 6.24 2.80 -0.10
C MET A 45 5.49 3.06 -1.40
N LYS A 46 6.16 2.81 -2.52
CA LYS A 46 5.56 3.00 -3.84
C LYS A 46 5.15 1.66 -4.46
N LEU A 47 3.95 1.62 -5.01
CA LEU A 47 3.43 0.41 -5.63
C LEU A 47 3.55 0.48 -7.15
N ILE A 48 3.94 -0.62 -7.76
CA ILE A 48 4.10 -0.68 -9.22
C ILE A 48 3.35 -1.88 -9.80
N TYR A 49 2.44 -1.62 -10.72
CA TYR A 49 1.67 -2.68 -11.35
C TYR A 49 1.99 -2.77 -12.84
N GLN A 50 2.37 -3.96 -13.30
CA GLN A 50 2.69 -4.17 -14.70
C GLN A 50 3.73 -3.16 -15.18
N GLY A 51 4.77 -2.96 -14.38
CA GLY A 51 5.81 -2.02 -14.74
C GLY A 51 5.34 -0.57 -14.66
N ARG A 52 4.09 -0.39 -14.24
CA ARG A 52 3.52 0.95 -14.13
C ARG A 52 3.49 1.41 -12.68
N LEU A 53 3.70 2.70 -12.46
CA LEU A 53 3.70 3.26 -11.12
C LEU A 53 2.29 3.68 -10.70
N LEU A 54 1.83 3.16 -9.57
CA LEU A 54 0.50 3.47 -9.06
C LEU A 54 0.47 4.86 -8.44
N GLN A 55 1.01 5.85 -9.17
CA GLN A 55 1.05 7.21 -8.69
C GLN A 55 -0.34 7.67 -8.24
N ASP A 56 -1.23 7.91 -9.19
CA ASP A 56 -2.58 8.35 -8.90
C ASP A 56 -3.16 7.57 -7.72
N PRO A 57 -3.17 8.21 -6.53
CA PRO A 57 -3.69 7.60 -5.31
C PRO A 57 -5.21 7.42 -5.35
N ALA A 58 -5.81 7.77 -6.47
CA ALA A 58 -7.26 7.64 -6.63
C ALA A 58 -7.60 6.68 -7.76
N ARG A 59 -6.63 5.84 -8.14
CA ARG A 59 -6.83 4.87 -9.21
C ARG A 59 -7.45 3.58 -8.67
N THR A 60 -8.76 3.43 -8.86
CA THR A 60 -9.47 2.25 -8.40
C THR A 60 -8.74 0.97 -8.80
N LEU A 61 -8.63 0.04 -7.85
CA LEU A 61 -7.96 -1.22 -8.10
C LEU A 61 -8.62 -1.98 -9.25
N SER A 62 -9.94 -1.90 -9.32
CA SER A 62 -10.70 -2.57 -10.37
C SER A 62 -10.27 -2.08 -11.76
N SER A 63 -10.10 -0.77 -11.88
CA SER A 63 -9.70 -0.17 -13.14
C SER A 63 -8.28 -0.59 -13.52
N LEU A 64 -7.42 -0.72 -12.51
CA LEU A 64 -6.04 -1.13 -12.73
C LEU A 64 -5.94 -2.62 -13.00
N ASN A 65 -7.09 -3.28 -13.10
CA ASN A 65 -7.13 -4.71 -13.36
C ASN A 65 -6.48 -5.49 -12.22
N ILE A 66 -6.61 -4.97 -11.01
CA ILE A 66 -6.03 -5.62 -9.84
C ILE A 66 -6.98 -6.67 -9.27
N THR A 67 -6.85 -7.89 -9.77
CA THR A 67 -7.69 -8.99 -9.31
C THR A 67 -6.99 -9.81 -8.22
N ASN A 68 -7.68 -10.83 -7.73
CA ASN A 68 -7.13 -11.68 -6.68
C ASN A 68 -5.93 -12.48 -7.20
N ASN A 69 -5.08 -12.92 -6.28
CA ASN A 69 -3.90 -13.69 -6.65
C ASN A 69 -2.93 -12.85 -7.49
N CYS A 70 -2.80 -11.58 -7.13
CA CYS A 70 -1.92 -10.66 -7.85
C CYS A 70 -0.79 -10.18 -6.96
N VAL A 71 0.36 -9.90 -7.57
CA VAL A 71 1.52 -9.42 -6.82
C VAL A 71 1.89 -8.01 -7.22
N ILE A 72 1.94 -7.11 -6.23
CA ILE A 72 2.27 -5.72 -6.48
C ILE A 72 3.69 -5.40 -6.00
N HIS A 73 4.52 -4.89 -6.91
CA HIS A 73 5.90 -4.55 -6.57
C HIS A 73 5.94 -3.26 -5.74
N CYS A 74 6.68 -3.31 -4.64
CA CYS A 74 6.81 -2.16 -3.76
C CYS A 74 8.16 -1.48 -3.95
N HIS A 75 8.21 -0.17 -3.74
CA HIS A 75 9.44 0.59 -3.88
C HIS A 75 9.71 1.42 -2.63
N ARG A 76 10.92 1.27 -2.07
CA ARG A 76 11.30 2.00 -0.87
C ARG A 76 12.42 2.99 -1.19
N SER A 77 12.09 4.28 -1.08
CA SER A 77 13.07 5.34 -1.35
C SER A 77 13.82 5.73 -0.08
N PRO A 78 15.12 6.02 -0.23
CA PRO A 78 15.97 6.42 0.89
C PRO A 78 15.61 7.80 1.43
N PRO A 79 15.79 7.98 2.76
CA PRO A 79 15.49 9.25 3.43
C PRO A 79 16.47 10.35 3.04
N GLY A 80 16.06 11.60 3.21
CA GLY A 80 16.90 12.72 2.88
C GLY A 80 17.48 13.40 4.11
N ALA A 81 16.70 13.42 5.19
CA ALA A 81 17.13 14.05 6.42
C ALA A 81 16.71 13.21 7.64
N ALA A 82 17.34 13.47 8.77
CA ALA A 82 17.03 12.74 9.99
C ALA A 82 16.20 13.61 10.95
N VAL A 83 15.23 14.32 10.40
CA VAL A 83 14.36 15.18 11.20
C VAL A 83 13.24 14.38 11.86
N SER A 84 13.03 13.16 11.38
CA SER A 84 12.00 12.29 11.92
C SER A 84 12.18 12.09 13.42
N GLY A 85 11.39 12.83 14.21
CA GLY A 85 11.49 12.72 15.66
C GLY A 85 12.58 13.59 16.23
N PRO A 86 12.35 14.10 17.45
CA PRO A 86 13.30 14.98 18.14
C PRO A 86 14.55 14.23 18.59
N SER A 87 14.39 12.94 18.88
CA SER A 87 15.50 12.11 19.32
C SER A 87 15.43 10.72 18.70
N ALA A 88 16.41 9.88 19.01
CA ALA A 88 16.45 8.53 18.49
C ALA A 88 16.11 7.51 19.58
N SER A 89 14.84 7.13 19.64
CA SER A 89 14.38 6.17 20.64
C SER A 89 15.02 4.80 20.41
N SER A 90 15.93 4.43 21.31
CA SER A 90 16.62 3.14 21.19
C SER A 90 15.95 2.10 22.08
N GLY A 91 15.18 1.21 21.45
CA GLY A 91 14.51 0.16 22.20
C GLY A 91 13.42 -0.52 21.37
N PRO A 92 12.91 -1.65 21.88
CA PRO A 92 11.86 -2.42 21.21
C PRO A 92 10.52 -1.70 21.20
N SER A 93 9.71 -1.97 20.19
CA SER A 93 8.40 -1.35 20.08
C SER A 93 7.47 -2.19 19.21
N SER A 94 6.29 -2.49 19.74
CA SER A 94 5.32 -3.30 19.01
C SER A 94 5.04 -2.71 17.63
N GLY A 95 4.38 -3.49 16.78
CA GLY A 95 4.07 -3.02 15.44
C GLY A 95 2.97 -3.84 14.78
N GLY A 1 -14.02 -21.56 14.54
CA GLY A 1 -15.33 -20.96 14.62
C GLY A 1 -15.90 -20.62 13.25
N SER A 2 -15.20 -19.76 12.52
CA SER A 2 -15.64 -19.37 11.19
C SER A 2 -14.46 -19.28 10.23
N SER A 3 -14.70 -19.63 8.98
CA SER A 3 -13.65 -19.61 7.95
C SER A 3 -14.17 -18.96 6.67
N GLY A 4 -13.39 -18.02 6.14
CA GLY A 4 -13.78 -17.35 4.91
C GLY A 4 -13.74 -15.84 5.06
N SER A 5 -13.73 -15.14 3.92
CA SER A 5 -13.69 -13.68 3.92
C SER A 5 -14.03 -13.13 2.54
N SER A 6 -14.53 -11.89 2.52
CA SER A 6 -14.91 -11.25 1.27
C SER A 6 -13.79 -10.33 0.78
N GLY A 7 -13.60 -10.29 -0.54
CA GLY A 7 -12.57 -9.44 -1.11
C GLY A 7 -11.48 -10.24 -1.80
N ILE A 8 -10.68 -9.56 -2.61
CA ILE A 8 -9.59 -10.22 -3.33
C ILE A 8 -8.27 -10.07 -2.59
N ASN A 9 -7.49 -11.14 -2.56
CA ASN A 9 -6.20 -11.13 -1.88
C ASN A 9 -5.10 -10.64 -2.81
N VAL A 10 -4.14 -9.89 -2.26
CA VAL A 10 -3.03 -9.36 -3.04
C VAL A 10 -1.71 -9.58 -2.32
N ARG A 11 -0.68 -9.96 -3.08
CA ARG A 11 0.64 -10.19 -2.52
C ARG A 11 1.54 -8.97 -2.70
N LEU A 12 1.95 -8.36 -1.60
CA LEU A 12 2.81 -7.18 -1.65
C LEU A 12 4.28 -7.59 -1.76
N LYS A 13 4.86 -7.36 -2.93
CA LYS A 13 6.27 -7.69 -3.16
C LYS A 13 7.15 -6.46 -3.00
N PHE A 14 8.26 -6.62 -2.26
CA PHE A 14 9.18 -5.53 -2.05
C PHE A 14 10.49 -5.74 -2.82
N LEU A 15 11.25 -4.67 -2.99
CA LEU A 15 12.52 -4.74 -3.71
C LEU A 15 13.48 -5.70 -3.03
N ASN A 16 13.27 -5.92 -1.74
CA ASN A 16 14.12 -6.82 -0.96
C ASN A 16 13.69 -8.27 -1.14
N ASP A 17 13.23 -8.60 -2.35
CA ASP A 17 12.79 -9.95 -2.65
C ASP A 17 11.96 -10.52 -1.51
N THR A 18 10.91 -9.81 -1.13
CA THR A 18 10.04 -10.24 -0.05
C THR A 18 8.57 -10.23 -0.47
N GLU A 19 7.71 -10.78 0.37
CA GLU A 19 6.28 -10.82 0.07
C GLU A 19 5.45 -10.66 1.35
N GLU A 20 4.29 -10.04 1.22
CA GLU A 20 3.40 -9.82 2.36
C GLU A 20 1.95 -10.07 1.97
N LEU A 21 1.26 -10.88 2.76
CA LEU A 21 -0.14 -11.20 2.51
C LEU A 21 -1.05 -10.05 2.94
N ALA A 22 -1.75 -9.48 1.97
CA ALA A 22 -2.67 -8.36 2.25
C ALA A 22 -3.94 -8.48 1.43
N VAL A 23 -5.07 -8.16 2.06
CA VAL A 23 -6.37 -8.23 1.39
C VAL A 23 -6.80 -6.85 0.89
N ALA A 24 -7.04 -6.75 -0.41
CA ALA A 24 -7.47 -5.49 -1.01
C ALA A 24 -8.76 -5.68 -1.80
N ARG A 25 -9.48 -4.57 -2.00
CA ARG A 25 -10.74 -4.61 -2.73
C ARG A 25 -10.61 -3.89 -4.07
N PRO A 26 -11.42 -4.31 -5.05
CA PRO A 26 -11.40 -3.73 -6.40
C PRO A 26 -11.96 -2.31 -6.41
N GLU A 27 -12.37 -1.83 -5.24
CA GLU A 27 -12.93 -0.49 -5.12
C GLU A 27 -11.94 0.46 -4.45
N ASP A 28 -11.30 -0.01 -3.39
CA ASP A 28 -10.33 0.78 -2.66
C ASP A 28 -9.36 1.48 -3.62
N THR A 29 -8.69 2.52 -3.13
CA THR A 29 -7.75 3.27 -3.94
C THR A 29 -6.31 2.90 -3.61
N VAL A 30 -5.38 3.27 -4.49
CA VAL A 30 -3.97 2.97 -4.29
C VAL A 30 -3.46 3.61 -3.00
N GLY A 31 -3.86 4.86 -2.76
CA GLY A 31 -3.43 5.55 -1.56
C GLY A 31 -3.86 4.84 -0.28
N THR A 32 -5.09 4.36 -0.27
CA THR A 32 -5.62 3.66 0.89
C THR A 32 -4.90 2.34 1.12
N LEU A 33 -4.56 1.66 0.03
CA LEU A 33 -3.86 0.38 0.11
C LEU A 33 -2.54 0.54 0.87
N LYS A 34 -1.78 1.56 0.52
CA LYS A 34 -0.50 1.81 1.17
C LYS A 34 -0.70 2.20 2.63
N SER A 35 -1.70 3.04 2.89
CA SER A 35 -2.00 3.49 4.25
C SER A 35 -2.59 2.35 5.08
N LYS A 36 -3.26 1.42 4.41
CA LYS A 36 -3.87 0.29 5.08
C LYS A 36 -2.81 -0.61 5.70
N TYR A 37 -1.78 -0.94 4.92
CA TYR A 37 -0.70 -1.79 5.40
C TYR A 37 0.51 -0.97 5.80
N PHE A 38 0.85 0.01 4.96
CA PHE A 38 1.99 0.88 5.22
C PHE A 38 1.54 2.29 5.56
N PRO A 39 1.10 2.48 6.82
CA PRO A 39 0.62 3.78 7.31
C PRO A 39 1.76 4.79 7.44
N GLY A 40 1.55 5.99 6.90
CA GLY A 40 2.55 7.03 6.97
C GLY A 40 3.68 6.82 5.99
N GLN A 41 4.12 5.57 5.85
CA GLN A 41 5.20 5.22 4.94
C GLN A 41 4.67 5.01 3.52
N GLU A 42 3.66 5.79 3.15
CA GLU A 42 3.06 5.68 1.82
C GLU A 42 3.87 6.47 0.80
N SER A 43 4.48 7.57 1.25
CA SER A 43 5.27 8.41 0.36
C SER A 43 6.49 7.65 -0.16
N GLN A 44 6.86 6.58 0.53
CA GLN A 44 8.01 5.77 0.14
C GLN A 44 7.56 4.47 -0.51
N MET A 45 6.57 3.82 0.09
CA MET A 45 6.05 2.57 -0.44
C MET A 45 5.39 2.78 -1.79
N LYS A 46 6.19 2.75 -2.85
CA LYS A 46 5.69 2.94 -4.20
C LYS A 46 5.25 1.61 -4.82
N LEU A 47 3.99 1.53 -5.22
CA LEU A 47 3.46 0.31 -5.82
C LEU A 47 3.54 0.38 -7.34
N ILE A 48 3.95 -0.74 -7.95
CA ILE A 48 4.08 -0.81 -9.41
C ILE A 48 3.35 -2.03 -9.96
N TYR A 49 2.41 -1.78 -10.87
CA TYR A 49 1.64 -2.86 -11.47
C TYR A 49 1.91 -2.95 -12.97
N GLN A 50 2.53 -4.04 -13.40
CA GLN A 50 2.85 -4.24 -14.80
C GLN A 50 3.82 -3.18 -15.30
N GLY A 51 4.83 -2.90 -14.49
CA GLY A 51 5.82 -1.90 -14.87
C GLY A 51 5.27 -0.49 -14.80
N ARG A 52 4.03 -0.35 -14.33
CA ARG A 52 3.39 0.95 -14.21
C ARG A 52 3.32 1.39 -12.75
N LEU A 53 3.72 2.63 -12.49
CA LEU A 53 3.70 3.17 -11.14
C LEU A 53 2.30 3.64 -10.77
N LEU A 54 1.79 3.12 -9.65
CA LEU A 54 0.46 3.49 -9.18
C LEU A 54 0.48 4.85 -8.51
N GLN A 55 1.12 5.82 -9.15
CA GLN A 55 1.20 7.17 -8.61
C GLN A 55 -0.15 7.64 -8.10
N ASP A 56 -1.09 7.84 -9.02
CA ASP A 56 -2.43 8.29 -8.67
C ASP A 56 -2.96 7.51 -7.46
N PRO A 57 -2.96 8.18 -6.29
CA PRO A 57 -3.43 7.56 -5.03
C PRO A 57 -4.93 7.36 -5.03
N ALA A 58 -5.58 7.71 -6.13
CA ALA A 58 -7.02 7.57 -6.25
C ALA A 58 -7.39 6.40 -7.17
N ARG A 59 -6.53 6.13 -8.14
CA ARG A 59 -6.76 5.05 -9.10
C ARG A 59 -7.30 3.81 -8.38
N THR A 60 -8.46 3.34 -8.82
CA THR A 60 -9.08 2.16 -8.22
C THR A 60 -8.30 0.89 -8.55
N LEU A 61 -8.36 -0.08 -7.66
CA LEU A 61 -7.65 -1.35 -7.85
C LEU A 61 -8.22 -2.10 -9.06
N SER A 62 -9.52 -1.99 -9.25
CA SER A 62 -10.19 -2.66 -10.36
C SER A 62 -9.69 -2.13 -11.70
N SER A 63 -9.61 -0.81 -11.80
CA SER A 63 -9.14 -0.17 -13.04
C SER A 63 -7.69 -0.53 -13.33
N LEU A 64 -6.90 -0.70 -12.27
CA LEU A 64 -5.50 -1.05 -12.41
C LEU A 64 -5.33 -2.54 -12.71
N ASN A 65 -6.46 -3.22 -12.90
CA ASN A 65 -6.44 -4.65 -13.19
C ASN A 65 -5.92 -5.45 -12.00
N ILE A 66 -6.14 -4.93 -10.81
CA ILE A 66 -5.69 -5.59 -9.59
C ILE A 66 -6.73 -6.59 -9.09
N THR A 67 -6.60 -7.84 -9.52
CA THR A 67 -7.52 -8.89 -9.13
C THR A 67 -6.92 -9.77 -8.03
N ASN A 68 -7.65 -10.82 -7.65
CA ASN A 68 -7.18 -11.74 -6.62
C ASN A 68 -6.02 -12.58 -7.13
N ASN A 69 -5.18 -13.05 -6.20
CA ASN A 69 -4.03 -13.86 -6.55
C ASN A 69 -3.05 -13.07 -7.42
N CYS A 70 -2.90 -11.79 -7.11
CA CYS A 70 -1.99 -10.92 -7.87
C CYS A 70 -0.95 -10.29 -6.96
N VAL A 71 0.25 -10.09 -7.48
CA VAL A 71 1.34 -9.50 -6.72
C VAL A 71 1.61 -8.07 -7.17
N ILE A 72 1.93 -7.20 -6.22
CA ILE A 72 2.22 -5.80 -6.52
C ILE A 72 3.62 -5.43 -6.07
N HIS A 73 4.45 -5.00 -7.01
CA HIS A 73 5.82 -4.61 -6.71
C HIS A 73 5.85 -3.35 -5.85
N CYS A 74 6.72 -3.34 -4.85
CA CYS A 74 6.84 -2.18 -3.95
C CYS A 74 8.24 -1.60 -4.00
N HIS A 75 8.34 -0.29 -3.84
CA HIS A 75 9.63 0.39 -3.86
C HIS A 75 9.81 1.25 -2.62
N ARG A 76 11.03 1.27 -2.09
CA ARG A 76 11.34 2.06 -0.90
C ARG A 76 12.27 3.22 -1.24
N SER A 77 11.85 4.43 -0.91
CA SER A 77 12.64 5.62 -1.18
C SER A 77 13.52 5.98 0.02
N PRO A 78 14.73 6.46 -0.26
CA PRO A 78 15.69 6.84 0.78
C PRO A 78 15.26 8.10 1.52
N PRO A 79 15.59 8.15 2.83
CA PRO A 79 15.25 9.30 3.68
C PRO A 79 16.04 10.55 3.32
N GLY A 80 15.42 11.43 2.55
CA GLY A 80 16.08 12.66 2.14
C GLY A 80 16.99 13.20 3.23
N ALA A 81 16.50 13.25 4.45
CA ALA A 81 17.27 13.75 5.58
C ALA A 81 16.61 13.38 6.90
N ALA A 82 17.43 13.32 7.96
CA ALA A 82 16.93 12.98 9.28
C ALA A 82 15.79 13.91 9.70
N VAL A 83 14.79 13.35 10.36
CA VAL A 83 13.65 14.13 10.83
C VAL A 83 13.86 14.62 12.25
N SER A 84 12.97 15.50 12.70
CA SER A 84 13.05 16.06 14.04
C SER A 84 11.74 15.89 14.78
N GLY A 85 11.11 14.73 14.62
CA GLY A 85 9.85 14.46 15.27
C GLY A 85 8.69 15.18 14.62
N PRO A 86 7.53 14.52 14.55
CA PRO A 86 6.32 15.07 13.94
C PRO A 86 5.72 16.20 14.78
N SER A 87 4.74 16.90 14.21
CA SER A 87 4.08 18.01 14.90
C SER A 87 3.94 17.70 16.39
N ALA A 88 4.21 18.70 17.22
CA ALA A 88 4.12 18.55 18.67
C ALA A 88 3.16 19.58 19.26
N SER A 89 2.55 19.23 20.39
CA SER A 89 1.62 20.13 21.06
C SER A 89 2.32 20.93 22.15
N SER A 90 3.09 20.24 22.98
CA SER A 90 3.81 20.89 24.07
C SER A 90 2.86 21.65 24.98
N GLY A 91 1.72 21.03 25.28
CA GLY A 91 0.74 21.66 26.14
C GLY A 91 -0.11 20.66 26.88
N PRO A 92 0.47 19.99 27.89
CA PRO A 92 -0.23 18.98 28.68
C PRO A 92 -1.29 19.60 29.59
N SER A 93 -2.54 19.56 29.15
CA SER A 93 -3.64 20.12 29.92
C SER A 93 -4.28 19.05 30.81
N SER A 94 -4.89 19.50 31.90
CA SER A 94 -5.53 18.59 32.84
C SER A 94 -6.51 19.33 33.74
N GLY A 95 -7.68 18.73 33.95
CA GLY A 95 -8.70 19.35 34.78
C GLY A 95 -9.96 18.52 34.89
N GLY A 1 -18.09 -15.59 9.51
CA GLY A 1 -18.43 -14.23 9.89
C GLY A 1 -17.20 -13.35 10.04
N SER A 2 -16.30 -13.44 9.06
CA SER A 2 -15.07 -12.65 9.09
C SER A 2 -15.22 -11.37 8.27
N SER A 3 -14.19 -10.54 8.28
CA SER A 3 -14.22 -9.29 7.54
C SER A 3 -13.81 -9.50 6.09
N GLY A 4 -14.61 -8.93 5.18
CA GLY A 4 -14.32 -9.07 3.76
C GLY A 4 -14.91 -10.33 3.18
N SER A 5 -16.22 -10.51 3.33
CA SER A 5 -16.90 -11.68 2.82
C SER A 5 -16.54 -11.93 1.35
N SER A 6 -16.62 -10.87 0.55
CA SER A 6 -16.30 -10.97 -0.87
C SER A 6 -15.22 -9.98 -1.25
N GLY A 7 -14.00 -10.47 -1.42
CA GLY A 7 -12.88 -9.61 -1.79
C GLY A 7 -11.77 -10.36 -2.50
N ILE A 8 -10.72 -9.65 -2.87
CA ILE A 8 -9.59 -10.26 -3.56
C ILE A 8 -8.30 -10.09 -2.76
N ASN A 9 -7.49 -11.15 -2.72
CA ASN A 9 -6.23 -11.11 -1.99
C ASN A 9 -5.10 -10.58 -2.88
N VAL A 10 -4.19 -9.81 -2.28
CA VAL A 10 -3.07 -9.26 -3.02
C VAL A 10 -1.76 -9.48 -2.27
N ARG A 11 -0.72 -9.86 -3.02
CA ARG A 11 0.58 -10.11 -2.44
C ARG A 11 1.51 -8.92 -2.64
N LEU A 12 1.95 -8.32 -1.54
CA LEU A 12 2.84 -7.17 -1.61
C LEU A 12 4.30 -7.61 -1.67
N LYS A 13 4.91 -7.45 -2.84
CA LYS A 13 6.31 -7.83 -3.03
C LYS A 13 7.22 -6.61 -2.92
N PHE A 14 8.25 -6.73 -2.09
CA PHE A 14 9.20 -5.64 -1.90
C PHE A 14 10.54 -5.97 -2.55
N LEU A 15 11.34 -4.93 -2.81
CA LEU A 15 12.64 -5.10 -3.43
C LEU A 15 13.59 -5.85 -2.51
N ASN A 16 13.14 -6.11 -1.28
CA ASN A 16 13.95 -6.83 -0.31
C ASN A 16 13.81 -8.34 -0.49
N ASP A 17 13.29 -8.75 -1.64
CA ASP A 17 13.10 -10.17 -1.94
C ASP A 17 12.11 -10.79 -0.96
N THR A 18 11.20 -9.97 -0.43
CA THR A 18 10.20 -10.45 0.52
C THR A 18 8.79 -10.19 0.00
N GLU A 19 7.80 -10.79 0.66
CA GLU A 19 6.41 -10.63 0.26
C GLU A 19 5.50 -10.61 1.49
N GLU A 20 4.39 -9.90 1.38
CA GLU A 20 3.44 -9.79 2.48
C GLU A 20 2.01 -9.95 1.97
N LEU A 21 1.24 -10.84 2.61
CA LEU A 21 -0.14 -11.07 2.22
C LEU A 21 -1.03 -9.91 2.64
N ALA A 22 -1.68 -9.29 1.67
CA ALA A 22 -2.57 -8.16 1.94
C ALA A 22 -3.86 -8.27 1.13
N VAL A 23 -4.99 -8.21 1.80
CA VAL A 23 -6.28 -8.31 1.15
C VAL A 23 -6.76 -6.94 0.66
N ALA A 24 -7.02 -6.83 -0.63
CA ALA A 24 -7.48 -5.57 -1.21
C ALA A 24 -8.78 -5.76 -1.99
N ARG A 25 -9.53 -4.68 -2.17
CA ARG A 25 -10.78 -4.74 -2.90
C ARG A 25 -10.68 -3.98 -4.23
N PRO A 26 -11.50 -4.39 -5.21
CA PRO A 26 -11.52 -3.77 -6.53
C PRO A 26 -12.09 -2.35 -6.51
N GLU A 27 -12.59 -1.95 -5.33
CA GLU A 27 -13.17 -0.62 -5.17
C GLU A 27 -12.19 0.32 -4.48
N ASP A 28 -11.46 -0.21 -3.51
CA ASP A 28 -10.48 0.58 -2.76
C ASP A 28 -9.54 1.31 -3.71
N THR A 29 -8.70 2.17 -3.15
CA THR A 29 -7.75 2.94 -3.94
C THR A 29 -6.31 2.62 -3.54
N VAL A 30 -5.36 3.00 -4.40
CA VAL A 30 -3.96 2.75 -4.13
C VAL A 30 -3.48 3.52 -2.90
N GLY A 31 -3.89 4.78 -2.80
CA GLY A 31 -3.51 5.60 -1.68
C GLY A 31 -3.93 5.01 -0.34
N THR A 32 -5.11 4.39 -0.34
CA THR A 32 -5.64 3.79 0.88
C THR A 32 -4.88 2.52 1.24
N LEU A 33 -4.62 1.68 0.24
CA LEU A 33 -3.89 0.43 0.45
C LEU A 33 -2.55 0.70 1.12
N LYS A 34 -1.82 1.68 0.61
CA LYS A 34 -0.52 2.03 1.16
C LYS A 34 -0.64 2.40 2.64
N SER A 35 -1.60 3.27 2.95
CA SER A 35 -1.81 3.71 4.32
C SER A 35 -2.40 2.59 5.17
N LYS A 36 -3.13 1.69 4.51
CA LYS A 36 -3.75 0.57 5.20
C LYS A 36 -2.69 -0.39 5.74
N TYR A 37 -1.72 -0.74 4.90
CA TYR A 37 -0.66 -1.65 5.28
C TYR A 37 0.60 -0.87 5.66
N PHE A 38 0.95 0.12 4.85
CA PHE A 38 2.13 0.94 5.10
C PHE A 38 1.73 2.37 5.43
N PRO A 39 1.31 2.60 6.69
CA PRO A 39 0.90 3.92 7.17
C PRO A 39 2.08 4.88 7.28
N GLY A 40 1.89 6.10 6.79
CA GLY A 40 2.95 7.10 6.86
C GLY A 40 4.04 6.84 5.84
N GLN A 41 4.47 5.58 5.74
CA GLN A 41 5.54 5.21 4.81
C GLN A 41 5.05 5.33 3.37
N GLU A 42 3.79 5.70 3.19
CA GLU A 42 3.21 5.85 1.87
C GLU A 42 4.07 6.73 0.98
N SER A 43 4.93 7.53 1.62
CA SER A 43 5.83 8.43 0.89
C SER A 43 6.72 7.65 -0.06
N GLN A 44 7.51 6.73 0.50
CA GLN A 44 8.41 5.91 -0.30
C GLN A 44 7.69 4.72 -0.91
N MET A 45 6.84 4.09 -0.11
CA MET A 45 6.08 2.93 -0.57
C MET A 45 5.48 3.19 -1.95
N LYS A 46 6.23 2.80 -2.99
CA LYS A 46 5.78 2.98 -4.36
C LYS A 46 5.32 1.65 -4.97
N LEU A 47 4.04 1.58 -5.33
CA LEU A 47 3.49 0.37 -5.93
C LEU A 47 3.55 0.43 -7.45
N ILE A 48 3.93 -0.68 -8.07
CA ILE A 48 4.03 -0.75 -9.52
C ILE A 48 3.29 -1.97 -10.06
N TYR A 49 2.33 -1.73 -10.95
CA TYR A 49 1.55 -2.80 -11.55
C TYR A 49 1.78 -2.89 -13.05
N GLN A 50 2.43 -3.97 -13.47
CA GLN A 50 2.73 -4.17 -14.89
C GLN A 50 3.55 -3.02 -15.44
N GLY A 51 4.64 -2.70 -14.76
CA GLY A 51 5.50 -1.61 -15.21
C GLY A 51 4.83 -0.27 -15.09
N ARG A 52 3.64 -0.24 -14.49
CA ARG A 52 2.89 1.00 -14.32
C ARG A 52 2.98 1.49 -12.87
N LEU A 53 3.20 2.78 -12.70
CA LEU A 53 3.29 3.38 -11.38
C LEU A 53 1.91 3.73 -10.82
N LEU A 54 1.58 3.14 -9.68
CA LEU A 54 0.29 3.39 -9.05
C LEU A 54 0.30 4.72 -8.30
N GLN A 55 0.85 5.74 -8.93
CA GLN A 55 0.92 7.07 -8.32
C GLN A 55 -0.45 7.51 -7.83
N ASP A 56 -1.33 7.85 -8.77
CA ASP A 56 -2.68 8.30 -8.43
C ASP A 56 -3.27 7.43 -7.32
N PRO A 57 -3.28 7.97 -6.09
CA PRO A 57 -3.82 7.28 -4.92
C PRO A 57 -5.34 7.13 -4.98
N ALA A 58 -5.93 7.59 -6.07
CA ALA A 58 -7.37 7.51 -6.25
C ALA A 58 -7.74 6.54 -7.37
N ARG A 59 -6.74 5.81 -7.87
CA ARG A 59 -6.96 4.86 -8.93
C ARG A 59 -7.49 3.53 -8.38
N THR A 60 -8.77 3.29 -8.60
CA THR A 60 -9.40 2.06 -8.12
C THR A 60 -8.61 0.83 -8.56
N LEU A 61 -8.55 -0.17 -7.68
CA LEU A 61 -7.82 -1.40 -7.97
C LEU A 61 -8.42 -2.12 -9.17
N SER A 62 -9.74 -1.98 -9.34
CA SER A 62 -10.43 -2.62 -10.45
C SER A 62 -9.95 -2.07 -11.78
N SER A 63 -9.80 -0.75 -11.86
CA SER A 63 -9.34 -0.11 -13.09
C SER A 63 -7.88 -0.48 -13.39
N LEU A 64 -7.09 -0.63 -12.34
CA LEU A 64 -5.68 -0.98 -12.48
C LEU A 64 -5.53 -2.45 -12.83
N ASN A 65 -6.65 -3.12 -13.05
CA ASN A 65 -6.63 -4.54 -13.41
C ASN A 65 -6.07 -5.38 -12.26
N ILE A 66 -6.21 -4.87 -11.05
CA ILE A 66 -5.71 -5.58 -9.87
C ILE A 66 -6.71 -6.65 -9.42
N THR A 67 -6.50 -7.87 -9.88
CA THR A 67 -7.37 -8.98 -9.52
C THR A 67 -6.80 -9.79 -8.37
N ASN A 68 -7.46 -10.88 -8.02
CA ASN A 68 -7.02 -11.73 -6.93
C ASN A 68 -5.82 -12.57 -7.35
N ASN A 69 -5.05 -13.04 -6.37
CA ASN A 69 -3.87 -13.85 -6.63
C ASN A 69 -2.83 -13.06 -7.43
N CYS A 70 -2.83 -11.74 -7.23
CA CYS A 70 -1.89 -10.87 -7.94
C CYS A 70 -0.85 -10.31 -6.98
N VAL A 71 0.31 -9.95 -7.51
CA VAL A 71 1.38 -9.39 -6.68
C VAL A 71 1.71 -7.97 -7.12
N ILE A 72 1.95 -7.10 -6.14
CA ILE A 72 2.27 -5.71 -6.41
C ILE A 72 3.68 -5.37 -5.93
N HIS A 73 4.51 -4.89 -6.85
CA HIS A 73 5.89 -4.52 -6.51
C HIS A 73 5.93 -3.22 -5.72
N CYS A 74 6.71 -3.21 -4.65
CA CYS A 74 6.84 -2.03 -3.80
C CYS A 74 8.28 -1.55 -3.76
N HIS A 75 8.47 -0.24 -3.92
CA HIS A 75 9.80 0.34 -3.90
C HIS A 75 9.99 1.21 -2.65
N ARG A 76 11.07 0.94 -1.92
CA ARG A 76 11.38 1.68 -0.70
C ARG A 76 12.64 2.52 -0.87
N SER A 77 12.48 3.84 -0.86
CA SER A 77 13.61 4.74 -1.03
C SER A 77 14.02 5.34 0.31
N PRO A 78 15.34 5.51 0.51
CA PRO A 78 15.89 6.08 1.74
C PRO A 78 15.58 7.55 1.90
N PRO A 79 15.22 7.96 3.14
CA PRO A 79 14.88 9.35 3.44
C PRO A 79 16.10 10.27 3.39
N GLY A 80 15.97 11.36 2.64
CA GLY A 80 17.07 12.31 2.52
C GLY A 80 17.76 12.57 3.85
N ALA A 81 17.10 13.36 4.69
CA ALA A 81 17.66 13.69 6.00
C ALA A 81 16.57 14.25 6.92
N ALA A 82 16.80 14.14 8.22
CA ALA A 82 15.85 14.63 9.21
C ALA A 82 15.25 15.96 8.78
N VAL A 83 13.95 15.97 8.50
CA VAL A 83 13.27 17.18 8.08
C VAL A 83 13.75 18.39 8.87
N SER A 84 13.90 19.52 8.18
CA SER A 84 14.37 20.74 8.81
C SER A 84 13.84 21.97 8.06
N GLY A 85 13.06 22.79 8.77
CA GLY A 85 12.51 23.99 8.16
C GLY A 85 11.37 24.57 8.96
N PRO A 86 11.70 25.57 9.81
CA PRO A 86 10.72 26.25 10.66
C PRO A 86 9.74 27.11 9.86
N SER A 87 8.74 26.47 9.26
CA SER A 87 7.75 27.18 8.46
C SER A 87 6.48 26.33 8.30
N ALA A 88 5.34 27.01 8.16
CA ALA A 88 4.07 26.33 7.99
C ALA A 88 2.99 27.30 7.51
N SER A 89 1.85 26.75 7.12
CA SER A 89 0.74 27.56 6.62
C SER A 89 0.24 28.51 7.70
N SER A 90 -0.75 29.34 7.35
CA SER A 90 -1.31 30.29 8.29
C SER A 90 -1.76 29.59 9.57
N GLY A 91 -0.90 29.63 10.59
CA GLY A 91 -1.22 28.99 11.85
C GLY A 91 0.01 28.49 12.58
N PRO A 92 -0.03 28.54 13.93
CA PRO A 92 1.08 28.10 14.77
C PRO A 92 1.27 26.58 14.73
N SER A 93 2.23 26.10 15.51
CA SER A 93 2.51 24.66 15.56
C SER A 93 3.01 24.26 16.95
N SER A 94 2.64 23.06 17.38
CA SER A 94 3.05 22.55 18.68
C SER A 94 4.56 22.36 18.74
N GLY A 95 5.10 21.68 17.73
CA GLY A 95 6.53 21.43 17.69
C GLY A 95 6.89 20.30 16.75
N GLY A 1 -13.81 -12.10 -4.08
CA GLY A 1 -14.03 -13.19 -5.02
C GLY A 1 -14.74 -14.36 -4.38
N SER A 2 -15.49 -15.10 -5.20
CA SER A 2 -16.24 -16.26 -4.70
C SER A 2 -15.34 -17.19 -3.90
N SER A 3 -14.14 -17.43 -4.41
CA SER A 3 -13.18 -18.30 -3.74
C SER A 3 -12.75 -17.71 -2.41
N GLY A 4 -12.16 -16.52 -2.45
CA GLY A 4 -11.71 -15.87 -1.23
C GLY A 4 -12.85 -15.56 -0.28
N SER A 5 -12.55 -15.48 1.00
CA SER A 5 -13.56 -15.20 2.02
C SER A 5 -14.21 -13.84 1.76
N SER A 6 -13.40 -12.82 1.58
CA SER A 6 -13.90 -11.47 1.33
C SER A 6 -12.89 -10.65 0.55
N GLY A 7 -13.34 -10.02 -0.53
CA GLY A 7 -12.46 -9.21 -1.35
C GLY A 7 -11.38 -10.03 -2.03
N ILE A 8 -10.52 -9.36 -2.79
CA ILE A 8 -9.44 -10.03 -3.50
C ILE A 8 -8.14 -9.97 -2.70
N ASN A 9 -7.35 -11.04 -2.78
CA ASN A 9 -6.07 -11.09 -2.07
C ASN A 9 -4.94 -10.57 -2.94
N VAL A 10 -4.09 -9.74 -2.36
CA VAL A 10 -2.95 -9.16 -3.07
C VAL A 10 -1.66 -9.40 -2.32
N ARG A 11 -0.64 -9.89 -3.03
CA ARG A 11 0.66 -10.16 -2.43
C ARG A 11 1.62 -9.00 -2.67
N LEU A 12 2.05 -8.36 -1.59
CA LEU A 12 2.97 -7.23 -1.69
C LEU A 12 4.42 -7.72 -1.75
N LYS A 13 5.02 -7.61 -2.92
CA LYS A 13 6.41 -8.04 -3.11
C LYS A 13 7.36 -6.85 -3.06
N PHE A 14 8.38 -6.95 -2.22
CA PHE A 14 9.36 -5.88 -2.07
C PHE A 14 10.67 -6.24 -2.77
N LEU A 15 11.49 -5.23 -3.04
CA LEU A 15 12.78 -5.44 -3.69
C LEU A 15 13.73 -6.21 -2.78
N ASN A 16 13.32 -6.40 -1.53
CA ASN A 16 14.13 -7.12 -0.56
C ASN A 16 13.98 -8.63 -0.72
N ASP A 17 13.44 -9.04 -1.87
CA ASP A 17 13.23 -10.46 -2.15
C ASP A 17 12.25 -11.07 -1.16
N THR A 18 11.32 -10.25 -0.68
CA THR A 18 10.32 -10.72 0.28
C THR A 18 8.90 -10.43 -0.22
N GLU A 19 7.91 -10.90 0.53
CA GLU A 19 6.51 -10.69 0.16
C GLU A 19 5.64 -10.59 1.40
N GLU A 20 4.55 -9.83 1.29
CA GLU A 20 3.63 -9.65 2.41
C GLU A 20 2.19 -9.90 1.97
N LEU A 21 1.46 -10.66 2.77
CA LEU A 21 0.06 -10.98 2.47
C LEU A 21 -0.86 -9.83 2.87
N ALA A 22 -1.61 -9.31 1.90
CA ALA A 22 -2.54 -8.23 2.15
C ALA A 22 -3.83 -8.40 1.36
N VAL A 23 -4.95 -8.05 1.98
CA VAL A 23 -6.25 -8.17 1.34
C VAL A 23 -6.74 -6.83 0.82
N ALA A 24 -6.99 -6.76 -0.48
CA ALA A 24 -7.47 -5.52 -1.10
C ALA A 24 -8.75 -5.77 -1.89
N ARG A 25 -9.50 -4.69 -2.12
CA ARG A 25 -10.76 -4.79 -2.85
C ARG A 25 -10.67 -4.03 -4.18
N PRO A 26 -11.49 -4.44 -5.16
CA PRO A 26 -11.52 -3.82 -6.48
C PRO A 26 -12.11 -2.41 -6.43
N GLU A 27 -12.54 -1.99 -5.26
CA GLU A 27 -13.14 -0.67 -5.09
C GLU A 27 -12.17 0.28 -4.37
N ASP A 28 -11.46 -0.26 -3.38
CA ASP A 28 -10.50 0.54 -2.62
C ASP A 28 -9.62 1.37 -3.55
N THR A 29 -8.85 2.28 -2.97
CA THR A 29 -7.96 3.14 -3.74
C THR A 29 -6.50 2.81 -3.47
N VAL A 30 -5.62 3.26 -4.36
CA VAL A 30 -4.19 3.01 -4.23
C VAL A 30 -3.64 3.71 -2.98
N GLY A 31 -4.11 4.93 -2.74
CA GLY A 31 -3.65 5.68 -1.58
C GLY A 31 -4.00 5.01 -0.28
N THR A 32 -5.24 4.52 -0.18
CA THR A 32 -5.69 3.84 1.03
C THR A 32 -4.95 2.53 1.24
N LEU A 33 -4.65 1.84 0.16
CA LEU A 33 -3.94 0.57 0.22
C LEU A 33 -2.62 0.72 0.96
N LYS A 34 -1.86 1.75 0.60
CA LYS A 34 -0.58 2.02 1.23
C LYS A 34 -0.75 2.35 2.71
N SER A 35 -1.76 3.16 3.01
CA SER A 35 -2.04 3.56 4.39
C SER A 35 -2.58 2.38 5.20
N LYS A 36 -3.24 1.45 4.51
CA LYS A 36 -3.81 0.28 5.17
C LYS A 36 -2.70 -0.61 5.75
N TYR A 37 -1.69 -0.88 4.94
CA TYR A 37 -0.57 -1.71 5.38
C TYR A 37 0.64 -0.86 5.76
N PHE A 38 0.92 0.14 4.94
CA PHE A 38 2.04 1.04 5.18
C PHE A 38 1.55 2.43 5.55
N PRO A 39 1.17 2.61 6.83
CA PRO A 39 0.67 3.89 7.34
C PRO A 39 1.77 4.94 7.43
N GLY A 40 1.53 6.11 6.83
CA GLY A 40 2.51 7.17 6.85
C GLY A 40 3.63 6.95 5.86
N GLN A 41 4.08 5.71 5.75
CA GLN A 41 5.17 5.37 4.84
C GLN A 41 4.63 5.12 3.43
N GLU A 42 3.53 5.79 3.09
CA GLU A 42 2.91 5.66 1.78
C GLU A 42 3.64 6.51 0.74
N SER A 43 4.40 7.49 1.22
CA SER A 43 5.14 8.37 0.35
C SER A 43 6.37 7.67 -0.21
N GLN A 44 6.85 6.67 0.50
CA GLN A 44 8.03 5.91 0.07
C GLN A 44 7.62 4.59 -0.58
N MET A 45 6.67 3.89 0.04
CA MET A 45 6.19 2.62 -0.48
C MET A 45 5.53 2.81 -1.84
N LYS A 46 6.33 2.78 -2.89
CA LYS A 46 5.82 2.95 -4.26
C LYS A 46 5.43 1.60 -4.86
N LEU A 47 4.16 1.47 -5.24
CA LEU A 47 3.67 0.24 -5.83
C LEU A 47 3.67 0.32 -7.36
N ILE A 48 4.06 -0.77 -8.00
CA ILE A 48 4.10 -0.81 -9.46
C ILE A 48 3.38 -2.05 -9.99
N TYR A 49 2.38 -1.82 -10.84
CA TYR A 49 1.60 -2.91 -11.42
C TYR A 49 1.83 -3.00 -12.93
N GLN A 50 2.49 -4.07 -13.35
CA GLN A 50 2.77 -4.28 -14.77
C GLN A 50 3.69 -3.18 -15.31
N GLY A 51 4.70 -2.82 -14.53
CA GLY A 51 5.63 -1.79 -14.93
C GLY A 51 5.05 -0.40 -14.81
N ARG A 52 3.81 -0.32 -14.34
CA ARG A 52 3.13 0.96 -14.17
C ARG A 52 3.14 1.40 -12.71
N LEU A 53 3.51 2.65 -12.48
CA LEU A 53 3.56 3.19 -11.13
C LEU A 53 2.17 3.62 -10.66
N LEU A 54 1.72 3.06 -9.55
CA LEU A 54 0.42 3.39 -9.00
C LEU A 54 0.45 4.75 -8.29
N GLN A 55 0.90 5.77 -9.02
CA GLN A 55 0.98 7.12 -8.46
C GLN A 55 -0.40 7.61 -8.04
N ASP A 56 -1.24 7.92 -9.03
CA ASP A 56 -2.58 8.40 -8.77
C ASP A 56 -3.23 7.62 -7.62
N PRO A 57 -3.26 8.24 -6.43
CA PRO A 57 -3.84 7.63 -5.24
C PRO A 57 -5.36 7.51 -5.33
N ALA A 58 -5.91 7.93 -6.46
CA ALA A 58 -7.35 7.88 -6.67
C ALA A 58 -7.70 6.87 -7.77
N ARG A 59 -6.74 6.04 -8.13
CA ARG A 59 -6.95 5.03 -9.17
C ARG A 59 -7.50 3.73 -8.57
N THR A 60 -8.80 3.53 -8.70
CA THR A 60 -9.44 2.32 -8.17
C THR A 60 -8.67 1.08 -8.57
N LEU A 61 -8.62 0.11 -7.65
CA LEU A 61 -7.92 -1.14 -7.90
C LEU A 61 -8.49 -1.86 -9.12
N SER A 62 -9.81 -1.84 -9.24
CA SER A 62 -10.50 -2.49 -10.35
C SER A 62 -10.02 -1.93 -11.68
N SER A 63 -9.91 -0.61 -11.76
CA SER A 63 -9.47 0.06 -12.98
C SER A 63 -8.02 -0.32 -13.31
N LEU A 64 -7.22 -0.53 -12.28
CA LEU A 64 -5.82 -0.91 -12.46
C LEU A 64 -5.70 -2.38 -12.81
N ASN A 65 -6.83 -3.04 -12.99
CA ASN A 65 -6.85 -4.46 -13.33
C ASN A 65 -6.22 -5.30 -12.23
N ILE A 66 -6.44 -4.89 -10.98
CA ILE A 66 -5.90 -5.60 -9.83
C ILE A 66 -6.86 -6.66 -9.33
N THR A 67 -6.67 -7.90 -9.80
CA THR A 67 -7.53 -9.01 -9.40
C THR A 67 -6.86 -9.86 -8.33
N ASN A 68 -7.61 -10.82 -7.80
CA ASN A 68 -7.08 -11.72 -6.77
C ASN A 68 -5.93 -12.55 -7.30
N ASN A 69 -5.04 -12.97 -6.41
CA ASN A 69 -3.89 -13.79 -6.80
C ASN A 69 -2.90 -12.98 -7.62
N CYS A 70 -2.72 -11.71 -7.24
CA CYS A 70 -1.80 -10.83 -7.95
C CYS A 70 -0.72 -10.31 -7.01
N VAL A 71 0.45 -10.01 -7.56
CA VAL A 71 1.57 -9.51 -6.77
C VAL A 71 1.93 -8.09 -7.18
N ILE A 72 2.17 -7.24 -6.18
CA ILE A 72 2.53 -5.85 -6.42
C ILE A 72 3.94 -5.55 -5.94
N HIS A 73 4.74 -4.94 -6.81
CA HIS A 73 6.12 -4.59 -6.47
C HIS A 73 6.17 -3.27 -5.72
N CYS A 74 6.83 -3.29 -4.57
CA CYS A 74 6.96 -2.10 -3.74
C CYS A 74 8.39 -1.57 -3.75
N HIS A 75 8.53 -0.26 -3.90
CA HIS A 75 9.84 0.37 -3.93
C HIS A 75 10.07 1.24 -2.69
N ARG A 76 11.21 1.07 -2.05
CA ARG A 76 11.55 1.83 -0.86
C ARG A 76 12.67 2.83 -1.14
N SER A 77 12.44 4.09 -0.78
CA SER A 77 13.43 5.14 -1.00
C SER A 77 13.93 5.70 0.33
N PRO A 78 15.24 5.97 0.39
CA PRO A 78 15.87 6.52 1.60
C PRO A 78 15.47 7.96 1.87
N PRO A 79 14.98 8.23 3.09
CA PRO A 79 14.54 9.57 3.49
C PRO A 79 15.72 10.53 3.64
N GLY A 80 16.20 11.06 2.52
CA GLY A 80 17.32 11.98 2.55
C GLY A 80 18.56 11.38 3.17
N ALA A 81 18.70 11.53 4.48
CA ALA A 81 19.84 10.99 5.20
C ALA A 81 19.70 11.20 6.71
N ALA A 82 19.75 10.09 7.45
CA ALA A 82 19.63 10.15 8.90
C ALA A 82 20.50 9.10 9.57
N VAL A 83 20.71 9.25 10.88
CA VAL A 83 21.53 8.31 11.63
C VAL A 83 20.67 7.23 12.29
N SER A 84 21.21 6.01 12.35
CA SER A 84 20.50 4.89 12.94
C SER A 84 19.98 5.26 14.33
N GLY A 85 18.65 5.28 14.48
CA GLY A 85 18.06 5.61 15.75
C GLY A 85 16.56 5.38 15.76
N PRO A 86 16.00 5.12 16.96
CA PRO A 86 14.56 4.87 17.13
C PRO A 86 13.74 6.12 16.91
N SER A 87 12.43 5.94 16.72
CA SER A 87 11.53 7.06 16.50
C SER A 87 10.38 7.04 17.51
N ALA A 88 9.62 5.96 17.51
CA ALA A 88 8.50 5.82 18.44
C ALA A 88 8.28 4.36 18.82
N SER A 89 7.95 4.13 20.09
CA SER A 89 7.71 2.78 20.58
C SER A 89 6.22 2.45 20.55
N SER A 90 5.90 1.25 20.06
CA SER A 90 4.52 0.80 19.97
C SER A 90 4.22 -0.26 21.02
N GLY A 91 4.74 -0.06 22.22
CA GLY A 91 4.52 -1.01 23.30
C GLY A 91 3.78 -0.40 24.47
N PRO A 92 4.51 0.41 25.28
CA PRO A 92 3.94 1.07 26.45
C PRO A 92 2.95 2.17 26.07
N SER A 93 2.72 2.34 24.78
CA SER A 93 1.80 3.36 24.29
C SER A 93 0.37 3.04 24.68
N SER A 94 -0.18 3.82 25.61
CA SER A 94 -1.55 3.60 26.07
C SER A 94 -2.51 4.55 25.36
N GLY A 95 -3.77 4.13 25.25
CA GLY A 95 -4.77 4.95 24.60
C GLY A 95 -4.78 4.77 23.09
N GLY A 1 -6.38 -8.02 10.11
CA GLY A 1 -6.55 -9.23 10.90
C GLY A 1 -7.91 -9.87 10.69
N SER A 2 -8.80 -9.70 11.67
CA SER A 2 -10.14 -10.27 11.59
C SER A 2 -10.84 -9.82 10.31
N SER A 3 -11.31 -10.79 9.53
CA SER A 3 -12.01 -10.48 8.29
C SER A 3 -13.37 -11.19 8.23
N GLY A 4 -14.34 -10.54 7.60
CA GLY A 4 -15.67 -11.11 7.50
C GLY A 4 -16.44 -10.59 6.30
N SER A 5 -15.75 -10.47 5.17
CA SER A 5 -16.37 -9.98 3.95
C SER A 5 -15.60 -10.44 2.72
N SER A 6 -16.32 -10.67 1.63
CA SER A 6 -15.70 -11.11 0.38
C SER A 6 -14.67 -10.11 -0.11
N GLY A 7 -13.89 -10.50 -1.11
CA GLY A 7 -12.87 -9.62 -1.66
C GLY A 7 -11.75 -10.38 -2.34
N ILE A 8 -10.79 -9.65 -2.87
CA ILE A 8 -9.66 -10.26 -3.56
C ILE A 8 -8.38 -10.12 -2.74
N ASN A 9 -7.52 -11.13 -2.81
CA ASN A 9 -6.26 -11.13 -2.08
C ASN A 9 -5.12 -10.64 -2.96
N VAL A 10 -4.24 -9.82 -2.38
CA VAL A 10 -3.11 -9.27 -3.12
C VAL A 10 -1.80 -9.47 -2.33
N ARG A 11 -0.75 -9.86 -3.03
CA ARG A 11 0.54 -10.08 -2.41
C ARG A 11 1.45 -8.86 -2.59
N LEU A 12 1.96 -8.33 -1.48
CA LEU A 12 2.83 -7.17 -1.52
C LEU A 12 4.30 -7.60 -1.58
N LYS A 13 4.90 -7.47 -2.76
CA LYS A 13 6.30 -7.85 -2.96
C LYS A 13 7.20 -6.61 -2.91
N PHE A 14 8.29 -6.72 -2.16
CA PHE A 14 9.23 -5.62 -2.03
C PHE A 14 10.52 -5.90 -2.81
N LEU A 15 11.33 -4.87 -2.99
CA LEU A 15 12.58 -5.00 -3.72
C LEU A 15 13.60 -5.80 -2.91
N ASN A 16 13.31 -5.97 -1.63
CA ASN A 16 14.20 -6.73 -0.75
C ASN A 16 14.04 -8.23 -0.95
N ASP A 17 13.21 -8.59 -1.93
CA ASP A 17 12.97 -10.00 -2.23
C ASP A 17 12.08 -10.63 -1.16
N THR A 18 11.00 -9.95 -0.81
CA THR A 18 10.07 -10.46 0.20
C THR A 18 8.62 -10.28 -0.25
N GLU A 19 7.70 -10.85 0.52
CA GLU A 19 6.28 -10.76 0.19
C GLU A 19 5.44 -10.63 1.45
N GLU A 20 4.26 -10.02 1.32
CA GLU A 20 3.37 -9.83 2.46
C GLU A 20 1.91 -10.03 2.04
N LEU A 21 1.19 -10.84 2.81
CA LEU A 21 -0.21 -11.12 2.53
C LEU A 21 -1.08 -9.91 2.85
N ALA A 22 -1.74 -9.36 1.83
CA ALA A 22 -2.61 -8.20 2.01
C ALA A 22 -3.87 -8.33 1.17
N VAL A 23 -5.02 -8.26 1.83
CA VAL A 23 -6.31 -8.37 1.15
C VAL A 23 -6.80 -7.00 0.69
N ALA A 24 -7.06 -6.87 -0.60
CA ALA A 24 -7.55 -5.62 -1.17
C ALA A 24 -8.82 -5.83 -1.98
N ARG A 25 -9.60 -4.77 -2.14
CA ARG A 25 -10.85 -4.84 -2.90
C ARG A 25 -10.71 -4.14 -4.25
N PRO A 26 -11.51 -4.57 -5.23
CA PRO A 26 -11.50 -3.99 -6.57
C PRO A 26 -12.06 -2.57 -6.60
N GLU A 27 -12.50 -2.08 -5.44
CA GLU A 27 -13.06 -0.74 -5.33
C GLU A 27 -12.11 0.19 -4.58
N ASP A 28 -11.38 -0.37 -3.62
CA ASP A 28 -10.43 0.41 -2.83
C ASP A 28 -9.51 1.23 -3.72
N THR A 29 -8.70 2.07 -3.11
CA THR A 29 -7.78 2.93 -3.85
C THR A 29 -6.33 2.60 -3.50
N VAL A 30 -5.41 2.96 -4.39
CA VAL A 30 -4.00 2.72 -4.17
C VAL A 30 -3.48 3.46 -2.94
N GLY A 31 -3.95 4.70 -2.77
CA GLY A 31 -3.53 5.50 -1.63
C GLY A 31 -3.94 4.88 -0.31
N THR A 32 -5.13 4.28 -0.28
CA THR A 32 -5.64 3.65 0.93
C THR A 32 -4.86 2.39 1.26
N LEU A 33 -4.57 1.59 0.24
CA LEU A 33 -3.83 0.35 0.43
C LEU A 33 -2.49 0.61 1.13
N LYS A 34 -1.77 1.62 0.65
CA LYS A 34 -0.48 1.97 1.22
C LYS A 34 -0.63 2.33 2.71
N SER A 35 -1.60 3.18 3.01
CA SER A 35 -1.84 3.60 4.38
C SER A 35 -2.42 2.45 5.21
N LYS A 36 -3.13 1.55 4.54
CA LYS A 36 -3.73 0.40 5.21
C LYS A 36 -2.66 -0.52 5.79
N TYR A 37 -1.65 -0.85 4.97
CA TYR A 37 -0.57 -1.71 5.40
C TYR A 37 0.66 -0.90 5.77
N PHE A 38 0.99 0.09 4.94
CA PHE A 38 2.14 0.94 5.20
C PHE A 38 1.71 2.36 5.53
N PRO A 39 1.26 2.57 6.77
CA PRO A 39 0.80 3.88 7.24
C PRO A 39 1.94 4.87 7.40
N GLY A 40 1.74 6.09 6.91
CA GLY A 40 2.77 7.11 7.01
C GLY A 40 3.90 6.90 6.01
N GLN A 41 4.31 5.65 5.85
CA GLN A 41 5.39 5.32 4.92
C GLN A 41 4.94 5.53 3.48
N GLU A 42 3.64 5.76 3.29
CA GLU A 42 3.10 5.97 1.96
C GLU A 42 3.95 6.94 1.16
N SER A 43 4.73 7.75 1.86
CA SER A 43 5.60 8.73 1.21
C SER A 43 6.54 8.05 0.23
N GLN A 44 7.38 7.15 0.75
CA GLN A 44 8.33 6.43 -0.09
C GLN A 44 7.68 5.21 -0.73
N MET A 45 6.88 4.49 0.05
CA MET A 45 6.19 3.30 -0.44
C MET A 45 5.57 3.56 -1.81
N LYS A 46 6.08 2.88 -2.83
CA LYS A 46 5.58 3.04 -4.19
C LYS A 46 5.21 1.69 -4.79
N LEU A 47 3.95 1.56 -5.20
CA LEU A 47 3.47 0.32 -5.79
C LEU A 47 3.57 0.37 -7.32
N ILE A 48 3.94 -0.75 -7.91
CA ILE A 48 4.08 -0.84 -9.37
C ILE A 48 3.31 -2.05 -9.91
N TYR A 49 2.39 -1.78 -10.84
CA TYR A 49 1.60 -2.84 -11.44
C TYR A 49 1.88 -2.95 -12.93
N GLN A 50 2.52 -4.04 -13.34
CA GLN A 50 2.85 -4.25 -14.74
C GLN A 50 3.79 -3.17 -15.26
N GLY A 51 4.90 -2.97 -14.56
CA GLY A 51 5.87 -1.96 -14.96
C GLY A 51 5.30 -0.55 -14.87
N ARG A 52 4.07 -0.44 -14.38
CA ARG A 52 3.42 0.86 -14.24
C ARG A 52 3.41 1.31 -12.78
N LEU A 53 3.72 2.58 -12.56
CA LEU A 53 3.73 3.13 -11.21
C LEU A 53 2.34 3.57 -10.78
N LEU A 54 1.89 3.07 -9.63
CA LEU A 54 0.58 3.40 -9.11
C LEU A 54 0.61 4.76 -8.40
N GLN A 55 1.06 5.77 -9.11
CA GLN A 55 1.14 7.12 -8.56
C GLN A 55 -0.22 7.57 -8.04
N ASP A 56 -1.13 7.87 -8.96
CA ASP A 56 -2.47 8.31 -8.58
C ASP A 56 -3.03 7.47 -7.45
N PRO A 57 -3.01 8.03 -6.23
CA PRO A 57 -3.51 7.34 -5.03
C PRO A 57 -5.02 7.17 -5.04
N ALA A 58 -5.67 7.68 -6.10
CA ALA A 58 -7.11 7.59 -6.24
C ALA A 58 -7.50 6.67 -7.38
N ARG A 59 -6.59 5.77 -7.75
CA ARG A 59 -6.83 4.83 -8.84
C ARG A 59 -7.44 3.53 -8.32
N THR A 60 -8.72 3.33 -8.59
CA THR A 60 -9.42 2.12 -8.15
C THR A 60 -8.66 0.87 -8.57
N LEU A 61 -8.59 -0.10 -7.67
CA LEU A 61 -7.91 -1.35 -7.93
C LEU A 61 -8.49 -2.05 -9.16
N SER A 62 -9.79 -1.87 -9.37
CA SER A 62 -10.47 -2.48 -10.50
C SER A 62 -9.95 -1.91 -11.81
N SER A 63 -9.76 -0.60 -11.86
CA SER A 63 -9.25 0.06 -13.05
C SER A 63 -7.81 -0.34 -13.35
N LEU A 64 -7.04 -0.54 -12.29
CA LEU A 64 -5.64 -0.93 -12.43
C LEU A 64 -5.52 -2.41 -12.79
N ASN A 65 -6.67 -3.07 -12.95
CA ASN A 65 -6.69 -4.48 -13.30
C ASN A 65 -6.14 -5.34 -12.16
N ILE A 66 -6.31 -4.85 -10.93
CA ILE A 66 -5.84 -5.56 -9.75
C ILE A 66 -6.86 -6.60 -9.29
N THR A 67 -6.67 -7.84 -9.73
CA THR A 67 -7.58 -8.92 -9.34
C THR A 67 -7.00 -9.76 -8.22
N ASN A 68 -7.69 -10.84 -7.86
CA ASN A 68 -7.26 -11.72 -6.80
C ASN A 68 -6.12 -12.62 -7.27
N ASN A 69 -5.23 -12.97 -6.35
CA ASN A 69 -4.09 -13.83 -6.69
C ASN A 69 -3.04 -13.06 -7.48
N CYS A 70 -3.00 -11.75 -7.28
CA CYS A 70 -2.04 -10.90 -7.98
C CYS A 70 -0.95 -10.40 -7.02
N VAL A 71 0.19 -10.00 -7.58
CA VAL A 71 1.29 -9.50 -6.79
C VAL A 71 1.67 -8.08 -7.19
N ILE A 72 1.82 -7.21 -6.21
CA ILE A 72 2.18 -5.83 -6.46
C ILE A 72 3.59 -5.52 -5.95
N HIS A 73 4.44 -5.03 -6.85
CA HIS A 73 5.81 -4.69 -6.49
C HIS A 73 5.88 -3.36 -5.74
N CYS A 74 6.70 -3.31 -4.71
CA CYS A 74 6.85 -2.10 -3.91
C CYS A 74 8.30 -1.60 -3.93
N HIS A 75 8.46 -0.29 -4.05
CA HIS A 75 9.79 0.31 -4.09
C HIS A 75 9.98 1.28 -2.93
N ARG A 76 11.01 1.05 -2.12
CA ARG A 76 11.29 1.90 -0.97
C ARG A 76 12.42 2.89 -1.30
N SER A 77 12.08 4.17 -1.34
CA SER A 77 13.06 5.21 -1.64
C SER A 77 13.92 5.51 -0.42
N PRO A 78 15.18 5.92 -0.67
CA PRO A 78 16.12 6.26 0.40
C PRO A 78 15.74 7.54 1.13
N PRO A 79 16.05 7.60 2.43
CA PRO A 79 15.76 8.76 3.27
C PRO A 79 16.62 9.97 2.92
N GLY A 80 15.99 11.14 2.87
CA GLY A 80 16.72 12.35 2.54
C GLY A 80 16.47 13.47 3.53
N ALA A 81 17.10 13.36 4.70
CA ALA A 81 16.94 14.37 5.75
C ALA A 81 15.48 14.76 5.92
N ALA A 82 14.61 13.76 5.95
CA ALA A 82 13.18 14.01 6.11
C ALA A 82 12.72 13.67 7.53
N VAL A 83 12.13 14.65 8.21
CA VAL A 83 11.64 14.46 9.56
C VAL A 83 10.24 15.03 9.73
N SER A 84 9.51 14.50 10.71
CA SER A 84 8.15 14.96 10.98
C SER A 84 7.79 14.78 12.44
N GLY A 85 7.13 15.78 13.02
CA GLY A 85 6.73 15.72 14.41
C GLY A 85 5.30 15.25 14.59
N PRO A 86 4.48 16.09 15.24
CA PRO A 86 3.07 15.77 15.49
C PRO A 86 2.24 15.80 14.22
N SER A 87 1.85 14.61 13.75
CA SER A 87 1.05 14.49 12.54
C SER A 87 -0.43 14.25 12.88
N ALA A 88 -1.19 15.32 12.98
CA ALA A 88 -2.61 15.22 13.29
C ALA A 88 -2.82 14.57 14.65
N SER A 89 -1.96 14.90 15.60
CA SER A 89 -2.05 14.33 16.95
C SER A 89 -2.11 15.45 17.99
N SER A 90 -2.91 15.22 19.03
CA SER A 90 -3.06 16.20 20.10
C SER A 90 -3.26 17.60 19.53
N GLY A 91 -4.14 17.72 18.55
CA GLY A 91 -4.39 19.01 17.93
C GLY A 91 -5.86 19.39 17.97
N PRO A 92 -6.29 19.99 19.09
CA PRO A 92 -7.68 20.42 19.28
C PRO A 92 -8.04 21.60 18.40
N SER A 93 -9.32 21.72 18.09
CA SER A 93 -9.81 22.81 17.23
C SER A 93 -10.95 23.56 17.92
N SER A 94 -11.85 22.82 18.56
CA SER A 94 -12.98 23.42 19.25
C SER A 94 -12.92 23.13 20.75
N GLY A 95 -11.73 23.22 21.32
CA GLY A 95 -11.56 22.95 22.74
C GLY A 95 -10.14 23.15 23.20
N GLY A 1 -24.81 -12.94 8.74
CA GLY A 1 -23.67 -13.35 7.95
C GLY A 1 -22.57 -12.31 7.91
N SER A 2 -22.60 -11.46 6.89
CA SER A 2 -21.59 -10.41 6.75
C SER A 2 -21.96 -9.46 5.62
N SER A 3 -21.78 -8.16 5.85
CA SER A 3 -22.09 -7.15 4.86
C SER A 3 -21.03 -7.11 3.77
N GLY A 4 -21.34 -6.46 2.66
CA GLY A 4 -20.40 -6.35 1.56
C GLY A 4 -19.97 -7.70 1.04
N SER A 5 -18.66 -7.95 1.07
CA SER A 5 -18.12 -9.22 0.58
C SER A 5 -16.68 -9.41 1.06
N SER A 6 -16.19 -10.64 0.96
CA SER A 6 -14.83 -10.95 1.39
C SER A 6 -13.82 -10.06 0.68
N GLY A 7 -13.76 -10.17 -0.65
CA GLY A 7 -12.83 -9.37 -1.43
C GLY A 7 -11.73 -10.20 -2.04
N ILE A 8 -10.83 -9.55 -2.77
CA ILE A 8 -9.71 -10.23 -3.41
C ILE A 8 -8.44 -10.07 -2.60
N ASN A 9 -7.55 -11.06 -2.73
CA ASN A 9 -6.27 -11.03 -2.00
C ASN A 9 -5.15 -10.51 -2.90
N VAL A 10 -4.25 -9.73 -2.31
CA VAL A 10 -3.13 -9.16 -3.05
C VAL A 10 -1.82 -9.39 -2.31
N ARG A 11 -0.78 -9.77 -3.05
CA ARG A 11 0.53 -10.03 -2.46
C ARG A 11 1.47 -8.85 -2.70
N LEU A 12 1.88 -8.20 -1.63
CA LEU A 12 2.78 -7.05 -1.73
C LEU A 12 4.24 -7.50 -1.77
N LYS A 13 4.84 -7.42 -2.95
CA LYS A 13 6.23 -7.82 -3.13
C LYS A 13 7.15 -6.61 -3.10
N PHE A 14 8.25 -6.72 -2.36
CA PHE A 14 9.21 -5.63 -2.25
C PHE A 14 10.49 -5.95 -3.01
N LEU A 15 11.31 -4.94 -3.23
CA LEU A 15 12.57 -5.10 -3.96
C LEU A 15 13.56 -5.93 -3.14
N ASN A 16 13.20 -6.22 -1.89
CA ASN A 16 14.05 -7.01 -1.01
C ASN A 16 13.79 -8.50 -1.20
N ASP A 17 13.09 -8.84 -2.27
CA ASP A 17 12.78 -10.25 -2.56
C ASP A 17 11.86 -10.83 -1.50
N THR A 18 10.95 -10.01 -0.99
CA THR A 18 10.00 -10.45 0.03
C THR A 18 8.57 -10.11 -0.37
N GLU A 19 7.62 -10.85 0.20
CA GLU A 19 6.21 -10.63 -0.10
C GLU A 19 5.40 -10.50 1.19
N GLU A 20 4.31 -9.74 1.13
CA GLU A 20 3.46 -9.54 2.28
C GLU A 20 1.99 -9.77 1.92
N LEU A 21 1.29 -10.55 2.75
CA LEU A 21 -0.11 -10.84 2.51
C LEU A 21 -0.99 -9.63 2.81
N ALA A 22 -1.69 -9.15 1.79
CA ALA A 22 -2.56 -8.00 1.93
C ALA A 22 -3.84 -8.16 1.10
N VAL A 23 -4.99 -8.13 1.76
CA VAL A 23 -6.27 -8.28 1.08
C VAL A 23 -6.81 -6.92 0.63
N ALA A 24 -7.03 -6.78 -0.67
CA ALA A 24 -7.55 -5.55 -1.23
C ALA A 24 -8.83 -5.80 -2.03
N ARG A 25 -9.62 -4.73 -2.20
CA ARG A 25 -10.88 -4.84 -2.93
C ARG A 25 -10.80 -4.08 -4.25
N PRO A 26 -11.59 -4.52 -5.24
CA PRO A 26 -11.63 -3.90 -6.56
C PRO A 26 -12.27 -2.52 -6.54
N GLU A 27 -12.65 -2.07 -5.34
CA GLU A 27 -13.28 -0.77 -5.18
C GLU A 27 -12.38 0.18 -4.39
N ASP A 28 -11.49 -0.40 -3.59
CA ASP A 28 -10.56 0.39 -2.78
C ASP A 28 -9.67 1.26 -3.66
N THR A 29 -8.79 2.02 -3.04
CA THR A 29 -7.88 2.91 -3.76
C THR A 29 -6.42 2.54 -3.48
N VAL A 30 -5.53 2.95 -4.38
CA VAL A 30 -4.12 2.67 -4.22
C VAL A 30 -3.56 3.34 -2.99
N GLY A 31 -3.95 4.59 -2.76
CA GLY A 31 -3.47 5.33 -1.60
C GLY A 31 -3.91 4.69 -0.30
N THR A 32 -5.14 4.18 -0.27
CA THR A 32 -5.68 3.55 0.93
C THR A 32 -4.99 2.22 1.20
N LEU A 33 -4.56 1.54 0.14
CA LEU A 33 -3.89 0.26 0.27
C LEU A 33 -2.53 0.42 0.94
N LYS A 34 -1.76 1.40 0.47
CA LYS A 34 -0.44 1.68 1.02
C LYS A 34 -0.54 2.25 2.43
N SER A 35 -1.54 3.11 2.64
CA SER A 35 -1.74 3.74 3.94
C SER A 35 -2.30 2.74 4.94
N LYS A 36 -3.05 1.76 4.44
CA LYS A 36 -3.63 0.73 5.30
C LYS A 36 -2.55 -0.21 5.83
N TYR A 37 -1.68 -0.67 4.93
CA TYR A 37 -0.60 -1.58 5.32
C TYR A 37 0.68 -0.81 5.61
N PHE A 38 0.77 0.41 5.08
CA PHE A 38 1.94 1.25 5.28
C PHE A 38 1.53 2.68 5.61
N PRO A 39 1.07 2.88 6.86
CA PRO A 39 0.64 4.20 7.34
C PRO A 39 1.81 5.16 7.52
N GLY A 40 1.72 6.31 6.87
CA GLY A 40 2.78 7.31 6.97
C GLY A 40 3.96 6.97 6.11
N GLN A 41 4.11 5.69 5.76
CA GLN A 41 5.22 5.24 4.94
C GLN A 41 4.89 5.38 3.45
N GLU A 42 3.60 5.56 3.16
CA GLU A 42 3.15 5.69 1.78
C GLU A 42 4.09 6.61 0.99
N SER A 43 4.80 7.47 1.71
CA SER A 43 5.72 8.41 1.07
C SER A 43 6.80 7.65 0.30
N GLN A 44 7.45 6.72 0.96
CA GLN A 44 8.51 5.92 0.33
C GLN A 44 7.93 4.68 -0.33
N MET A 45 6.92 4.09 0.30
CA MET A 45 6.28 2.90 -0.24
C MET A 45 5.64 3.17 -1.59
N LYS A 46 6.33 2.78 -2.66
CA LYS A 46 5.83 2.99 -4.01
C LYS A 46 5.38 1.67 -4.63
N LEU A 47 4.12 1.60 -5.03
CA LEU A 47 3.57 0.40 -5.64
C LEU A 47 3.66 0.48 -7.17
N ILE A 48 4.05 -0.62 -7.79
CA ILE A 48 4.17 -0.68 -9.24
C ILE A 48 3.44 -1.90 -9.80
N TYR A 49 2.50 -1.64 -10.70
CA TYR A 49 1.73 -2.72 -11.32
C TYR A 49 2.05 -2.83 -12.81
N GLN A 50 2.53 -3.99 -13.22
CA GLN A 50 2.88 -4.22 -14.62
C GLN A 50 3.86 -3.17 -15.13
N GLY A 51 4.87 -2.87 -14.32
CA GLY A 51 5.85 -1.88 -14.70
C GLY A 51 5.32 -0.46 -14.63
N ARG A 52 4.06 -0.33 -14.20
CA ARG A 52 3.43 0.98 -14.10
C ARG A 52 3.41 1.46 -12.65
N LEU A 53 3.70 2.74 -12.45
CA LEU A 53 3.72 3.32 -11.11
C LEU A 53 2.32 3.76 -10.70
N LEU A 54 1.82 3.20 -9.60
CA LEU A 54 0.50 3.54 -9.09
C LEU A 54 0.51 4.90 -8.40
N GLN A 55 1.00 5.91 -9.10
CA GLN A 55 1.06 7.26 -8.56
C GLN A 55 -0.30 7.71 -8.03
N ASP A 56 -1.22 8.00 -8.94
CA ASP A 56 -2.56 8.43 -8.56
C ASP A 56 -3.13 7.53 -7.47
N PRO A 57 -3.15 8.06 -6.24
CA PRO A 57 -3.68 7.32 -5.07
C PRO A 57 -5.18 7.13 -5.14
N ALA A 58 -5.80 7.62 -6.22
CA ALA A 58 -7.24 7.51 -6.39
C ALA A 58 -7.58 6.55 -7.53
N ARG A 59 -6.63 5.68 -7.86
CA ARG A 59 -6.84 4.71 -8.93
C ARG A 59 -7.42 3.41 -8.39
N THR A 60 -8.70 3.18 -8.68
CA THR A 60 -9.38 1.97 -8.21
C THR A 60 -8.60 0.72 -8.59
N LEU A 61 -8.58 -0.25 -7.69
CA LEU A 61 -7.87 -1.50 -7.92
C LEU A 61 -8.45 -2.24 -9.12
N SER A 62 -9.76 -2.08 -9.33
CA SER A 62 -10.44 -2.73 -10.44
C SER A 62 -9.94 -2.20 -11.78
N SER A 63 -9.78 -0.89 -11.86
CA SER A 63 -9.31 -0.24 -13.08
C SER A 63 -7.85 -0.62 -13.37
N LEU A 64 -7.07 -0.78 -12.31
CA LEU A 64 -5.66 -1.14 -12.43
C LEU A 64 -5.50 -2.62 -12.78
N ASN A 65 -6.63 -3.29 -13.01
CA ASN A 65 -6.63 -4.70 -13.35
C ASN A 65 -6.04 -5.53 -12.21
N ILE A 66 -6.35 -5.14 -10.98
CA ILE A 66 -5.86 -5.85 -9.80
C ILE A 66 -6.87 -6.89 -9.34
N THR A 67 -6.66 -8.14 -9.77
CA THR A 67 -7.55 -9.23 -9.40
C THR A 67 -6.99 -10.01 -8.21
N ASN A 68 -7.66 -11.10 -7.86
CA ASN A 68 -7.24 -11.94 -6.74
C ASN A 68 -5.95 -12.69 -7.09
N ASN A 69 -5.07 -12.83 -6.11
CA ASN A 69 -3.81 -13.53 -6.31
C ASN A 69 -2.84 -12.69 -7.14
N CYS A 70 -3.03 -11.38 -7.10
CA CYS A 70 -2.17 -10.45 -7.83
C CYS A 70 -1.03 -9.94 -6.96
N VAL A 71 0.16 -9.83 -7.53
CA VAL A 71 1.32 -9.34 -6.81
C VAL A 71 1.67 -7.92 -7.21
N ILE A 72 1.91 -7.07 -6.21
CA ILE A 72 2.26 -5.68 -6.45
C ILE A 72 3.67 -5.37 -5.97
N HIS A 73 4.51 -4.89 -6.89
CA HIS A 73 5.89 -4.55 -6.55
C HIS A 73 5.96 -3.28 -5.71
N CYS A 74 6.82 -3.27 -4.71
CA CYS A 74 6.97 -2.11 -3.84
C CYS A 74 8.37 -1.51 -3.96
N HIS A 75 8.46 -0.20 -3.85
CA HIS A 75 9.73 0.50 -3.95
C HIS A 75 10.00 1.34 -2.70
N ARG A 76 11.13 1.09 -2.06
CA ARG A 76 11.50 1.81 -0.85
C ARG A 76 12.67 2.77 -1.12
N SER A 77 12.43 4.05 -0.90
CA SER A 77 13.46 5.06 -1.12
C SER A 77 14.17 5.43 0.19
N PRO A 78 15.46 5.77 0.08
CA PRO A 78 16.27 6.15 1.25
C PRO A 78 15.85 7.48 1.85
N PRO A 79 16.01 7.63 3.16
CA PRO A 79 15.66 8.86 3.89
C PRO A 79 16.59 10.00 3.55
N GLY A 80 16.03 11.08 3.01
CA GLY A 80 16.83 12.24 2.65
C GLY A 80 17.49 12.88 3.86
N ALA A 81 16.76 12.99 4.95
CA ALA A 81 17.29 13.58 6.18
C ALA A 81 16.86 12.78 7.40
N ALA A 82 17.83 12.27 8.14
CA ALA A 82 17.55 11.49 9.34
C ALA A 82 17.32 12.40 10.54
N VAL A 83 16.06 12.47 10.98
CA VAL A 83 15.70 13.31 12.11
C VAL A 83 14.93 12.50 13.16
N SER A 84 15.30 12.67 14.42
CA SER A 84 14.65 11.96 15.51
C SER A 84 13.16 12.33 15.59
N GLY A 85 12.32 11.33 15.79
CA GLY A 85 10.89 11.56 15.88
C GLY A 85 10.19 10.54 16.75
N PRO A 86 9.08 10.96 17.40
CA PRO A 86 8.30 10.09 18.27
C PRO A 86 7.55 9.01 17.49
N SER A 87 7.56 9.12 16.18
CA SER A 87 6.89 8.16 15.31
C SER A 87 7.58 6.80 15.38
N ALA A 88 7.43 6.13 16.51
CA ALA A 88 8.03 4.81 16.70
C ALA A 88 6.97 3.75 16.95
N SER A 89 7.17 2.56 16.38
CA SER A 89 6.23 1.47 16.55
C SER A 89 5.62 1.47 17.95
N SER A 90 4.35 1.09 18.04
CA SER A 90 3.66 1.06 19.32
C SER A 90 3.11 -0.34 19.60
N GLY A 91 3.77 -1.04 20.52
CA GLY A 91 3.34 -2.39 20.87
C GLY A 91 4.30 -3.45 20.39
N PRO A 92 5.37 -3.69 21.19
CA PRO A 92 6.39 -4.68 20.86
C PRO A 92 5.87 -6.10 20.98
N SER A 93 5.40 -6.65 19.86
CA SER A 93 4.86 -8.01 19.84
C SER A 93 3.64 -8.13 20.74
N SER A 94 2.81 -7.09 20.74
CA SER A 94 1.61 -7.07 21.56
C SER A 94 0.63 -6.00 21.07
N GLY A 95 -0.66 -6.30 21.14
CA GLY A 95 -1.67 -5.35 20.71
C GLY A 95 -3.08 -5.86 20.95
N GLY A 1 -17.21 -21.09 11.03
CA GLY A 1 -16.92 -20.73 9.65
C GLY A 1 -18.00 -19.84 9.05
N SER A 2 -18.00 -18.57 9.44
CA SER A 2 -18.97 -17.62 8.94
C SER A 2 -18.32 -16.59 8.01
N SER A 3 -18.84 -16.50 6.79
CA SER A 3 -18.30 -15.55 5.82
C SER A 3 -19.14 -14.28 5.75
N GLY A 4 -18.47 -13.14 5.68
CA GLY A 4 -19.17 -11.87 5.62
C GLY A 4 -18.48 -10.87 4.72
N SER A 5 -17.25 -10.51 5.06
CA SER A 5 -16.48 -9.55 4.27
C SER A 5 -15.67 -10.26 3.18
N SER A 6 -16.13 -10.13 1.94
CA SER A 6 -15.46 -10.75 0.81
C SER A 6 -14.54 -9.76 0.11
N GLY A 7 -13.60 -10.29 -0.68
CA GLY A 7 -12.67 -9.44 -1.39
C GLY A 7 -11.54 -10.22 -2.03
N ILE A 8 -10.71 -9.54 -2.81
CA ILE A 8 -9.59 -10.18 -3.48
C ILE A 8 -8.31 -10.03 -2.68
N ASN A 9 -7.47 -11.07 -2.71
CA ASN A 9 -6.21 -11.05 -1.98
C ASN A 9 -5.07 -10.56 -2.87
N VAL A 10 -4.19 -9.74 -2.30
CA VAL A 10 -3.06 -9.19 -3.03
C VAL A 10 -1.75 -9.41 -2.27
N ARG A 11 -0.73 -9.86 -2.99
CA ARG A 11 0.57 -10.11 -2.38
C ARG A 11 1.53 -8.95 -2.65
N LEU A 12 1.99 -8.31 -1.57
CA LEU A 12 2.91 -7.19 -1.68
C LEU A 12 4.35 -7.67 -1.79
N LYS A 13 4.92 -7.55 -2.98
CA LYS A 13 6.29 -7.98 -3.21
C LYS A 13 7.25 -6.78 -3.17
N PHE A 14 8.30 -6.90 -2.36
CA PHE A 14 9.28 -5.83 -2.23
C PHE A 14 10.58 -6.20 -2.93
N LEU A 15 11.41 -5.19 -3.22
CA LEU A 15 12.69 -5.41 -3.89
C LEU A 15 13.65 -6.18 -2.98
N ASN A 16 13.22 -6.43 -1.75
CA ASN A 16 14.04 -7.14 -0.78
C ASN A 16 13.91 -8.65 -0.99
N ASP A 17 13.24 -9.05 -2.06
CA ASP A 17 13.04 -10.45 -2.37
C ASP A 17 12.08 -11.11 -1.38
N THR A 18 11.13 -10.32 -0.88
CA THR A 18 10.15 -10.81 0.07
C THR A 18 8.73 -10.46 -0.36
N GLU A 19 7.75 -11.02 0.34
CA GLU A 19 6.34 -10.77 0.02
C GLU A 19 5.52 -10.65 1.30
N GLU A 20 4.39 -9.95 1.21
CA GLU A 20 3.52 -9.76 2.35
C GLU A 20 2.05 -9.95 1.95
N LEU A 21 1.29 -10.63 2.80
CA LEU A 21 -0.11 -10.88 2.53
C LEU A 21 -0.94 -9.63 2.78
N ALA A 22 -1.64 -9.17 1.75
CA ALA A 22 -2.47 -7.98 1.86
C ALA A 22 -3.75 -8.12 1.03
N VAL A 23 -4.89 -8.14 1.71
CA VAL A 23 -6.17 -8.28 1.03
C VAL A 23 -6.72 -6.92 0.62
N ALA A 24 -6.97 -6.76 -0.68
CA ALA A 24 -7.51 -5.51 -1.20
C ALA A 24 -8.78 -5.74 -1.99
N ARG A 25 -9.59 -4.69 -2.13
CA ARG A 25 -10.85 -4.79 -2.86
C ARG A 25 -10.76 -4.04 -4.19
N PRO A 26 -11.56 -4.47 -5.17
CA PRO A 26 -11.60 -3.86 -6.50
C PRO A 26 -12.21 -2.46 -6.47
N GLU A 27 -12.61 -2.01 -5.29
CA GLU A 27 -13.21 -0.69 -5.13
C GLU A 27 -12.27 0.26 -4.40
N ASP A 28 -11.48 -0.30 -3.49
CA ASP A 28 -10.53 0.50 -2.72
C ASP A 28 -9.67 1.35 -3.64
N THR A 29 -8.76 2.12 -3.05
CA THR A 29 -7.87 2.99 -3.81
C THR A 29 -6.41 2.71 -3.51
N VAL A 30 -5.52 3.07 -4.43
CA VAL A 30 -4.09 2.84 -4.26
C VAL A 30 -3.57 3.60 -3.05
N GLY A 31 -4.03 4.84 -2.88
CA GLY A 31 -3.59 5.65 -1.76
C GLY A 31 -4.00 5.06 -0.42
N THR A 32 -5.18 4.45 -0.38
CA THR A 32 -5.68 3.84 0.85
C THR A 32 -4.90 2.57 1.19
N LEU A 33 -4.59 1.79 0.17
CA LEU A 33 -3.86 0.54 0.35
C LEU A 33 -2.54 0.80 1.09
N LYS A 34 -1.81 1.81 0.63
CA LYS A 34 -0.53 2.15 1.24
C LYS A 34 -0.71 2.49 2.72
N SER A 35 -1.69 3.33 3.02
CA SER A 35 -1.97 3.73 4.40
C SER A 35 -2.55 2.58 5.19
N LYS A 36 -3.25 1.68 4.50
CA LYS A 36 -3.87 0.53 5.14
C LYS A 36 -2.80 -0.41 5.71
N TYR A 37 -1.79 -0.72 4.91
CA TYR A 37 -0.71 -1.60 5.33
C TYR A 37 0.51 -0.80 5.76
N PHE A 38 0.86 0.20 4.95
CA PHE A 38 2.02 1.04 5.25
C PHE A 38 1.57 2.47 5.57
N PRO A 39 1.12 2.68 6.81
CA PRO A 39 0.66 3.99 7.28
C PRO A 39 1.81 4.98 7.44
N GLY A 40 1.67 6.14 6.80
CA GLY A 40 2.70 7.15 6.88
C GLY A 40 3.90 6.84 5.99
N GLN A 41 4.05 5.56 5.63
CA GLN A 41 5.15 5.14 4.78
C GLN A 41 4.79 5.28 3.30
N GLU A 42 3.51 5.47 3.03
CA GLU A 42 3.03 5.60 1.66
C GLU A 42 3.92 6.57 0.88
N SER A 43 4.63 7.44 1.59
CA SER A 43 5.51 8.41 0.96
C SER A 43 6.61 7.71 0.16
N GLN A 44 7.31 6.77 0.81
CA GLN A 44 8.38 6.04 0.16
C GLN A 44 7.85 4.73 -0.44
N MET A 45 6.94 4.08 0.27
CA MET A 45 6.36 2.83 -0.20
C MET A 45 5.58 3.04 -1.49
N LYS A 46 6.28 2.90 -2.62
CA LYS A 46 5.66 3.08 -3.93
C LYS A 46 5.25 1.73 -4.52
N LEU A 47 4.03 1.67 -5.04
CA LEU A 47 3.51 0.43 -5.64
C LEU A 47 3.56 0.51 -7.16
N ILE A 48 3.99 -0.59 -7.78
CA ILE A 48 4.08 -0.66 -9.23
C ILE A 48 3.38 -1.90 -9.78
N TYR A 49 2.42 -1.69 -10.66
CA TYR A 49 1.68 -2.79 -11.26
C TYR A 49 1.96 -2.90 -12.75
N GLN A 50 2.60 -3.99 -13.15
CA GLN A 50 2.93 -4.22 -14.55
C GLN A 50 3.88 -3.15 -15.07
N GLY A 51 4.90 -2.82 -14.27
CA GLY A 51 5.86 -1.81 -14.66
C GLY A 51 5.29 -0.41 -14.58
N ARG A 52 4.03 -0.31 -14.17
CA ARG A 52 3.37 0.99 -14.06
C ARG A 52 3.31 1.44 -12.60
N LEU A 53 3.67 2.69 -12.36
CA LEU A 53 3.66 3.26 -11.02
C LEU A 53 2.24 3.67 -10.61
N LEU A 54 1.78 3.16 -9.47
CA LEU A 54 0.45 3.48 -8.98
C LEU A 54 0.42 4.88 -8.36
N GLN A 55 0.97 5.86 -9.08
CA GLN A 55 1.01 7.24 -8.60
C GLN A 55 -0.36 7.66 -8.08
N ASP A 56 -1.30 7.85 -9.00
CA ASP A 56 -2.65 8.26 -8.63
C ASP A 56 -3.18 7.42 -7.47
N PRO A 57 -3.22 8.02 -6.27
CA PRO A 57 -3.70 7.35 -5.06
C PRO A 57 -5.20 7.11 -5.10
N ALA A 58 -5.83 7.47 -6.21
CA ALA A 58 -7.27 7.29 -6.37
C ALA A 58 -7.58 6.14 -7.33
N ARG A 59 -6.65 5.90 -8.26
CA ARG A 59 -6.83 4.83 -9.23
C ARG A 59 -7.33 3.56 -8.57
N THR A 60 -8.63 3.29 -8.72
CA THR A 60 -9.23 2.10 -8.13
C THR A 60 -8.49 0.83 -8.55
N LEU A 61 -8.52 -0.17 -7.69
CA LEU A 61 -7.84 -1.43 -7.96
C LEU A 61 -8.48 -2.14 -9.16
N SER A 62 -9.78 -1.94 -9.33
CA SER A 62 -10.51 -2.55 -10.44
C SER A 62 -10.01 -2.02 -11.77
N SER A 63 -9.81 -0.71 -11.85
CA SER A 63 -9.33 -0.08 -13.08
C SER A 63 -7.90 -0.47 -13.38
N LEU A 64 -7.10 -0.64 -12.32
CA LEU A 64 -5.70 -1.02 -12.47
C LEU A 64 -5.58 -2.50 -12.81
N ASN A 65 -6.71 -3.15 -13.02
CA ASN A 65 -6.73 -4.58 -13.35
C ASN A 65 -6.15 -5.41 -12.22
N ILE A 66 -6.44 -5.01 -10.98
CA ILE A 66 -5.96 -5.72 -9.81
C ILE A 66 -6.95 -6.78 -9.34
N THR A 67 -6.68 -8.04 -9.66
CA THR A 67 -7.55 -9.13 -9.27
C THR A 67 -6.95 -9.95 -8.15
N ASN A 68 -7.60 -11.05 -7.79
CA ASN A 68 -7.13 -11.92 -6.72
C ASN A 68 -5.86 -12.65 -7.15
N ASN A 69 -5.02 -13.00 -6.17
CA ASN A 69 -3.77 -13.70 -6.45
C ASN A 69 -2.83 -12.84 -7.28
N CYS A 70 -2.90 -11.53 -7.08
CA CYS A 70 -2.06 -10.59 -7.80
C CYS A 70 -0.92 -10.08 -6.93
N VAL A 71 0.25 -9.88 -7.53
CA VAL A 71 1.41 -9.40 -6.80
C VAL A 71 1.77 -7.98 -7.22
N ILE A 72 2.03 -7.12 -6.23
CA ILE A 72 2.39 -5.74 -6.50
C ILE A 72 3.81 -5.44 -6.03
N HIS A 73 4.62 -4.90 -6.93
CA HIS A 73 6.01 -4.55 -6.61
C HIS A 73 6.08 -3.26 -5.82
N CYS A 74 6.82 -3.28 -4.72
CA CYS A 74 6.97 -2.10 -3.88
C CYS A 74 8.33 -1.44 -4.10
N HIS A 75 8.39 -0.13 -3.88
CA HIS A 75 9.63 0.62 -4.06
C HIS A 75 9.94 1.45 -2.81
N ARG A 76 11.14 1.25 -2.26
CA ARG A 76 11.56 1.98 -1.07
C ARG A 76 12.63 3.02 -1.42
N SER A 77 12.36 4.27 -1.08
CA SER A 77 13.29 5.36 -1.36
C SER A 77 13.94 5.86 -0.07
N PRO A 78 15.22 6.23 -0.16
CA PRO A 78 15.99 6.74 0.98
C PRO A 78 15.52 8.11 1.43
N PRO A 79 15.62 8.38 2.74
CA PRO A 79 15.21 9.66 3.32
C PRO A 79 16.14 10.81 2.92
N GLY A 80 15.97 11.95 3.56
CA GLY A 80 16.80 13.10 3.26
C GLY A 80 16.02 14.40 3.26
N ALA A 81 15.23 14.62 4.32
CA ALA A 81 14.43 15.82 4.44
C ALA A 81 14.20 16.18 5.91
N ALA A 82 13.87 17.44 6.16
CA ALA A 82 13.62 17.91 7.51
C ALA A 82 12.12 17.90 7.83
N VAL A 83 11.77 18.32 9.04
CA VAL A 83 10.38 18.36 9.47
C VAL A 83 10.19 19.32 10.64
N SER A 84 9.12 20.11 10.57
CA SER A 84 8.83 21.08 11.63
C SER A 84 7.33 21.15 11.88
N GLY A 85 6.95 21.48 13.11
CA GLY A 85 5.55 21.59 13.46
C GLY A 85 5.34 22.01 14.91
N PRO A 86 4.18 22.62 15.18
CA PRO A 86 3.84 23.08 16.54
C PRO A 86 3.58 21.93 17.49
N SER A 87 3.52 22.23 18.78
CA SER A 87 3.28 21.22 19.81
C SER A 87 1.81 20.82 19.84
N ALA A 88 1.54 19.61 20.31
CA ALA A 88 0.17 19.10 20.41
C ALA A 88 -0.70 20.03 21.23
N SER A 89 -1.93 20.25 20.76
CA SER A 89 -2.87 21.14 21.45
C SER A 89 -4.31 20.77 21.11
N SER A 90 -5.11 20.51 22.15
CA SER A 90 -6.50 20.14 21.96
C SER A 90 -7.41 21.00 22.84
N GLY A 91 -8.55 21.40 22.28
CA GLY A 91 -9.48 22.22 23.03
C GLY A 91 -9.48 21.90 24.51
N PRO A 92 -8.71 22.68 25.29
CA PRO A 92 -8.60 22.50 26.74
C PRO A 92 -9.89 22.86 27.46
N SER A 93 -10.48 21.90 28.16
CA SER A 93 -11.71 22.13 28.90
C SER A 93 -11.80 21.20 30.11
N SER A 94 -12.20 21.77 31.25
CA SER A 94 -12.32 21.00 32.49
C SER A 94 -12.93 19.63 32.20
N GLY A 95 -14.16 19.62 31.72
CA GLY A 95 -14.84 18.37 31.42
C GLY A 95 -16.25 18.58 30.88
N GLY A 1 -26.89 -13.09 9.85
CA GLY A 1 -25.53 -13.06 10.37
C GLY A 1 -24.78 -11.81 9.93
N SER A 2 -23.44 -11.90 9.95
CA SER A 2 -22.60 -10.78 9.56
C SER A 2 -22.36 -10.79 8.05
N SER A 3 -21.94 -9.64 7.52
CA SER A 3 -21.66 -9.51 6.10
C SER A 3 -20.17 -9.30 5.84
N GLY A 4 -19.48 -10.38 5.50
CA GLY A 4 -18.07 -10.31 5.23
C GLY A 4 -17.56 -11.48 4.42
N SER A 5 -16.28 -11.80 4.58
CA SER A 5 -15.67 -12.91 3.86
C SER A 5 -15.69 -12.66 2.35
N SER A 6 -15.40 -11.43 1.96
CA SER A 6 -15.39 -11.06 0.54
C SER A 6 -14.22 -10.13 0.23
N GLY A 7 -13.77 -10.18 -1.03
CA GLY A 7 -12.65 -9.35 -1.44
C GLY A 7 -11.54 -10.14 -2.10
N ILE A 8 -10.70 -9.46 -2.88
CA ILE A 8 -9.60 -10.12 -3.56
C ILE A 8 -8.31 -9.99 -2.77
N ASN A 9 -7.52 -11.06 -2.75
CA ASN A 9 -6.25 -11.07 -2.03
C ASN A 9 -5.11 -10.58 -2.92
N VAL A 10 -4.22 -9.77 -2.37
CA VAL A 10 -3.09 -9.24 -3.12
C VAL A 10 -1.79 -9.48 -2.37
N ARG A 11 -0.76 -9.88 -3.11
CA ARG A 11 0.55 -10.14 -2.52
C ARG A 11 1.47 -8.94 -2.67
N LEU A 12 1.98 -8.43 -1.56
CA LEU A 12 2.87 -7.28 -1.56
C LEU A 12 4.33 -7.72 -1.60
N LYS A 13 4.96 -7.60 -2.76
CA LYS A 13 6.35 -7.97 -2.93
C LYS A 13 7.26 -6.76 -2.84
N PHE A 14 8.29 -6.86 -2.02
CA PHE A 14 9.24 -5.76 -1.84
C PHE A 14 10.58 -6.09 -2.51
N LEU A 15 11.35 -5.05 -2.81
CA LEU A 15 12.65 -5.22 -3.45
C LEU A 15 13.60 -6.00 -2.55
N ASN A 16 13.18 -6.24 -1.32
CA ASN A 16 13.99 -6.97 -0.35
C ASN A 16 13.84 -8.47 -0.54
N ASP A 17 13.37 -8.87 -1.72
CA ASP A 17 13.18 -10.29 -2.03
C ASP A 17 12.22 -10.93 -1.04
N THR A 18 11.23 -10.16 -0.60
CA THR A 18 10.23 -10.66 0.35
C THR A 18 8.82 -10.37 -0.14
N GLU A 19 7.83 -10.87 0.60
CA GLU A 19 6.43 -10.67 0.25
C GLU A 19 5.57 -10.51 1.50
N GLU A 20 4.44 -9.83 1.35
CA GLU A 20 3.52 -9.62 2.47
C GLU A 20 2.08 -9.84 2.04
N LEU A 21 1.36 -10.67 2.81
CA LEU A 21 -0.03 -10.96 2.51
C LEU A 21 -0.93 -9.79 2.86
N ALA A 22 -1.65 -9.28 1.87
CA ALA A 22 -2.55 -8.16 2.07
C ALA A 22 -3.84 -8.32 1.26
N VAL A 23 -4.97 -7.98 1.86
CA VAL A 23 -6.25 -8.09 1.20
C VAL A 23 -6.72 -6.74 0.67
N ALA A 24 -6.95 -6.66 -0.64
CA ALA A 24 -7.40 -5.43 -1.26
C ALA A 24 -8.70 -5.65 -2.03
N ARG A 25 -9.43 -4.56 -2.25
CA ARG A 25 -10.70 -4.64 -2.98
C ARG A 25 -10.61 -3.90 -4.32
N PRO A 26 -11.43 -4.34 -5.28
CA PRO A 26 -11.45 -3.74 -6.63
C PRO A 26 -12.04 -2.34 -6.61
N GLU A 27 -12.45 -1.87 -5.44
CA GLU A 27 -13.04 -0.54 -5.29
C GLU A 27 -12.09 0.39 -4.55
N ASP A 28 -11.42 -0.14 -3.54
CA ASP A 28 -10.48 0.64 -2.75
C ASP A 28 -9.55 1.44 -3.64
N THR A 29 -8.72 2.29 -3.03
CA THR A 29 -7.78 3.12 -3.78
C THR A 29 -6.35 2.78 -3.40
N VAL A 30 -5.41 3.18 -4.24
CA VAL A 30 -4.00 2.93 -3.99
C VAL A 30 -3.54 3.58 -2.69
N GLY A 31 -3.98 4.80 -2.46
CA GLY A 31 -3.62 5.52 -1.24
C GLY A 31 -4.02 4.76 0.01
N THR A 32 -5.23 4.20 -0.01
CA THR A 32 -5.73 3.46 1.14
C THR A 32 -4.93 2.18 1.37
N LEU A 33 -4.61 1.50 0.28
CA LEU A 33 -3.84 0.25 0.36
C LEU A 33 -2.50 0.48 1.06
N LYS A 34 -1.82 1.56 0.67
CA LYS A 34 -0.53 1.90 1.26
C LYS A 34 -0.68 2.25 2.74
N SER A 35 -1.68 3.05 3.04
CA SER A 35 -1.94 3.47 4.42
C SER A 35 -2.47 2.30 5.26
N LYS A 36 -3.14 1.36 4.60
CA LYS A 36 -3.68 0.19 5.27
C LYS A 36 -2.57 -0.67 5.85
N TYR A 37 -1.56 -0.96 5.04
CA TYR A 37 -0.44 -1.78 5.47
C TYR A 37 0.76 -0.91 5.82
N PHE A 38 1.04 0.08 4.98
CA PHE A 38 2.15 0.98 5.20
C PHE A 38 1.67 2.38 5.57
N PRO A 39 1.30 2.57 6.83
CA PRO A 39 0.81 3.85 7.34
C PRO A 39 1.91 4.90 7.40
N GLY A 40 1.64 6.06 6.81
CA GLY A 40 2.62 7.14 6.80
C GLY A 40 3.71 6.92 5.79
N GLN A 41 4.18 5.69 5.67
CA GLN A 41 5.23 5.34 4.73
C GLN A 41 4.66 5.10 3.33
N GLU A 42 3.58 5.79 3.00
CA GLU A 42 2.94 5.66 1.70
C GLU A 42 3.64 6.51 0.66
N SER A 43 4.37 7.52 1.12
CA SER A 43 5.09 8.41 0.22
C SER A 43 6.33 7.72 -0.37
N GLN A 44 6.85 6.75 0.37
CA GLN A 44 8.03 6.01 -0.07
C GLN A 44 7.65 4.71 -0.74
N MET A 45 6.66 4.02 -0.17
CA MET A 45 6.18 2.76 -0.73
C MET A 45 5.56 2.96 -2.09
N LYS A 46 6.34 2.73 -3.15
CA LYS A 46 5.85 2.88 -4.51
C LYS A 46 5.44 1.54 -5.10
N LEU A 47 4.17 1.42 -5.45
CA LEU A 47 3.64 0.20 -6.03
C LEU A 47 3.67 0.24 -7.54
N ILE A 48 4.06 -0.86 -8.16
CA ILE A 48 4.14 -0.95 -9.62
C ILE A 48 3.41 -2.18 -10.13
N TYR A 49 2.44 -1.96 -11.02
CA TYR A 49 1.66 -3.05 -11.59
C TYR A 49 1.91 -3.16 -13.10
N GLN A 50 2.44 -4.30 -13.52
CA GLN A 50 2.72 -4.54 -14.92
C GLN A 50 3.58 -3.42 -15.51
N GLY A 51 4.45 -2.86 -14.68
CA GLY A 51 5.31 -1.79 -15.12
C GLY A 51 4.64 -0.43 -15.05
N ARG A 52 3.46 -0.39 -14.42
CA ARG A 52 2.72 0.86 -14.29
C ARG A 52 2.79 1.39 -12.87
N LEU A 53 3.12 2.67 -12.74
CA LEU A 53 3.22 3.32 -11.44
C LEU A 53 1.85 3.70 -10.90
N LEU A 54 1.50 3.18 -9.73
CA LEU A 54 0.21 3.47 -9.10
C LEU A 54 0.25 4.81 -8.38
N GLN A 55 0.91 5.79 -8.99
CA GLN A 55 1.02 7.12 -8.40
C GLN A 55 -0.34 7.61 -7.91
N ASP A 56 -1.26 7.85 -8.84
CA ASP A 56 -2.59 8.32 -8.50
C ASP A 56 -3.16 7.55 -7.32
N PRO A 57 -3.17 8.17 -6.14
CA PRO A 57 -3.68 7.55 -4.91
C PRO A 57 -5.19 7.38 -4.94
N ALA A 58 -5.81 7.75 -6.06
CA ALA A 58 -7.25 7.63 -6.21
C ALA A 58 -7.60 6.55 -7.22
N ARG A 59 -6.60 6.05 -7.94
CA ARG A 59 -6.81 5.01 -8.93
C ARG A 59 -7.37 3.75 -8.29
N THR A 60 -8.58 3.38 -8.70
CA THR A 60 -9.24 2.18 -8.17
C THR A 60 -8.50 0.92 -8.60
N LEU A 61 -8.41 -0.04 -7.69
CA LEU A 61 -7.73 -1.30 -7.97
C LEU A 61 -8.36 -2.00 -9.17
N SER A 62 -9.66 -1.84 -9.34
CA SER A 62 -10.38 -2.45 -10.45
C SER A 62 -9.89 -1.88 -11.78
N SER A 63 -9.75 -0.56 -11.83
CA SER A 63 -9.30 0.11 -13.05
C SER A 63 -7.87 -0.29 -13.39
N LEU A 64 -7.07 -0.53 -12.35
CA LEU A 64 -5.67 -0.92 -12.54
C LEU A 64 -5.56 -2.39 -12.94
N ASN A 65 -6.71 -3.04 -13.11
CA ASN A 65 -6.74 -4.45 -13.49
C ASN A 65 -6.18 -5.32 -12.38
N ILE A 66 -6.31 -4.85 -11.14
CA ILE A 66 -5.81 -5.59 -9.99
C ILE A 66 -6.82 -6.63 -9.53
N THR A 67 -6.55 -7.90 -9.82
CA THR A 67 -7.43 -8.99 -9.44
C THR A 67 -6.85 -9.79 -8.28
N ASN A 68 -7.52 -10.88 -7.91
CA ASN A 68 -7.07 -11.72 -6.82
C ASN A 68 -5.84 -12.53 -7.23
N ASN A 69 -4.99 -12.84 -6.25
CA ASN A 69 -3.77 -13.60 -6.52
C ASN A 69 -2.77 -12.78 -7.32
N CYS A 70 -2.87 -11.45 -7.20
CA CYS A 70 -1.97 -10.56 -7.92
C CYS A 70 -0.88 -10.02 -6.99
N VAL A 71 0.34 -9.91 -7.52
CA VAL A 71 1.46 -9.42 -6.74
C VAL A 71 1.83 -8.00 -7.16
N ILE A 72 2.17 -7.17 -6.17
CA ILE A 72 2.54 -5.79 -6.44
C ILE A 72 3.94 -5.49 -5.91
N HIS A 73 4.78 -4.90 -6.78
CA HIS A 73 6.14 -4.56 -6.41
C HIS A 73 6.20 -3.23 -5.67
N CYS A 74 6.81 -3.24 -4.48
CA CYS A 74 6.92 -2.03 -3.67
C CYS A 74 8.37 -1.57 -3.59
N HIS A 75 8.60 -0.30 -3.92
CA HIS A 75 9.95 0.27 -3.88
C HIS A 75 10.11 1.20 -2.68
N ARG A 76 11.25 1.08 -2.01
CA ARG A 76 11.53 1.90 -0.83
C ARG A 76 12.56 2.98 -1.17
N SER A 77 12.23 4.23 -0.82
CA SER A 77 13.12 5.35 -1.09
C SER A 77 13.61 5.98 0.21
N PRO A 78 14.88 6.42 0.22
CA PRO A 78 15.50 7.04 1.39
C PRO A 78 14.90 8.41 1.69
N PRO A 79 14.79 8.73 3.00
CA PRO A 79 14.23 10.02 3.45
C PRO A 79 15.17 11.19 3.14
N GLY A 80 14.59 12.30 2.71
CA GLY A 80 15.39 13.47 2.39
C GLY A 80 15.58 14.38 3.60
N ALA A 81 14.55 14.51 4.42
CA ALA A 81 14.61 15.36 5.60
C ALA A 81 13.40 15.13 6.49
N ALA A 82 13.56 15.43 7.78
CA ALA A 82 12.48 15.26 8.74
C ALA A 82 11.47 16.41 8.64
N VAL A 83 10.21 16.07 8.41
CA VAL A 83 9.15 17.07 8.29
C VAL A 83 8.87 17.72 9.63
N SER A 84 8.31 18.92 9.58
CA SER A 84 7.98 19.66 10.80
C SER A 84 7.01 20.80 10.51
N GLY A 85 6.27 21.22 11.54
CA GLY A 85 5.30 22.29 11.36
C GLY A 85 4.38 22.44 12.55
N PRO A 86 3.97 23.68 12.83
CA PRO A 86 3.06 23.99 13.95
C PRO A 86 1.65 23.45 13.72
N SER A 87 0.98 23.11 14.81
CA SER A 87 -0.39 22.59 14.72
C SER A 87 -1.31 23.31 15.70
N ALA A 88 -2.56 23.52 15.28
CA ALA A 88 -3.54 24.20 16.11
C ALA A 88 -4.96 23.85 15.69
N SER A 89 -5.72 23.27 16.61
CA SER A 89 -7.09 22.88 16.33
C SER A 89 -8.07 24.01 16.68
N SER A 90 -9.23 24.00 16.03
CA SER A 90 -10.24 25.02 16.26
C SER A 90 -11.52 24.70 15.52
N GLY A 91 -12.61 25.35 15.90
CA GLY A 91 -13.89 25.13 15.25
C GLY A 91 -13.92 25.65 13.83
N PRO A 92 -15.01 25.36 13.11
CA PRO A 92 -15.18 25.80 11.72
C PRO A 92 -15.39 27.30 11.61
N SER A 93 -16.30 27.83 12.43
CA SER A 93 -16.59 29.26 12.42
C SER A 93 -15.40 30.07 12.89
N SER A 94 -15.24 31.26 12.34
CA SER A 94 -14.12 32.14 12.71
C SER A 94 -13.82 32.03 14.20
N GLY A 95 -14.86 32.08 15.02
CA GLY A 95 -14.68 31.99 16.45
C GLY A 95 -13.90 30.76 16.86
N GLY A 1 -8.29 -14.47 11.99
CA GLY A 1 -9.17 -15.51 11.49
C GLY A 1 -10.62 -15.04 11.40
N SER A 2 -10.98 -14.42 10.29
CA SER A 2 -12.34 -13.92 10.09
C SER A 2 -13.20 -14.98 9.42
N SER A 3 -14.29 -15.36 10.08
CA SER A 3 -15.21 -16.36 9.55
C SER A 3 -15.57 -16.05 8.10
N GLY A 4 -16.06 -14.84 7.86
CA GLY A 4 -16.43 -14.44 6.52
C GLY A 4 -15.59 -13.29 6.00
N SER A 5 -15.03 -13.47 4.80
CA SER A 5 -14.19 -12.44 4.20
C SER A 5 -14.53 -12.27 2.72
N SER A 6 -14.95 -11.06 2.36
CA SER A 6 -15.30 -10.77 0.97
C SER A 6 -14.32 -9.78 0.35
N GLY A 7 -13.47 -10.27 -0.54
CA GLY A 7 -12.48 -9.43 -1.18
C GLY A 7 -11.47 -10.22 -1.97
N ILE A 8 -10.50 -9.52 -2.56
CA ILE A 8 -9.46 -10.17 -3.34
C ILE A 8 -8.12 -10.14 -2.62
N ASN A 9 -7.35 -11.22 -2.76
CA ASN A 9 -6.05 -11.31 -2.11
C ASN A 9 -4.96 -10.69 -2.98
N VAL A 10 -4.01 -10.01 -2.35
CA VAL A 10 -2.92 -9.37 -3.06
C VAL A 10 -1.58 -9.65 -2.39
N ARG A 11 -0.57 -9.93 -3.20
CA ARG A 11 0.76 -10.23 -2.68
C ARG A 11 1.68 -9.03 -2.84
N LEU A 12 2.04 -8.40 -1.72
CA LEU A 12 2.92 -7.23 -1.74
C LEU A 12 4.39 -7.65 -1.75
N LYS A 13 5.04 -7.46 -2.89
CA LYS A 13 6.45 -7.81 -3.05
C LYS A 13 7.34 -6.59 -2.87
N PHE A 14 8.37 -6.73 -2.05
CA PHE A 14 9.30 -5.63 -1.80
C PHE A 14 10.64 -5.89 -2.47
N LEU A 15 11.47 -4.85 -2.55
CA LEU A 15 12.78 -4.96 -3.18
C LEU A 15 13.71 -5.81 -2.33
N ASN A 16 13.23 -6.24 -1.17
CA ASN A 16 14.02 -7.06 -0.27
C ASN A 16 13.83 -8.54 -0.56
N ASP A 17 13.26 -8.84 -1.73
CA ASP A 17 13.03 -10.22 -2.14
C ASP A 17 12.04 -10.90 -1.20
N THR A 18 11.15 -10.11 -0.60
CA THR A 18 10.15 -10.64 0.32
C THR A 18 8.74 -10.41 -0.21
N GLU A 19 7.75 -10.95 0.50
CA GLU A 19 6.36 -10.80 0.11
C GLU A 19 5.44 -10.76 1.32
N GLU A 20 4.35 -10.01 1.21
CA GLU A 20 3.39 -9.89 2.31
C GLU A 20 1.96 -9.94 1.79
N LEU A 21 1.15 -10.81 2.39
CA LEU A 21 -0.24 -10.96 1.99
C LEU A 21 -1.09 -9.81 2.53
N ALA A 22 -1.89 -9.22 1.65
CA ALA A 22 -2.76 -8.10 2.03
C ALA A 22 -4.10 -8.18 1.33
N VAL A 23 -5.17 -8.03 2.10
CA VAL A 23 -6.53 -8.09 1.54
C VAL A 23 -6.93 -6.75 0.93
N ALA A 24 -7.25 -6.77 -0.36
CA ALA A 24 -7.67 -5.56 -1.06
C ALA A 24 -8.97 -5.78 -1.83
N ARG A 25 -9.67 -4.68 -2.12
CA ARG A 25 -10.93 -4.75 -2.83
C ARG A 25 -10.83 -4.03 -4.18
N PRO A 26 -11.65 -4.48 -5.15
CA PRO A 26 -11.67 -3.89 -6.49
C PRO A 26 -12.25 -2.49 -6.50
N GLU A 27 -12.69 -2.02 -5.33
CA GLU A 27 -13.27 -0.69 -5.20
C GLU A 27 -12.33 0.26 -4.47
N ASP A 28 -11.58 -0.29 -3.52
CA ASP A 28 -10.63 0.50 -2.74
C ASP A 28 -9.67 1.25 -3.66
N THR A 29 -8.92 2.18 -3.08
CA THR A 29 -7.96 2.97 -3.85
C THR A 29 -6.53 2.61 -3.48
N VAL A 30 -5.59 2.96 -4.35
CA VAL A 30 -4.18 2.66 -4.13
C VAL A 30 -3.66 3.42 -2.91
N GLY A 31 -4.02 4.69 -2.80
CA GLY A 31 -3.57 5.50 -1.68
C GLY A 31 -4.00 4.92 -0.35
N THR A 32 -5.19 4.32 -0.32
CA THR A 32 -5.72 3.72 0.90
C THR A 32 -4.96 2.45 1.27
N LEU A 33 -4.71 1.61 0.26
CA LEU A 33 -4.00 0.36 0.49
C LEU A 33 -2.65 0.61 1.16
N LYS A 34 -1.91 1.58 0.64
CA LYS A 34 -0.60 1.93 1.20
C LYS A 34 -0.73 2.36 2.65
N SER A 35 -1.68 3.25 2.92
CA SER A 35 -1.90 3.75 4.26
C SER A 35 -2.50 2.67 5.16
N LYS A 36 -3.22 1.74 4.55
CA LYS A 36 -3.83 0.64 5.29
C LYS A 36 -2.78 -0.27 5.90
N TYR A 37 -1.79 -0.65 5.09
CA TYR A 37 -0.71 -1.53 5.54
C TYR A 37 0.54 -0.72 5.87
N PHE A 38 0.87 0.22 4.99
CA PHE A 38 2.05 1.06 5.20
C PHE A 38 1.64 2.51 5.48
N PRO A 39 1.29 2.79 6.74
CA PRO A 39 0.87 4.13 7.17
C PRO A 39 2.03 5.13 7.16
N GLY A 40 1.81 6.27 6.54
CA GLY A 40 2.85 7.29 6.48
C GLY A 40 3.93 6.96 5.47
N GLN A 41 4.37 5.71 5.48
CA GLN A 41 5.42 5.27 4.55
C GLN A 41 4.94 5.37 3.11
N GLU A 42 3.67 5.69 2.93
CA GLU A 42 3.09 5.82 1.60
C GLU A 42 3.97 6.71 0.71
N SER A 43 4.83 7.49 1.34
CA SER A 43 5.72 8.39 0.62
C SER A 43 6.77 7.60 -0.17
N GLN A 44 7.38 6.63 0.49
CA GLN A 44 8.40 5.80 -0.14
C GLN A 44 7.79 4.55 -0.74
N MET A 45 6.92 3.88 0.02
CA MET A 45 6.26 2.67 -0.45
C MET A 45 5.53 2.92 -1.76
N LYS A 46 6.25 2.81 -2.87
CA LYS A 46 5.66 3.02 -4.18
C LYS A 46 5.25 1.70 -4.82
N LEU A 47 3.97 1.59 -5.17
CA LEU A 47 3.44 0.37 -5.79
C LEU A 47 3.49 0.47 -7.30
N ILE A 48 3.88 -0.63 -7.95
CA ILE A 48 3.96 -0.66 -9.41
C ILE A 48 3.23 -1.87 -9.96
N TYR A 49 2.26 -1.63 -10.84
CA TYR A 49 1.49 -2.71 -11.45
C TYR A 49 1.72 -2.76 -12.96
N GLN A 50 2.19 -3.91 -13.43
CA GLN A 50 2.46 -4.08 -14.86
C GLN A 50 3.41 -3.01 -15.37
N GLY A 51 4.50 -2.80 -14.64
CA GLY A 51 5.48 -1.80 -15.05
C GLY A 51 4.93 -0.38 -14.96
N ARG A 52 3.76 -0.24 -14.34
CA ARG A 52 3.13 1.06 -14.19
C ARG A 52 3.15 1.51 -12.73
N LEU A 53 3.52 2.76 -12.50
CA LEU A 53 3.57 3.32 -11.15
C LEU A 53 2.19 3.75 -10.69
N LEU A 54 1.76 3.23 -9.54
CA LEU A 54 0.45 3.57 -8.99
C LEU A 54 0.49 4.93 -8.30
N GLN A 55 1.10 5.90 -8.97
CA GLN A 55 1.20 7.25 -8.42
C GLN A 55 -0.15 7.73 -7.89
N ASP A 56 -1.06 8.06 -8.79
CA ASP A 56 -2.38 8.53 -8.41
C ASP A 56 -3.00 7.60 -7.38
N PRO A 57 -3.06 8.06 -6.12
CA PRO A 57 -3.63 7.28 -5.01
C PRO A 57 -5.15 7.15 -5.12
N ALA A 58 -5.71 7.70 -6.19
CA ALA A 58 -7.15 7.64 -6.42
C ALA A 58 -7.47 6.73 -7.59
N ARG A 59 -6.66 5.70 -7.79
CA ARG A 59 -6.87 4.76 -8.88
C ARG A 59 -7.43 3.45 -8.35
N THR A 60 -8.75 3.26 -8.53
CA THR A 60 -9.41 2.05 -8.07
C THR A 60 -8.66 0.80 -8.53
N LEU A 61 -8.61 -0.20 -7.67
CA LEU A 61 -7.93 -1.45 -7.98
C LEU A 61 -8.54 -2.12 -9.19
N SER A 62 -9.86 -2.01 -9.32
CA SER A 62 -10.57 -2.61 -10.45
C SER A 62 -10.08 -2.04 -11.78
N SER A 63 -9.85 -0.73 -11.79
CA SER A 63 -9.38 -0.05 -13.00
C SER A 63 -7.93 -0.43 -13.30
N LEU A 64 -7.17 -0.70 -12.25
CA LEU A 64 -5.77 -1.08 -12.39
C LEU A 64 -5.63 -2.56 -12.76
N ASN A 65 -6.76 -3.21 -12.97
CA ASN A 65 -6.77 -4.63 -13.33
C ASN A 65 -6.17 -5.47 -12.21
N ILE A 66 -6.34 -5.03 -10.97
CA ILE A 66 -5.82 -5.74 -9.82
C ILE A 66 -6.78 -6.82 -9.35
N THR A 67 -6.60 -8.04 -9.86
CA THR A 67 -7.45 -9.16 -9.50
C THR A 67 -6.75 -10.09 -8.52
N ASN A 68 -7.53 -10.90 -7.82
CA ASN A 68 -6.99 -11.84 -6.84
C ASN A 68 -5.82 -12.61 -7.43
N ASN A 69 -4.87 -12.99 -6.57
CA ASN A 69 -3.69 -13.74 -7.01
C ASN A 69 -2.74 -12.84 -7.79
N CYS A 70 -2.69 -11.57 -7.42
CA CYS A 70 -1.83 -10.60 -8.09
C CYS A 70 -0.74 -10.11 -7.15
N VAL A 71 0.45 -9.86 -7.70
CA VAL A 71 1.58 -9.39 -6.91
C VAL A 71 1.91 -7.94 -7.24
N ILE A 72 2.06 -7.11 -6.20
CA ILE A 72 2.38 -5.71 -6.38
C ILE A 72 3.78 -5.39 -5.89
N HIS A 73 4.59 -4.80 -6.75
CA HIS A 73 5.97 -4.44 -6.40
C HIS A 73 6.00 -3.13 -5.61
N CYS A 74 6.76 -3.13 -4.52
CA CYS A 74 6.88 -1.94 -3.68
C CYS A 74 8.31 -1.39 -3.72
N HIS A 75 8.42 -0.09 -3.99
CA HIS A 75 9.73 0.56 -4.05
C HIS A 75 10.02 1.30 -2.76
N ARG A 76 11.19 1.02 -2.18
CA ARG A 76 11.60 1.67 -0.93
C ARG A 76 12.80 2.59 -1.16
N SER A 77 12.65 3.85 -0.77
CA SER A 77 13.73 4.82 -0.94
C SER A 77 14.44 5.07 0.38
N PRO A 78 15.76 5.31 0.31
CA PRO A 78 16.58 5.57 1.50
C PRO A 78 16.28 6.92 2.13
N PRO A 79 16.56 7.05 3.43
CA PRO A 79 16.32 8.28 4.18
C PRO A 79 17.28 9.40 3.77
N GLY A 80 16.95 10.08 2.68
CA GLY A 80 17.80 11.16 2.20
C GLY A 80 18.23 12.09 3.32
N ALA A 81 17.29 12.44 4.19
CA ALA A 81 17.59 13.33 5.31
C ALA A 81 16.92 12.85 6.59
N ALA A 82 17.17 13.56 7.69
CA ALA A 82 16.58 13.20 8.97
C ALA A 82 15.84 14.38 9.59
N VAL A 83 14.55 14.48 9.30
CA VAL A 83 13.73 15.56 9.82
C VAL A 83 12.43 15.03 10.41
N SER A 84 11.75 15.87 11.19
CA SER A 84 10.49 15.49 11.82
C SER A 84 9.45 15.12 10.77
N GLY A 85 8.94 13.90 10.84
CA GLY A 85 7.94 13.45 9.90
C GLY A 85 6.55 13.93 10.24
N PRO A 86 5.54 13.45 9.49
CA PRO A 86 4.14 13.81 9.71
C PRO A 86 3.58 13.23 11.00
N SER A 87 2.83 14.05 11.74
CA SER A 87 2.23 13.62 13.00
C SER A 87 0.86 14.25 13.21
N ALA A 88 -0.16 13.41 13.27
CA ALA A 88 -1.53 13.90 13.48
C ALA A 88 -2.45 12.77 13.92
N SER A 89 -3.65 13.13 14.38
CA SER A 89 -4.61 12.15 14.84
C SER A 89 -5.76 12.00 13.85
N SER A 90 -5.55 11.18 12.83
CA SER A 90 -6.56 10.94 11.81
C SER A 90 -7.01 9.49 11.80
N GLY A 91 -7.93 9.15 12.70
CA GLY A 91 -8.43 7.79 12.78
C GLY A 91 -9.91 7.73 13.07
N PRO A 92 -10.72 8.18 12.09
CA PRO A 92 -12.18 8.19 12.21
C PRO A 92 -12.77 6.79 12.19
N SER A 93 -14.03 6.68 12.59
CA SER A 93 -14.72 5.39 12.61
C SER A 93 -16.23 5.58 12.64
N SER A 94 -16.96 4.51 12.31
CA SER A 94 -18.42 4.57 12.30
C SER A 94 -18.97 5.02 13.64
N GLY A 95 -20.12 5.69 13.62
CA GLY A 95 -20.72 6.18 14.83
C GLY A 95 -22.00 5.44 15.18
N GLY A 1 -16.95 -13.28 14.83
CA GLY A 1 -16.50 -12.73 13.57
C GLY A 1 -15.85 -11.37 13.73
N SER A 2 -14.62 -11.24 13.26
CA SER A 2 -13.89 -9.98 13.36
C SER A 2 -13.64 -9.39 11.98
N SER A 3 -13.21 -10.24 11.05
CA SER A 3 -12.92 -9.81 9.69
C SER A 3 -13.96 -10.36 8.71
N GLY A 4 -14.12 -9.68 7.58
CA GLY A 4 -15.09 -10.11 6.59
C GLY A 4 -14.49 -11.10 5.60
N SER A 5 -15.27 -12.10 5.23
CA SER A 5 -14.81 -13.11 4.28
C SER A 5 -15.09 -12.69 2.84
N SER A 6 -14.90 -11.40 2.57
CA SER A 6 -15.13 -10.86 1.24
C SER A 6 -13.94 -10.02 0.77
N GLY A 7 -13.65 -10.08 -0.52
CA GLY A 7 -12.53 -9.31 -1.06
C GLY A 7 -11.53 -10.19 -1.80
N ILE A 8 -10.53 -9.55 -2.39
CA ILE A 8 -9.50 -10.28 -3.13
C ILE A 8 -8.15 -10.18 -2.43
N ASN A 9 -7.38 -11.26 -2.48
CA ASN A 9 -6.07 -11.30 -1.86
C ASN A 9 -5.00 -10.72 -2.81
N VAL A 10 -4.03 -10.02 -2.24
CA VAL A 10 -2.96 -9.43 -3.02
C VAL A 10 -1.60 -9.68 -2.38
N ARG A 11 -0.62 -10.02 -3.20
CA ARG A 11 0.73 -10.29 -2.72
C ARG A 11 1.64 -9.08 -2.92
N LEU A 12 2.00 -8.42 -1.83
CA LEU A 12 2.86 -7.24 -1.90
C LEU A 12 4.33 -7.65 -1.91
N LYS A 13 4.99 -7.48 -3.05
CA LYS A 13 6.40 -7.82 -3.18
C LYS A 13 7.28 -6.59 -3.04
N PHE A 14 8.34 -6.71 -2.23
CA PHE A 14 9.26 -5.61 -2.00
C PHE A 14 10.59 -5.86 -2.72
N LEU A 15 11.39 -4.81 -2.82
CA LEU A 15 12.70 -4.90 -3.47
C LEU A 15 13.67 -5.72 -2.62
N ASN A 16 13.29 -5.98 -1.38
CA ASN A 16 14.13 -6.75 -0.47
C ASN A 16 13.91 -8.25 -0.67
N ASP A 17 13.33 -8.61 -1.81
CA ASP A 17 13.07 -10.02 -2.11
C ASP A 17 12.07 -10.61 -1.11
N THR A 18 11.26 -9.75 -0.52
CA THR A 18 10.26 -10.19 0.46
C THR A 18 8.85 -9.99 -0.08
N GLU A 19 7.89 -10.66 0.54
CA GLU A 19 6.49 -10.55 0.13
C GLU A 19 5.57 -10.48 1.35
N GLU A 20 4.46 -9.76 1.20
CA GLU A 20 3.50 -9.61 2.29
C GLU A 20 2.08 -9.73 1.77
N LEU A 21 1.29 -10.59 2.42
CA LEU A 21 -0.09 -10.80 2.02
C LEU A 21 -0.99 -9.65 2.48
N ALA A 22 -1.70 -9.05 1.55
CA ALA A 22 -2.59 -7.93 1.86
C ALA A 22 -3.91 -8.06 1.10
N VAL A 23 -5.01 -8.11 1.85
CA VAL A 23 -6.33 -8.22 1.24
C VAL A 23 -6.86 -6.87 0.81
N ALA A 24 -7.15 -6.74 -0.48
CA ALA A 24 -7.67 -5.49 -1.04
C ALA A 24 -8.92 -5.73 -1.86
N ARG A 25 -9.71 -4.68 -2.05
CA ARG A 25 -10.94 -4.77 -2.82
C ARG A 25 -10.80 -4.06 -4.16
N PRO A 26 -11.59 -4.50 -5.15
CA PRO A 26 -11.57 -3.92 -6.49
C PRO A 26 -12.15 -2.51 -6.53
N GLU A 27 -12.51 -2.00 -5.36
CA GLU A 27 -13.06 -0.65 -5.25
C GLU A 27 -12.14 0.27 -4.45
N ASP A 28 -11.34 -0.33 -3.57
CA ASP A 28 -10.42 0.44 -2.75
C ASP A 28 -9.46 1.25 -3.62
N THR A 29 -8.86 2.28 -3.03
CA THR A 29 -7.92 3.13 -3.75
C THR A 29 -6.48 2.81 -3.37
N VAL A 30 -5.56 3.04 -4.30
CA VAL A 30 -4.15 2.78 -4.06
C VAL A 30 -3.65 3.54 -2.84
N GLY A 31 -4.06 4.81 -2.72
CA GLY A 31 -3.64 5.63 -1.60
C GLY A 31 -4.06 5.04 -0.27
N THR A 32 -5.24 4.41 -0.24
CA THR A 32 -5.75 3.81 0.98
C THR A 32 -4.98 2.55 1.34
N LEU A 33 -4.70 1.72 0.34
CA LEU A 33 -3.95 0.49 0.54
C LEU A 33 -2.62 0.75 1.25
N LYS A 34 -1.90 1.74 0.75
CA LYS A 34 -0.61 2.11 1.33
C LYS A 34 -0.75 2.49 2.79
N SER A 35 -1.73 3.35 3.08
CA SER A 35 -1.98 3.79 4.45
C SER A 35 -2.55 2.67 5.30
N LYS A 36 -3.26 1.75 4.64
CA LYS A 36 -3.87 0.61 5.33
C LYS A 36 -2.80 -0.31 5.91
N TYR A 37 -1.80 -0.64 5.10
CA TYR A 37 -0.72 -1.51 5.53
C TYR A 37 0.52 -0.69 5.92
N PHE A 38 0.85 0.28 5.08
CA PHE A 38 2.01 1.13 5.33
C PHE A 38 1.58 2.56 5.69
N PRO A 39 1.22 2.75 6.97
CA PRO A 39 0.79 4.06 7.46
C PRO A 39 1.92 5.08 7.51
N GLY A 40 1.73 6.21 6.84
CA GLY A 40 2.75 7.24 6.82
C GLY A 40 3.87 6.93 5.84
N GLN A 41 4.21 5.66 5.73
CA GLN A 41 5.28 5.23 4.83
C GLN A 41 4.81 5.26 3.38
N GLU A 42 3.60 5.77 3.16
CA GLU A 42 3.03 5.85 1.83
C GLU A 42 3.89 6.73 0.93
N SER A 43 4.86 7.42 1.53
CA SER A 43 5.76 8.30 0.78
C SER A 43 6.79 7.49 0.00
N GLN A 44 7.37 6.49 0.66
CA GLN A 44 8.38 5.64 0.04
C GLN A 44 7.74 4.41 -0.59
N MET A 45 6.82 3.79 0.14
CA MET A 45 6.13 2.60 -0.34
C MET A 45 5.47 2.87 -1.69
N LYS A 46 6.22 2.65 -2.76
CA LYS A 46 5.72 2.86 -4.11
C LYS A 46 5.28 1.54 -4.74
N LEU A 47 4.01 1.47 -5.13
CA LEU A 47 3.47 0.26 -5.74
C LEU A 47 3.54 0.35 -7.27
N ILE A 48 3.91 -0.75 -7.91
CA ILE A 48 4.00 -0.80 -9.36
C ILE A 48 3.24 -1.99 -9.93
N TYR A 49 2.31 -1.71 -10.83
CA TYR A 49 1.50 -2.76 -11.44
C TYR A 49 1.73 -2.81 -12.95
N GLN A 50 2.33 -3.90 -13.41
CA GLN A 50 2.60 -4.07 -14.84
C GLN A 50 3.57 -3.00 -15.34
N GLY A 51 4.67 -2.82 -14.61
CA GLY A 51 5.65 -1.82 -15.00
C GLY A 51 5.12 -0.41 -14.86
N ARG A 52 3.89 -0.28 -14.40
CA ARG A 52 3.27 1.03 -14.22
C ARG A 52 3.25 1.44 -12.74
N LEU A 53 3.62 2.68 -12.48
CA LEU A 53 3.66 3.19 -11.11
C LEU A 53 2.27 3.61 -10.65
N LEU A 54 1.83 3.05 -9.54
CA LEU A 54 0.51 3.36 -8.99
C LEU A 54 0.52 4.75 -8.31
N GLN A 55 1.01 5.74 -9.03
CA GLN A 55 1.07 7.10 -8.51
C GLN A 55 -0.30 7.57 -8.03
N ASP A 56 -1.20 7.80 -8.98
CA ASP A 56 -2.55 8.24 -8.65
C ASP A 56 -3.13 7.43 -7.49
N PRO A 57 -3.16 8.05 -6.30
CA PRO A 57 -3.68 7.40 -5.08
C PRO A 57 -5.19 7.22 -5.14
N ALA A 58 -5.81 7.66 -6.23
CA ALA A 58 -7.25 7.53 -6.40
C ALA A 58 -7.59 6.57 -7.54
N ARG A 59 -6.59 5.80 -7.97
CA ARG A 59 -6.78 4.84 -9.05
C ARG A 59 -7.37 3.55 -8.53
N THR A 60 -8.69 3.40 -8.67
CA THR A 60 -9.39 2.21 -8.21
C THR A 60 -8.67 0.94 -8.65
N LEU A 61 -8.60 -0.04 -7.76
CA LEU A 61 -7.94 -1.31 -8.07
C LEU A 61 -8.56 -1.96 -9.31
N SER A 62 -9.87 -1.82 -9.46
CA SER A 62 -10.59 -2.40 -10.59
C SER A 62 -10.01 -1.87 -11.91
N SER A 63 -9.74 -0.57 -11.95
CA SER A 63 -9.20 0.06 -13.15
C SER A 63 -7.75 -0.35 -13.37
N LEU A 64 -7.05 -0.64 -12.28
CA LEU A 64 -5.65 -1.05 -12.35
C LEU A 64 -5.53 -2.53 -12.69
N ASN A 65 -6.67 -3.16 -12.96
CA ASN A 65 -6.70 -4.58 -13.31
C ASN A 65 -6.17 -5.43 -12.15
N ILE A 66 -6.28 -4.90 -10.93
CA ILE A 66 -5.81 -5.61 -9.75
C ILE A 66 -6.82 -6.67 -9.32
N THR A 67 -6.58 -7.90 -9.74
CA THR A 67 -7.47 -9.01 -9.39
C THR A 67 -6.86 -9.87 -8.29
N ASN A 68 -7.55 -10.95 -7.94
CA ASN A 68 -7.09 -11.85 -6.90
C ASN A 68 -5.90 -12.68 -7.37
N ASN A 69 -5.08 -13.13 -6.43
CA ASN A 69 -3.89 -13.92 -6.77
C ASN A 69 -2.91 -13.11 -7.61
N CYS A 70 -2.82 -11.82 -7.33
CA CYS A 70 -1.91 -10.95 -8.07
C CYS A 70 -0.82 -10.39 -7.14
N VAL A 71 0.33 -10.09 -7.73
CA VAL A 71 1.45 -9.54 -6.96
C VAL A 71 1.72 -8.10 -7.35
N ILE A 72 1.96 -7.26 -6.35
CA ILE A 72 2.24 -5.84 -6.59
C ILE A 72 3.65 -5.49 -6.14
N HIS A 73 4.47 -5.05 -7.10
CA HIS A 73 5.85 -4.67 -6.80
C HIS A 73 5.90 -3.41 -5.95
N CYS A 74 6.76 -3.41 -4.94
CA CYS A 74 6.89 -2.26 -4.05
C CYS A 74 8.30 -1.68 -4.13
N HIS A 75 8.39 -0.35 -4.05
CA HIS A 75 9.67 0.33 -4.12
C HIS A 75 9.92 1.15 -2.84
N ARG A 76 11.03 0.86 -2.17
CA ARG A 76 11.38 1.56 -0.94
C ARG A 76 12.65 2.40 -1.15
N SER A 77 12.50 3.71 -0.96
CA SER A 77 13.63 4.63 -1.12
C SER A 77 14.08 5.17 0.23
N PRO A 78 15.41 5.30 0.39
CA PRO A 78 16.01 5.80 1.64
C PRO A 78 15.75 7.29 1.84
N PRO A 79 15.64 7.70 3.12
CA PRO A 79 15.39 9.10 3.47
C PRO A 79 16.58 10.00 3.18
N GLY A 80 16.32 11.29 3.02
CA GLY A 80 17.39 12.23 2.74
C GLY A 80 18.24 12.52 3.96
N ALA A 81 17.67 13.26 4.91
CA ALA A 81 18.38 13.61 6.14
C ALA A 81 17.64 13.11 7.37
N ALA A 82 18.27 12.20 8.11
CA ALA A 82 17.66 11.64 9.31
C ALA A 82 17.00 12.73 10.15
N VAL A 83 15.67 12.68 10.24
CA VAL A 83 14.92 13.66 11.01
C VAL A 83 14.99 13.36 12.51
N SER A 84 15.59 14.28 13.26
CA SER A 84 15.73 14.11 14.69
C SER A 84 15.43 15.41 15.43
N GLY A 85 14.66 15.33 16.51
CA GLY A 85 14.31 16.51 17.27
C GLY A 85 13.94 16.17 18.70
N PRO A 86 14.15 17.14 19.61
CA PRO A 86 13.84 16.97 21.03
C PRO A 86 12.34 16.93 21.29
N SER A 87 11.90 15.91 22.03
CA SER A 87 10.49 15.75 22.36
C SER A 87 10.31 15.03 23.69
N ALA A 88 9.14 15.21 24.30
CA ALA A 88 8.85 14.57 25.57
C ALA A 88 7.42 14.05 25.61
N SER A 89 7.27 12.76 25.91
CA SER A 89 5.96 12.14 25.98
C SER A 89 5.37 12.23 27.38
N SER A 90 4.25 12.94 27.51
CA SER A 90 3.60 13.11 28.80
C SER A 90 3.40 11.76 29.49
N GLY A 91 2.70 10.85 28.81
CA GLY A 91 2.44 9.54 29.38
C GLY A 91 1.03 9.06 29.11
N PRO A 92 0.81 8.49 27.92
CA PRO A 92 -0.50 7.97 27.52
C PRO A 92 -0.90 6.72 28.30
N SER A 93 0.10 5.93 28.67
CA SER A 93 -0.14 4.70 29.42
C SER A 93 -1.26 4.89 30.44
N SER A 94 -2.32 4.10 30.31
CA SER A 94 -3.46 4.18 31.21
C SER A 94 -3.41 3.08 32.26
N GLY A 95 -2.98 3.43 33.47
CA GLY A 95 -2.89 2.45 34.54
C GLY A 95 -3.09 3.08 35.91
N GLY A 1 -29.57 -10.91 -2.12
CA GLY A 1 -29.64 -10.13 -0.90
C GLY A 1 -28.51 -9.12 -0.79
N SER A 2 -27.66 -9.31 0.21
CA SER A 2 -26.53 -8.40 0.42
C SER A 2 -25.22 -9.18 0.52
N SER A 3 -24.12 -8.51 0.19
CA SER A 3 -22.80 -9.14 0.24
C SER A 3 -22.17 -8.97 1.62
N GLY A 4 -21.76 -10.08 2.21
CA GLY A 4 -21.14 -10.04 3.53
C GLY A 4 -19.72 -9.50 3.48
N SER A 5 -18.74 -10.41 3.53
CA SER A 5 -17.35 -10.02 3.49
C SER A 5 -16.63 -10.65 2.29
N SER A 6 -16.56 -9.89 1.20
CA SER A 6 -15.91 -10.37 -0.02
C SER A 6 -14.79 -9.42 -0.43
N GLY A 7 -13.69 -10.01 -0.92
CA GLY A 7 -12.55 -9.22 -1.34
C GLY A 7 -11.48 -10.05 -2.01
N ILE A 8 -10.62 -9.40 -2.79
CA ILE A 8 -9.55 -10.09 -3.50
C ILE A 8 -8.24 -9.99 -2.72
N ASN A 9 -7.49 -11.08 -2.70
CA ASN A 9 -6.21 -11.11 -2.00
C ASN A 9 -5.07 -10.61 -2.89
N VAL A 10 -4.15 -9.87 -2.31
CA VAL A 10 -3.01 -9.33 -3.05
C VAL A 10 -1.71 -9.55 -2.30
N ARG A 11 -0.67 -9.95 -3.04
CA ARG A 11 0.64 -10.20 -2.44
C ARG A 11 1.56 -9.00 -2.63
N LEU A 12 1.99 -8.40 -1.52
CA LEU A 12 2.88 -7.25 -1.56
C LEU A 12 4.34 -7.68 -1.63
N LYS A 13 4.96 -7.52 -2.79
CA LYS A 13 6.35 -7.89 -2.97
C LYS A 13 7.26 -6.67 -2.86
N PHE A 14 8.28 -6.78 -2.02
CA PHE A 14 9.23 -5.68 -1.83
C PHE A 14 10.58 -5.99 -2.48
N LEU A 15 11.35 -4.95 -2.75
CA LEU A 15 12.66 -5.11 -3.37
C LEU A 15 13.59 -5.93 -2.48
N ASN A 16 13.14 -6.19 -1.25
CA ASN A 16 13.94 -6.97 -0.30
C ASN A 16 13.70 -8.46 -0.49
N ASP A 17 13.29 -8.84 -1.69
CA ASP A 17 13.03 -10.24 -2.00
C ASP A 17 12.06 -10.85 -1.01
N THR A 18 11.17 -10.02 -0.47
CA THR A 18 10.19 -10.48 0.51
C THR A 18 8.77 -10.19 0.04
N GLU A 19 7.81 -10.91 0.60
CA GLU A 19 6.41 -10.73 0.24
C GLU A 19 5.52 -10.65 1.49
N GLU A 20 4.41 -9.93 1.37
CA GLU A 20 3.49 -9.77 2.48
C GLU A 20 2.04 -10.00 2.02
N LEU A 21 1.30 -10.78 2.80
CA LEU A 21 -0.09 -11.08 2.49
C LEU A 21 -0.99 -9.90 2.84
N ALA A 22 -1.64 -9.34 1.83
CA ALA A 22 -2.55 -8.21 2.02
C ALA A 22 -3.78 -8.33 1.15
N VAL A 23 -4.96 -8.27 1.77
CA VAL A 23 -6.21 -8.36 1.04
C VAL A 23 -6.72 -6.99 0.63
N ALA A 24 -6.94 -6.81 -0.67
CA ALA A 24 -7.44 -5.54 -1.19
C ALA A 24 -8.71 -5.73 -1.99
N ARG A 25 -9.48 -4.66 -2.13
CA ARG A 25 -10.74 -4.71 -2.88
C ARG A 25 -10.60 -4.00 -4.21
N PRO A 26 -11.42 -4.43 -5.20
CA PRO A 26 -11.40 -3.84 -6.54
C PRO A 26 -11.98 -2.43 -6.56
N GLU A 27 -12.57 -2.01 -5.45
CA GLU A 27 -13.15 -0.69 -5.35
C GLU A 27 -12.22 0.25 -4.60
N ASP A 28 -11.48 -0.29 -3.64
CA ASP A 28 -10.54 0.51 -2.85
C ASP A 28 -9.56 1.24 -3.76
N THR A 29 -8.85 2.21 -3.19
CA THR A 29 -7.88 2.99 -3.95
C THR A 29 -6.45 2.62 -3.55
N VAL A 30 -5.49 2.98 -4.40
CA VAL A 30 -4.08 2.69 -4.15
C VAL A 30 -3.59 3.44 -2.91
N GLY A 31 -3.96 4.71 -2.81
CA GLY A 31 -3.53 5.51 -1.67
C GLY A 31 -3.97 4.91 -0.35
N THR A 32 -5.14 4.28 -0.34
CA THR A 32 -5.68 3.68 0.87
C THR A 32 -4.91 2.41 1.23
N LEU A 33 -4.62 1.59 0.22
CA LEU A 33 -3.89 0.34 0.43
C LEU A 33 -2.56 0.62 1.12
N LYS A 34 -1.82 1.60 0.62
CA LYS A 34 -0.53 1.96 1.20
C LYS A 34 -0.67 2.36 2.66
N SER A 35 -1.65 3.23 2.93
CA SER A 35 -1.89 3.70 4.29
C SER A 35 -2.47 2.58 5.16
N LYS A 36 -3.18 1.65 4.52
CA LYS A 36 -3.78 0.54 5.23
C LYS A 36 -2.71 -0.39 5.82
N TYR A 37 -1.74 -0.75 4.98
CA TYR A 37 -0.65 -1.62 5.42
C TYR A 37 0.58 -0.82 5.81
N PHE A 38 0.92 0.17 4.98
CA PHE A 38 2.08 1.02 5.23
C PHE A 38 1.64 2.44 5.57
N PRO A 39 1.31 2.67 6.85
CA PRO A 39 0.87 3.98 7.33
C PRO A 39 2.01 4.99 7.36
N GLY A 40 1.80 6.13 6.70
CA GLY A 40 2.81 7.17 6.66
C GLY A 40 3.91 6.85 5.68
N GLN A 41 4.34 5.59 5.65
CA GLN A 41 5.39 5.17 4.74
C GLN A 41 4.95 5.26 3.28
N GLU A 42 3.68 5.62 3.09
CA GLU A 42 3.13 5.75 1.75
C GLU A 42 4.01 6.66 0.87
N SER A 43 4.89 7.41 1.52
CA SER A 43 5.78 8.32 0.81
C SER A 43 6.83 7.53 0.02
N GLN A 44 7.43 6.55 0.67
CA GLN A 44 8.45 5.73 0.03
C GLN A 44 7.83 4.51 -0.65
N MET A 45 6.95 3.84 0.06
CA MET A 45 6.28 2.65 -0.48
C MET A 45 5.68 2.95 -1.86
N LYS A 46 6.40 2.58 -2.91
CA LYS A 46 5.95 2.80 -4.27
C LYS A 46 5.45 1.50 -4.90
N LEU A 47 4.17 1.49 -5.28
CA LEU A 47 3.58 0.31 -5.89
C LEU A 47 3.64 0.39 -7.42
N ILE A 48 4.02 -0.71 -8.04
CA ILE A 48 4.13 -0.76 -9.50
C ILE A 48 3.40 -1.97 -10.06
N TYR A 49 2.45 -1.72 -10.96
CA TYR A 49 1.67 -2.78 -11.57
C TYR A 49 1.91 -2.84 -13.08
N GLN A 50 2.39 -3.98 -13.56
CA GLN A 50 2.67 -4.16 -14.97
C GLN A 50 3.59 -3.07 -15.49
N GLY A 51 4.53 -2.64 -14.65
CA GLY A 51 5.47 -1.61 -15.04
C GLY A 51 4.88 -0.22 -14.92
N ARG A 52 3.66 -0.13 -14.41
CA ARG A 52 2.98 1.15 -14.24
C ARG A 52 3.03 1.61 -12.79
N LEU A 53 3.36 2.88 -12.58
CA LEU A 53 3.45 3.44 -11.24
C LEU A 53 2.06 3.80 -10.72
N LEU A 54 1.68 3.17 -9.61
CA LEU A 54 0.38 3.42 -8.99
C LEU A 54 0.39 4.73 -8.21
N GLN A 55 0.96 5.77 -8.80
CA GLN A 55 1.03 7.08 -8.16
C GLN A 55 -0.35 7.53 -7.68
N ASP A 56 -1.22 7.85 -8.62
CA ASP A 56 -2.57 8.29 -8.30
C ASP A 56 -3.18 7.42 -7.21
N PRO A 57 -3.21 7.97 -5.98
CA PRO A 57 -3.77 7.26 -4.82
C PRO A 57 -5.28 7.11 -4.90
N ALA A 58 -5.86 7.55 -6.02
CA ALA A 58 -7.30 7.46 -6.22
C ALA A 58 -7.63 6.52 -7.37
N ARG A 59 -6.62 5.81 -7.87
CA ARG A 59 -6.81 4.87 -8.97
C ARG A 59 -7.41 3.56 -8.47
N THR A 60 -8.71 3.40 -8.68
CA THR A 60 -9.41 2.20 -8.25
C THR A 60 -8.64 0.94 -8.67
N LEU A 61 -8.53 -0.01 -7.73
CA LEU A 61 -7.82 -1.25 -8.00
C LEU A 61 -8.42 -1.97 -9.20
N SER A 62 -9.72 -1.81 -9.40
CA SER A 62 -10.42 -2.45 -10.50
C SER A 62 -9.91 -1.93 -11.84
N SER A 63 -9.70 -0.62 -11.92
CA SER A 63 -9.21 0.00 -13.14
C SER A 63 -7.76 -0.39 -13.42
N LEU A 64 -6.99 -0.53 -12.35
CA LEU A 64 -5.58 -0.92 -12.47
C LEU A 64 -5.44 -2.40 -12.81
N ASN A 65 -6.57 -3.06 -13.04
CA ASN A 65 -6.58 -4.47 -13.37
C ASN A 65 -6.02 -5.31 -12.23
N ILE A 66 -6.30 -4.87 -11.00
CA ILE A 66 -5.83 -5.58 -9.82
C ILE A 66 -6.86 -6.59 -9.33
N THR A 67 -6.69 -7.84 -9.73
CA THR A 67 -7.60 -8.91 -9.33
C THR A 67 -7.00 -9.79 -8.25
N ASN A 68 -7.73 -10.81 -7.85
CA ASN A 68 -7.26 -11.74 -6.81
C ASN A 68 -6.08 -12.55 -7.31
N ASN A 69 -5.23 -12.99 -6.38
CA ASN A 69 -4.05 -13.78 -6.73
C ASN A 69 -3.08 -12.97 -7.59
N CYS A 70 -2.82 -11.75 -7.16
CA CYS A 70 -1.90 -10.87 -7.89
C CYS A 70 -0.87 -10.26 -6.95
N VAL A 71 0.33 -10.02 -7.47
CA VAL A 71 1.40 -9.44 -6.68
C VAL A 71 1.71 -8.01 -7.13
N ILE A 72 1.99 -7.14 -6.16
CA ILE A 72 2.30 -5.74 -6.45
C ILE A 72 3.72 -5.39 -6.01
N HIS A 73 4.54 -4.95 -6.96
CA HIS A 73 5.91 -4.58 -6.66
C HIS A 73 5.96 -3.31 -5.80
N CYS A 74 6.74 -3.36 -4.73
CA CYS A 74 6.87 -2.24 -3.82
C CYS A 74 8.31 -1.74 -3.78
N HIS A 75 8.49 -0.43 -3.93
CA HIS A 75 9.81 0.18 -3.91
C HIS A 75 9.95 1.15 -2.74
N ARG A 76 11.15 1.24 -2.19
CA ARG A 76 11.42 2.14 -1.06
C ARG A 76 12.35 3.26 -1.48
N SER A 77 11.82 4.49 -1.50
CA SER A 77 12.62 5.65 -1.88
C SER A 77 13.47 6.14 -0.72
N PRO A 78 14.74 6.44 -0.99
CA PRO A 78 15.69 6.92 0.01
C PRO A 78 15.36 8.33 0.50
N PRO A 79 15.67 8.61 1.77
CA PRO A 79 15.42 9.91 2.39
C PRO A 79 16.33 11.01 1.81
N GLY A 80 16.11 12.24 2.27
CA GLY A 80 16.90 13.35 1.79
C GLY A 80 17.45 14.21 2.91
N ALA A 81 16.73 14.23 4.03
CA ALA A 81 17.15 15.01 5.19
C ALA A 81 16.97 14.22 6.48
N ALA A 82 18.03 14.17 7.29
CA ALA A 82 18.00 13.44 8.54
C ALA A 82 17.36 14.29 9.65
N VAL A 83 16.07 14.06 9.90
CA VAL A 83 15.36 14.79 10.93
C VAL A 83 15.44 14.09 12.27
N SER A 84 15.50 14.87 13.34
CA SER A 84 15.59 14.32 14.69
C SER A 84 14.28 14.55 15.46
N GLY A 85 14.07 13.75 16.50
CA GLY A 85 12.86 13.88 17.30
C GLY A 85 11.66 13.25 16.63
N PRO A 86 10.72 12.76 17.45
CA PRO A 86 9.49 12.12 16.95
C PRO A 86 8.54 13.13 16.31
N SER A 87 7.73 12.66 15.37
CA SER A 87 6.77 13.51 14.67
C SER A 87 5.36 13.26 15.18
N ALA A 88 5.00 13.94 16.26
CA ALA A 88 3.67 13.80 16.84
C ALA A 88 3.39 12.35 17.23
N SER A 89 4.38 11.72 17.88
CA SER A 89 4.24 10.33 18.31
C SER A 89 4.06 10.26 19.81
N SER A 90 2.90 9.75 20.24
CA SER A 90 2.60 9.62 21.66
C SER A 90 2.99 8.24 22.17
N GLY A 91 2.85 8.03 23.48
CA GLY A 91 3.19 6.76 24.08
C GLY A 91 2.23 5.65 23.65
N PRO A 92 2.77 4.42 23.53
CA PRO A 92 1.98 3.25 23.13
C PRO A 92 0.99 2.82 24.22
N SER A 93 0.09 1.91 23.88
CA SER A 93 -0.90 1.42 24.82
C SER A 93 -0.95 -0.11 24.81
N SER A 94 -0.94 -0.69 23.61
CA SER A 94 -0.99 -2.13 23.46
C SER A 94 0.38 -2.68 23.10
N GLY A 95 1.10 -3.16 24.10
CA GLY A 95 2.43 -3.72 23.86
C GLY A 95 2.41 -4.84 22.83
N GLY A 1 -7.54 -2.88 12.21
CA GLY A 1 -7.41 -3.11 10.78
C GLY A 1 -7.89 -4.49 10.37
N SER A 2 -9.15 -4.57 9.95
CA SER A 2 -9.73 -5.83 9.52
C SER A 2 -10.76 -5.62 8.41
N SER A 3 -10.85 -6.59 7.51
CA SER A 3 -11.78 -6.50 6.39
C SER A 3 -12.62 -7.77 6.28
N GLY A 4 -13.74 -7.68 5.58
CA GLY A 4 -14.61 -8.83 5.42
C GLY A 4 -13.91 -10.01 4.78
N SER A 5 -14.63 -11.12 4.63
CA SER A 5 -14.06 -12.32 4.03
C SER A 5 -14.02 -12.20 2.52
N SER A 6 -15.12 -11.75 1.92
CA SER A 6 -15.22 -11.60 0.48
C SER A 6 -14.20 -10.57 -0.02
N GLY A 7 -13.78 -10.73 -1.27
CA GLY A 7 -12.81 -9.82 -1.85
C GLY A 7 -11.70 -10.54 -2.58
N ILE A 8 -10.67 -9.79 -2.95
CA ILE A 8 -9.54 -10.36 -3.67
C ILE A 8 -8.25 -10.22 -2.86
N ASN A 9 -7.44 -11.27 -2.87
CA ASN A 9 -6.17 -11.26 -2.13
C ASN A 9 -5.05 -10.69 -2.99
N VAL A 10 -4.14 -9.95 -2.36
CA VAL A 10 -3.02 -9.36 -3.06
C VAL A 10 -1.72 -9.59 -2.32
N ARG A 11 -0.66 -9.93 -3.07
CA ARG A 11 0.65 -10.18 -2.47
C ARG A 11 1.57 -8.98 -2.66
N LEU A 12 1.92 -8.34 -1.55
CA LEU A 12 2.81 -7.17 -1.60
C LEU A 12 4.26 -7.60 -1.60
N LYS A 13 4.95 -7.38 -2.72
CA LYS A 13 6.34 -7.74 -2.85
C LYS A 13 7.24 -6.51 -2.69
N PHE A 14 8.27 -6.64 -1.85
CA PHE A 14 9.19 -5.53 -1.62
C PHE A 14 10.53 -5.79 -2.30
N LEU A 15 11.33 -4.74 -2.45
CA LEU A 15 12.62 -4.84 -3.09
C LEU A 15 13.58 -5.69 -2.25
N ASN A 16 13.15 -6.01 -1.04
CA ASN A 16 13.97 -6.82 -0.13
C ASN A 16 13.73 -8.31 -0.37
N ASP A 17 13.24 -8.63 -1.56
CA ASP A 17 12.98 -10.02 -1.91
C ASP A 17 12.03 -10.67 -0.91
N THR A 18 10.98 -9.95 -0.54
CA THR A 18 10.00 -10.44 0.43
C THR A 18 8.58 -10.22 -0.08
N GLU A 19 7.62 -10.89 0.54
CA GLU A 19 6.22 -10.77 0.16
C GLU A 19 5.32 -10.73 1.39
N GLU A 20 4.25 -9.94 1.30
CA GLU A 20 3.30 -9.81 2.40
C GLU A 20 1.87 -9.99 1.92
N LEU A 21 1.13 -10.86 2.60
CA LEU A 21 -0.26 -11.13 2.23
C LEU A 21 -1.16 -9.97 2.64
N ALA A 22 -1.80 -9.35 1.66
CA ALA A 22 -2.70 -8.22 1.92
C ALA A 22 -3.97 -8.33 1.10
N VAL A 23 -5.11 -8.38 1.78
CA VAL A 23 -6.41 -8.49 1.11
C VAL A 23 -6.91 -7.11 0.67
N ALA A 24 -7.17 -6.98 -0.63
CA ALA A 24 -7.66 -5.72 -1.18
C ALA A 24 -8.92 -5.95 -2.02
N ARG A 25 -9.70 -4.88 -2.20
CA ARG A 25 -10.92 -4.96 -2.98
C ARG A 25 -10.81 -4.15 -4.27
N PRO A 26 -11.59 -4.54 -5.28
CA PRO A 26 -11.59 -3.87 -6.58
C PRO A 26 -12.20 -2.48 -6.51
N GLU A 27 -12.58 -2.06 -5.31
CA GLU A 27 -13.20 -0.75 -5.10
C GLU A 27 -12.24 0.18 -4.36
N ASP A 28 -11.52 -0.36 -3.40
CA ASP A 28 -10.57 0.42 -2.62
C ASP A 28 -9.68 1.26 -3.53
N THR A 29 -8.90 2.15 -2.93
CA THR A 29 -8.00 3.03 -3.68
C THR A 29 -6.54 2.66 -3.43
N VAL A 30 -5.68 3.04 -4.35
CA VAL A 30 -4.25 2.77 -4.23
C VAL A 30 -3.66 3.43 -2.99
N GLY A 31 -4.04 4.69 -2.76
CA GLY A 31 -3.54 5.41 -1.62
C GLY A 31 -3.94 4.76 -0.31
N THR A 32 -5.15 4.23 -0.25
CA THR A 32 -5.65 3.58 0.95
C THR A 32 -4.95 2.24 1.19
N LEU A 33 -4.58 1.57 0.10
CA LEU A 33 -3.90 0.28 0.19
C LEU A 33 -2.53 0.43 0.84
N LYS A 34 -1.77 1.43 0.39
CA LYS A 34 -0.44 1.68 0.93
C LYS A 34 -0.53 2.24 2.35
N SER A 35 -1.50 3.13 2.57
CA SER A 35 -1.69 3.73 3.89
C SER A 35 -2.27 2.72 4.87
N LYS A 36 -3.04 1.77 4.36
CA LYS A 36 -3.65 0.74 5.19
C LYS A 36 -2.60 -0.23 5.72
N TYR A 37 -1.73 -0.70 4.83
CA TYR A 37 -0.68 -1.64 5.20
C TYR A 37 0.62 -0.90 5.50
N PHE A 38 0.75 0.30 4.96
CA PHE A 38 1.95 1.11 5.17
C PHE A 38 1.57 2.56 5.49
N PRO A 39 1.30 2.82 6.78
CA PRO A 39 0.92 4.16 7.25
C PRO A 39 2.09 5.14 7.20
N GLY A 40 1.91 6.25 6.50
CA GLY A 40 2.95 7.25 6.39
C GLY A 40 4.03 6.85 5.41
N GLN A 41 4.42 5.58 5.43
CA GLN A 41 5.46 5.08 4.53
C GLN A 41 5.03 5.24 3.08
N GLU A 42 3.77 5.60 2.87
CA GLU A 42 3.24 5.79 1.53
C GLU A 42 4.16 6.68 0.70
N SER A 43 5.03 7.42 1.38
CA SER A 43 5.96 8.32 0.71
C SER A 43 7.00 7.52 -0.09
N GLN A 44 7.59 6.52 0.56
CA GLN A 44 8.60 5.69 -0.07
C GLN A 44 7.97 4.45 -0.70
N MET A 45 7.07 3.81 0.03
CA MET A 45 6.39 2.62 -0.45
C MET A 45 5.66 2.90 -1.76
N LYS A 46 6.35 2.69 -2.88
CA LYS A 46 5.76 2.92 -4.19
C LYS A 46 5.32 1.62 -4.83
N LEU A 47 4.03 1.51 -5.13
CA LEU A 47 3.48 0.30 -5.76
C LEU A 47 3.46 0.44 -7.28
N ILE A 48 3.90 -0.62 -7.96
CA ILE A 48 3.93 -0.62 -9.42
C ILE A 48 3.24 -1.87 -9.98
N TYR A 49 2.23 -1.64 -10.82
CA TYR A 49 1.49 -2.74 -11.42
C TYR A 49 1.73 -2.80 -12.93
N GLN A 50 2.42 -3.85 -13.36
CA GLN A 50 2.73 -4.01 -14.79
C GLN A 50 3.63 -2.89 -15.29
N GLY A 51 4.71 -2.64 -14.58
CA GLY A 51 5.63 -1.59 -14.96
C GLY A 51 5.03 -0.21 -14.83
N ARG A 52 3.81 -0.14 -14.32
CA ARG A 52 3.11 1.12 -14.15
C ARG A 52 3.08 1.53 -12.68
N LEU A 53 3.44 2.77 -12.40
CA LEU A 53 3.44 3.28 -11.04
C LEU A 53 2.05 3.69 -10.59
N LEU A 54 1.61 3.16 -9.46
CA LEU A 54 0.28 3.46 -8.93
C LEU A 54 0.28 4.83 -8.25
N GLN A 55 0.86 5.82 -8.91
CA GLN A 55 0.92 7.18 -8.38
C GLN A 55 -0.46 7.62 -7.88
N ASP A 56 -1.35 7.92 -8.82
CA ASP A 56 -2.70 8.36 -8.47
C ASP A 56 -3.27 7.52 -7.33
N PRO A 57 -3.28 8.07 -6.12
CA PRO A 57 -3.80 7.39 -4.93
C PRO A 57 -5.31 7.22 -4.97
N ALA A 58 -5.92 7.66 -6.07
CA ALA A 58 -7.37 7.56 -6.24
C ALA A 58 -7.74 6.42 -7.18
N ARG A 59 -6.83 6.12 -8.10
CA ARG A 59 -7.06 5.05 -9.06
C ARG A 59 -7.54 3.78 -8.37
N THR A 60 -8.78 3.38 -8.66
CA THR A 60 -9.34 2.18 -8.05
C THR A 60 -8.57 0.94 -8.46
N LEU A 61 -8.54 -0.06 -7.58
CA LEU A 61 -7.84 -1.30 -7.84
C LEU A 61 -8.42 -2.02 -9.06
N SER A 62 -9.73 -1.85 -9.28
CA SER A 62 -10.41 -2.47 -10.40
C SER A 62 -9.90 -1.91 -11.72
N SER A 63 -9.77 -0.57 -11.78
CA SER A 63 -9.30 0.08 -12.99
C SER A 63 -7.87 -0.33 -13.32
N LEU A 64 -7.08 -0.58 -12.28
CA LEU A 64 -5.68 -0.99 -12.45
C LEU A 64 -5.59 -2.47 -12.79
N ASN A 65 -6.75 -3.11 -12.94
CA ASN A 65 -6.79 -4.53 -13.27
C ASN A 65 -6.19 -5.37 -12.14
N ILE A 66 -6.37 -4.91 -10.91
CA ILE A 66 -5.84 -5.62 -9.75
C ILE A 66 -6.82 -6.68 -9.27
N THR A 67 -6.64 -7.90 -9.77
CA THR A 67 -7.52 -9.01 -9.38
C THR A 67 -6.88 -9.85 -8.28
N ASN A 68 -7.55 -10.94 -7.91
CA ASN A 68 -7.04 -11.83 -6.88
C ASN A 68 -5.82 -12.60 -7.36
N ASN A 69 -4.95 -12.96 -6.43
CA ASN A 69 -3.74 -13.71 -6.76
C ASN A 69 -2.76 -12.84 -7.56
N CYS A 70 -2.76 -11.54 -7.26
CA CYS A 70 -1.87 -10.60 -7.95
C CYS A 70 -0.79 -10.09 -7.01
N VAL A 71 0.40 -9.89 -7.54
CA VAL A 71 1.53 -9.40 -6.75
C VAL A 71 1.87 -7.96 -7.12
N ILE A 72 2.05 -7.12 -6.11
CA ILE A 72 2.38 -5.71 -6.32
C ILE A 72 3.79 -5.41 -5.86
N HIS A 73 4.60 -4.85 -6.76
CA HIS A 73 5.98 -4.50 -6.44
C HIS A 73 6.05 -3.19 -5.66
N CYS A 74 6.81 -3.20 -4.56
CA CYS A 74 6.96 -2.01 -3.73
C CYS A 74 8.39 -1.48 -3.81
N HIS A 75 8.52 -0.19 -4.11
CA HIS A 75 9.82 0.45 -4.21
C HIS A 75 10.14 1.23 -2.94
N ARG A 76 11.33 0.98 -2.38
CA ARG A 76 11.76 1.65 -1.16
C ARG A 76 12.94 2.59 -1.44
N SER A 77 12.76 3.87 -1.17
CA SER A 77 13.80 4.86 -1.40
C SER A 77 14.23 5.50 -0.08
N PRO A 78 15.54 5.44 0.21
CA PRO A 78 16.10 6.01 1.44
C PRO A 78 16.08 7.54 1.43
N PRO A 79 15.93 8.14 2.61
CA PRO A 79 15.89 9.60 2.76
C PRO A 79 17.25 10.24 2.50
N GLY A 80 17.24 11.39 1.84
CA GLY A 80 18.48 12.08 1.54
C GLY A 80 18.80 13.16 2.56
N ALA A 81 17.78 13.90 2.98
CA ALA A 81 17.96 14.97 3.95
C ALA A 81 17.35 14.58 5.30
N ALA A 82 17.49 13.31 5.67
CA ALA A 82 16.95 12.82 6.93
C ALA A 82 15.58 13.40 7.21
N VAL A 83 14.76 13.51 6.17
CA VAL A 83 13.41 14.05 6.31
C VAL A 83 12.48 13.04 6.98
N SER A 84 12.86 11.77 6.92
CA SER A 84 12.06 10.71 7.51
C SER A 84 12.47 10.46 8.96
N GLY A 85 12.09 11.36 9.86
CA GLY A 85 12.44 11.22 11.26
C GLY A 85 11.76 10.03 11.90
N PRO A 86 11.59 10.09 13.23
CA PRO A 86 10.94 9.02 14.00
C PRO A 86 9.46 8.91 13.70
N SER A 87 8.93 7.69 13.74
CA SER A 87 7.52 7.45 13.48
C SER A 87 6.74 7.30 14.78
N ALA A 88 7.27 6.48 15.69
CA ALA A 88 6.64 6.25 16.98
C ALA A 88 5.20 5.78 16.80
N SER A 89 4.99 4.88 15.84
CA SER A 89 3.65 4.35 15.57
C SER A 89 3.42 3.04 16.33
N SER A 90 4.31 2.08 16.12
CA SER A 90 4.20 0.78 16.79
C SER A 90 2.97 0.03 16.31
N GLY A 91 2.71 0.10 15.01
CA GLY A 91 1.55 -0.58 14.44
C GLY A 91 1.94 -1.74 13.53
N PRO A 92 2.15 -2.92 14.12
CA PRO A 92 2.53 -4.12 13.38
C PRO A 92 1.40 -4.64 12.51
N SER A 93 1.69 -4.85 11.23
CA SER A 93 0.69 -5.34 10.29
C SER A 93 0.31 -6.79 10.61
N SER A 94 -0.88 -6.97 11.18
CA SER A 94 -1.35 -8.30 11.54
C SER A 94 -2.11 -8.94 10.38
N GLY A 95 -3.12 -8.24 9.89
CA GLY A 95 -3.92 -8.75 8.78
C GLY A 95 -5.11 -9.55 9.24
N GLY A 1 -28.02 -2.62 6.15
CA GLY A 1 -27.81 -3.59 5.08
C GLY A 1 -26.53 -4.38 5.25
N SER A 2 -26.63 -5.56 5.87
CA SER A 2 -25.48 -6.41 6.10
C SER A 2 -24.95 -6.98 4.80
N SER A 3 -23.76 -7.58 4.86
CA SER A 3 -23.14 -8.17 3.67
C SER A 3 -22.02 -9.13 4.07
N GLY A 4 -21.89 -10.21 3.31
CA GLY A 4 -20.85 -11.19 3.60
C GLY A 4 -19.45 -10.59 3.53
N SER A 5 -18.45 -11.42 3.77
CA SER A 5 -17.06 -10.97 3.74
C SER A 5 -16.34 -11.53 2.52
N SER A 6 -16.26 -10.71 1.47
CA SER A 6 -15.59 -11.12 0.23
C SER A 6 -14.55 -10.09 -0.18
N GLY A 7 -13.71 -10.46 -1.15
CA GLY A 7 -12.68 -9.57 -1.62
C GLY A 7 -11.55 -10.30 -2.32
N ILE A 8 -10.60 -9.55 -2.86
CA ILE A 8 -9.46 -10.13 -3.56
C ILE A 8 -8.18 -9.99 -2.75
N ASN A 9 -7.34 -11.02 -2.80
CA ASN A 9 -6.09 -11.01 -2.07
C ASN A 9 -4.96 -10.46 -2.93
N VAL A 10 -4.05 -9.72 -2.30
CA VAL A 10 -2.92 -9.13 -3.02
C VAL A 10 -1.62 -9.39 -2.27
N ARG A 11 -0.59 -9.80 -3.02
CA ARG A 11 0.71 -10.09 -2.44
C ARG A 11 1.67 -8.93 -2.68
N LEU A 12 2.10 -8.29 -1.59
CA LEU A 12 3.03 -7.17 -1.68
C LEU A 12 4.47 -7.66 -1.74
N LYS A 13 5.07 -7.59 -2.92
CA LYS A 13 6.45 -8.02 -3.10
C LYS A 13 7.39 -6.83 -3.08
N PHE A 14 8.42 -6.90 -2.24
CA PHE A 14 9.40 -5.83 -2.13
C PHE A 14 10.72 -6.22 -2.78
N LEU A 15 11.57 -5.23 -3.05
CA LEU A 15 12.86 -5.49 -3.66
C LEU A 15 13.78 -6.26 -2.71
N ASN A 16 13.36 -6.38 -1.46
CA ASN A 16 14.14 -7.09 -0.46
C ASN A 16 13.85 -8.59 -0.52
N ASP A 17 13.54 -9.09 -1.71
CA ASP A 17 13.24 -10.50 -1.90
C ASP A 17 12.24 -10.99 -0.87
N THR A 18 11.42 -10.07 -0.37
CA THR A 18 10.40 -10.41 0.62
C THR A 18 9.00 -10.10 0.09
N GLU A 19 7.99 -10.71 0.73
CA GLU A 19 6.61 -10.50 0.32
C GLU A 19 5.69 -10.43 1.54
N GLU A 20 4.61 -9.66 1.40
CA GLU A 20 3.67 -9.50 2.50
C GLU A 20 2.23 -9.68 1.99
N LEU A 21 1.48 -10.54 2.68
CA LEU A 21 0.09 -10.81 2.30
C LEU A 21 -0.80 -9.63 2.68
N ALA A 22 -1.54 -9.11 1.70
CA ALA A 22 -2.44 -7.99 1.94
C ALA A 22 -3.73 -8.13 1.13
N VAL A 23 -4.86 -8.02 1.80
CA VAL A 23 -6.15 -8.14 1.15
C VAL A 23 -6.66 -6.79 0.66
N ALA A 24 -6.92 -6.70 -0.64
CA ALA A 24 -7.41 -5.46 -1.23
C ALA A 24 -8.69 -5.69 -2.01
N ARG A 25 -9.47 -4.62 -2.20
CA ARG A 25 -10.72 -4.72 -2.92
C ARG A 25 -10.65 -3.96 -4.25
N PRO A 26 -11.48 -4.37 -5.22
CA PRO A 26 -11.52 -3.74 -6.54
C PRO A 26 -12.11 -2.34 -6.50
N GLU A 27 -12.58 -1.94 -5.33
CA GLU A 27 -13.17 -0.62 -5.16
C GLU A 27 -12.21 0.32 -4.45
N ASP A 28 -11.53 -0.20 -3.43
CA ASP A 28 -10.57 0.59 -2.66
C ASP A 28 -9.60 1.31 -3.59
N THR A 29 -8.95 2.35 -3.06
CA THR A 29 -7.99 3.13 -3.84
C THR A 29 -6.57 2.78 -3.47
N VAL A 30 -5.64 3.02 -4.38
CA VAL A 30 -4.22 2.74 -4.14
C VAL A 30 -3.71 3.50 -2.93
N GLY A 31 -4.11 4.76 -2.81
CA GLY A 31 -3.69 5.58 -1.70
C GLY A 31 -4.11 5.00 -0.36
N THR A 32 -5.30 4.43 -0.31
CA THR A 32 -5.82 3.84 0.92
C THR A 32 -5.06 2.58 1.29
N LEU A 33 -4.77 1.74 0.30
CA LEU A 33 -4.04 0.50 0.52
C LEU A 33 -2.70 0.78 1.20
N LYS A 34 -1.97 1.76 0.69
CA LYS A 34 -0.67 2.12 1.25
C LYS A 34 -0.82 2.51 2.73
N SER A 35 -1.78 3.38 3.02
CA SER A 35 -2.00 3.82 4.40
C SER A 35 -2.59 2.70 5.24
N LYS A 36 -3.31 1.79 4.59
CA LYS A 36 -3.93 0.66 5.28
C LYS A 36 -2.88 -0.26 5.86
N TYR A 37 -1.88 -0.61 5.05
CA TYR A 37 -0.80 -1.49 5.49
C TYR A 37 0.44 -0.69 5.86
N PHE A 38 0.78 0.28 5.02
CA PHE A 38 1.96 1.12 5.26
C PHE A 38 1.53 2.52 5.66
N PRO A 39 1.20 2.69 6.96
CA PRO A 39 0.78 3.98 7.51
C PRO A 39 1.92 4.98 7.58
N GLY A 40 1.74 6.13 6.95
CA GLY A 40 2.77 7.16 6.95
C GLY A 40 3.87 6.88 5.96
N GLN A 41 4.14 5.60 5.71
CA GLN A 41 5.18 5.20 4.77
C GLN A 41 4.65 5.22 3.34
N GLU A 42 3.56 5.96 3.13
CA GLU A 42 2.96 6.06 1.80
C GLU A 42 3.80 6.96 0.89
N SER A 43 4.93 7.43 1.42
CA SER A 43 5.82 8.30 0.66
C SER A 43 6.80 7.48 -0.17
N GLN A 44 7.43 6.50 0.47
CA GLN A 44 8.40 5.65 -0.21
C GLN A 44 7.72 4.43 -0.82
N MET A 45 6.67 3.94 -0.16
CA MET A 45 5.93 2.79 -0.63
C MET A 45 5.43 3.01 -2.05
N LYS A 46 6.27 2.72 -3.03
CA LYS A 46 5.92 2.90 -4.43
C LYS A 46 5.46 1.57 -5.04
N LEU A 47 4.18 1.50 -5.40
CA LEU A 47 3.62 0.29 -6.00
C LEU A 47 3.63 0.38 -7.52
N ILE A 48 4.00 -0.72 -8.16
CA ILE A 48 4.05 -0.76 -9.62
C ILE A 48 3.30 -1.98 -10.16
N TYR A 49 2.32 -1.73 -11.02
CA TYR A 49 1.52 -2.79 -11.60
C TYR A 49 1.71 -2.85 -13.12
N GLN A 50 2.30 -3.94 -13.60
CA GLN A 50 2.53 -4.12 -15.02
C GLN A 50 3.39 -2.99 -15.58
N GLY A 51 4.51 -2.71 -14.92
CA GLY A 51 5.38 -1.64 -15.35
C GLY A 51 4.74 -0.28 -15.26
N ARG A 52 3.52 -0.24 -14.73
CA ARG A 52 2.80 1.02 -14.57
C ARG A 52 2.80 1.48 -13.12
N LEU A 53 3.11 2.75 -12.91
CA LEU A 53 3.15 3.32 -11.58
C LEU A 53 1.75 3.66 -11.08
N LEU A 54 1.42 3.18 -9.88
CA LEU A 54 0.11 3.44 -9.29
C LEU A 54 0.08 4.78 -8.58
N GLN A 55 0.80 5.75 -9.13
CA GLN A 55 0.86 7.09 -8.54
C GLN A 55 -0.51 7.50 -8.00
N ASP A 56 -1.42 7.85 -8.91
CA ASP A 56 -2.75 8.28 -8.53
C ASP A 56 -3.29 7.41 -7.39
N PRO A 57 -3.24 7.96 -6.16
CA PRO A 57 -3.71 7.26 -4.96
C PRO A 57 -5.23 7.11 -4.94
N ALA A 58 -5.89 7.57 -6.01
CA ALA A 58 -7.34 7.48 -6.10
C ALA A 58 -7.76 6.61 -7.29
N ARG A 59 -6.84 5.75 -7.73
CA ARG A 59 -7.11 4.86 -8.86
C ARG A 59 -7.65 3.53 -8.38
N THR A 60 -8.96 3.30 -8.59
CA THR A 60 -9.59 2.05 -8.17
C THR A 60 -8.78 0.84 -8.63
N LEU A 61 -8.61 -0.11 -7.72
CA LEU A 61 -7.86 -1.33 -8.02
C LEU A 61 -8.46 -2.05 -9.22
N SER A 62 -9.78 -1.94 -9.38
CA SER A 62 -10.47 -2.59 -10.48
C SER A 62 -10.00 -2.03 -11.82
N SER A 63 -9.91 -0.70 -11.91
CA SER A 63 -9.49 -0.04 -13.13
C SER A 63 -8.03 -0.40 -13.46
N LEU A 64 -7.23 -0.58 -12.42
CA LEU A 64 -5.82 -0.91 -12.58
C LEU A 64 -5.65 -2.38 -12.94
N ASN A 65 -6.76 -3.08 -13.13
CA ASN A 65 -6.75 -4.49 -13.47
C ASN A 65 -6.16 -5.31 -12.33
N ILE A 66 -6.31 -4.82 -11.11
CA ILE A 66 -5.79 -5.51 -9.94
C ILE A 66 -6.78 -6.56 -9.45
N THR A 67 -6.48 -7.82 -9.73
CA THR A 67 -7.33 -8.94 -9.32
C THR A 67 -6.69 -9.73 -8.19
N ASN A 68 -7.37 -10.80 -7.78
CA ASN A 68 -6.87 -11.66 -6.71
C ASN A 68 -5.75 -12.56 -7.21
N ASN A 69 -4.84 -12.93 -6.32
CA ASN A 69 -3.73 -13.80 -6.66
C ASN A 69 -2.67 -13.03 -7.46
N CYS A 70 -2.64 -11.72 -7.27
CA CYS A 70 -1.69 -10.87 -7.98
C CYS A 70 -0.61 -10.36 -7.02
N VAL A 71 0.50 -9.88 -7.58
CA VAL A 71 1.59 -9.36 -6.78
C VAL A 71 1.93 -7.93 -7.17
N ILE A 72 2.10 -7.06 -6.17
CA ILE A 72 2.41 -5.67 -6.40
C ILE A 72 3.82 -5.34 -5.93
N HIS A 73 4.67 -4.89 -6.85
CA HIS A 73 6.05 -4.54 -6.52
C HIS A 73 6.10 -3.24 -5.73
N CYS A 74 6.75 -3.28 -4.57
CA CYS A 74 6.86 -2.10 -3.72
C CYS A 74 8.32 -1.66 -3.60
N HIS A 75 8.58 -0.39 -3.89
CA HIS A 75 9.93 0.15 -3.80
C HIS A 75 10.12 0.96 -2.53
N ARG A 76 11.12 0.58 -1.74
CA ARG A 76 11.40 1.28 -0.48
C ARG A 76 12.73 2.02 -0.57
N SER A 77 12.71 3.30 -0.21
CA SER A 77 13.92 4.12 -0.24
C SER A 77 14.27 4.62 1.15
N PRO A 78 15.58 4.70 1.43
CA PRO A 78 16.08 5.16 2.73
C PRO A 78 15.85 6.65 2.94
N PRO A 79 15.26 7.00 4.10
CA PRO A 79 14.96 8.39 4.45
C PRO A 79 16.23 9.18 4.76
N GLY A 80 16.04 10.43 5.18
CA GLY A 80 17.17 11.28 5.50
C GLY A 80 17.69 11.04 6.91
N ALA A 81 16.81 11.13 7.89
CA ALA A 81 17.20 10.92 9.28
C ALA A 81 16.47 9.71 9.87
N ALA A 82 17.13 8.57 9.88
CA ALA A 82 16.55 7.34 10.42
C ALA A 82 17.11 7.04 11.80
N VAL A 83 17.03 8.01 12.70
CA VAL A 83 17.53 7.84 14.05
C VAL A 83 16.68 6.85 14.83
N SER A 84 15.54 6.48 14.26
CA SER A 84 14.62 5.54 14.90
C SER A 84 13.62 4.97 13.90
N GLY A 85 12.80 4.04 14.36
CA GLY A 85 11.80 3.43 13.48
C GLY A 85 10.60 2.92 14.25
N PRO A 86 9.42 2.99 13.61
CA PRO A 86 8.16 2.53 14.22
C PRO A 86 8.10 1.02 14.36
N SER A 87 9.08 0.34 13.75
CA SER A 87 9.14 -1.12 13.81
C SER A 87 8.69 -1.63 15.18
N ALA A 88 9.14 -0.94 16.23
CA ALA A 88 8.80 -1.32 17.60
C ALA A 88 7.39 -1.90 17.66
N SER A 89 6.40 -1.06 17.33
CA SER A 89 5.00 -1.48 17.35
C SER A 89 4.82 -2.84 16.70
N SER A 90 5.42 -3.00 15.51
CA SER A 90 5.32 -4.26 14.78
C SER A 90 5.32 -5.44 15.72
N GLY A 91 4.37 -6.35 15.53
CA GLY A 91 4.28 -7.53 16.37
C GLY A 91 4.78 -8.79 15.69
N PRO A 92 4.34 -9.95 16.18
CA PRO A 92 4.73 -11.25 15.63
C PRO A 92 4.14 -11.49 14.23
N SER A 93 4.96 -11.33 13.21
CA SER A 93 4.52 -11.53 11.84
C SER A 93 4.59 -13.00 11.46
N SER A 94 5.64 -13.67 11.92
CA SER A 94 5.83 -15.08 11.62
C SER A 94 4.65 -15.91 12.13
N GLY A 95 3.79 -16.33 11.20
CA GLY A 95 2.63 -17.13 11.57
C GLY A 95 2.67 -18.53 10.97
N GLY A 1 -8.55 -7.34 8.75
CA GLY A 1 -8.58 -8.66 8.14
C GLY A 1 -9.77 -9.48 8.61
N SER A 2 -10.98 -8.98 8.34
CA SER A 2 -12.20 -9.68 8.74
C SER A 2 -12.66 -10.64 7.65
N SER A 3 -12.93 -10.11 6.46
CA SER A 3 -13.37 -10.92 5.35
C SER A 3 -12.33 -10.96 4.24
N GLY A 4 -12.34 -12.04 3.46
CA GLY A 4 -11.38 -12.19 2.39
C GLY A 4 -12.00 -12.73 1.11
N SER A 5 -12.81 -13.77 1.26
CA SER A 5 -13.47 -14.39 0.11
C SER A 5 -14.24 -13.35 -0.70
N SER A 6 -15.00 -12.51 0.01
CA SER A 6 -15.79 -11.48 -0.64
C SER A 6 -14.90 -10.49 -1.38
N GLY A 7 -13.60 -10.57 -1.11
CA GLY A 7 -12.65 -9.67 -1.76
C GLY A 7 -11.52 -10.42 -2.44
N ILE A 8 -10.54 -9.67 -2.94
CA ILE A 8 -9.40 -10.28 -3.62
C ILE A 8 -8.12 -10.09 -2.80
N ASN A 9 -7.28 -11.12 -2.80
CA ASN A 9 -6.03 -11.08 -2.06
C ASN A 9 -4.89 -10.56 -2.94
N VAL A 10 -4.04 -9.72 -2.36
CA VAL A 10 -2.91 -9.15 -3.09
C VAL A 10 -1.60 -9.41 -2.36
N ARG A 11 -0.60 -9.87 -3.11
CA ARG A 11 0.71 -10.17 -2.53
C ARG A 11 1.65 -8.98 -2.69
N LEU A 12 2.00 -8.35 -1.57
CA LEU A 12 2.90 -7.20 -1.58
C LEU A 12 4.36 -7.64 -1.57
N LYS A 13 5.00 -7.54 -2.73
CA LYS A 13 6.41 -7.92 -2.84
C LYS A 13 7.31 -6.70 -2.76
N PHE A 14 8.39 -6.82 -1.98
CA PHE A 14 9.34 -5.72 -1.81
C PHE A 14 10.64 -6.03 -2.55
N LEU A 15 11.46 -4.99 -2.72
CA LEU A 15 12.75 -5.14 -3.41
C LEU A 15 13.71 -6.00 -2.58
N ASN A 16 13.34 -6.23 -1.32
CA ASN A 16 14.17 -7.03 -0.43
C ASN A 16 13.91 -8.52 -0.63
N ASP A 17 13.32 -8.86 -1.77
CA ASP A 17 13.01 -10.25 -2.09
C ASP A 17 12.04 -10.84 -1.06
N THR A 18 11.23 -9.98 -0.46
CA THR A 18 10.26 -10.41 0.54
C THR A 18 8.83 -10.16 0.06
N GLU A 19 7.87 -10.85 0.67
CA GLU A 19 6.47 -10.71 0.30
C GLU A 19 5.61 -10.50 1.53
N GLU A 20 4.50 -9.78 1.36
CA GLU A 20 3.58 -9.50 2.46
C GLU A 20 2.13 -9.72 2.04
N LEU A 21 1.41 -10.49 2.83
CA LEU A 21 0.01 -10.78 2.54
C LEU A 21 -0.87 -9.57 2.80
N ALA A 22 -1.54 -9.09 1.75
CA ALA A 22 -2.41 -7.94 1.86
C ALA A 22 -3.68 -8.12 1.02
N VAL A 23 -4.82 -8.10 1.68
CA VAL A 23 -6.10 -8.26 0.99
C VAL A 23 -6.66 -6.91 0.54
N ALA A 24 -6.88 -6.77 -0.77
CA ALA A 24 -7.41 -5.54 -1.33
C ALA A 24 -8.69 -5.80 -2.11
N ARG A 25 -9.50 -4.76 -2.29
CA ARG A 25 -10.75 -4.87 -3.03
C ARG A 25 -10.67 -4.11 -4.35
N PRO A 26 -11.49 -4.54 -5.33
CA PRO A 26 -11.53 -3.92 -6.65
C PRO A 26 -12.14 -2.53 -6.61
N GLU A 27 -12.50 -2.07 -5.41
CA GLU A 27 -13.10 -0.75 -5.25
C GLU A 27 -12.14 0.19 -4.52
N ASP A 28 -11.47 -0.33 -3.49
CA ASP A 28 -10.52 0.46 -2.72
C ASP A 28 -9.63 1.29 -3.64
N THR A 29 -8.85 2.19 -3.04
CA THR A 29 -7.95 3.04 -3.80
C THR A 29 -6.49 2.72 -3.48
N VAL A 30 -5.59 3.12 -4.37
CA VAL A 30 -4.16 2.88 -4.19
C VAL A 30 -3.64 3.62 -2.95
N GLY A 31 -4.05 4.87 -2.81
CA GLY A 31 -3.62 5.67 -1.67
C GLY A 31 -4.01 5.04 -0.35
N THR A 32 -5.23 4.53 -0.27
CA THR A 32 -5.72 3.91 0.95
C THR A 32 -5.02 2.57 1.21
N LEU A 33 -4.63 1.90 0.14
CA LEU A 33 -3.95 0.62 0.25
C LEU A 33 -2.58 0.79 0.91
N LYS A 34 -1.82 1.77 0.44
CA LYS A 34 -0.49 2.04 0.99
C LYS A 34 -0.60 2.55 2.42
N SER A 35 -1.59 3.39 2.68
CA SER A 35 -1.80 3.95 4.01
C SER A 35 -2.32 2.89 4.98
N LYS A 36 -3.10 1.96 4.45
CA LYS A 36 -3.66 0.88 5.25
C LYS A 36 -2.59 -0.09 5.70
N TYR A 37 -1.76 -0.52 4.75
CA TYR A 37 -0.69 -1.47 5.04
C TYR A 37 0.61 -0.73 5.40
N PHE A 38 0.73 0.51 4.91
CA PHE A 38 1.91 1.32 5.18
C PHE A 38 1.52 2.74 5.56
N PRO A 39 1.24 2.95 6.85
CA PRO A 39 0.83 4.27 7.37
C PRO A 39 2.00 5.26 7.36
N GLY A 40 1.82 6.35 6.62
CA GLY A 40 2.86 7.36 6.52
C GLY A 40 3.97 6.99 5.58
N GLN A 41 4.34 5.70 5.59
CA GLN A 41 5.40 5.21 4.72
C GLN A 41 4.99 5.29 3.25
N GLU A 42 3.75 5.70 3.01
CA GLU A 42 3.24 5.83 1.65
C GLU A 42 4.19 6.64 0.78
N SER A 43 5.09 7.38 1.43
CA SER A 43 6.06 8.21 0.72
C SER A 43 7.00 7.34 -0.12
N GLN A 44 7.62 6.37 0.53
CA GLN A 44 8.55 5.46 -0.15
C GLN A 44 7.80 4.29 -0.77
N MET A 45 6.90 3.68 0.01
CA MET A 45 6.12 2.55 -0.46
C MET A 45 5.51 2.84 -1.82
N LYS A 46 6.26 2.55 -2.89
CA LYS A 46 5.79 2.78 -4.24
C LYS A 46 5.39 1.47 -4.91
N LEU A 47 4.11 1.35 -5.25
CA LEU A 47 3.59 0.15 -5.88
C LEU A 47 3.61 0.29 -7.40
N ILE A 48 4.02 -0.77 -8.09
CA ILE A 48 4.07 -0.76 -9.54
C ILE A 48 3.37 -1.98 -10.13
N TYR A 49 2.37 -1.74 -10.97
CA TYR A 49 1.62 -2.82 -11.59
C TYR A 49 1.83 -2.83 -13.11
N GLN A 50 2.47 -3.88 -13.61
CA GLN A 50 2.74 -4.01 -15.03
C GLN A 50 3.59 -2.85 -15.53
N GLY A 51 4.60 -2.48 -14.75
CA GLY A 51 5.48 -1.38 -15.13
C GLY A 51 4.79 -0.03 -15.01
N ARG A 52 3.57 -0.03 -14.49
CA ARG A 52 2.82 1.20 -14.33
C ARG A 52 2.79 1.65 -12.88
N LEU A 53 3.04 2.93 -12.65
CA LEU A 53 3.04 3.48 -11.30
C LEU A 53 1.62 3.75 -10.82
N LEU A 54 1.32 3.27 -9.61
CA LEU A 54 0.00 3.45 -9.03
C LEU A 54 -0.11 4.81 -8.33
N GLN A 55 0.68 5.76 -8.80
CA GLN A 55 0.67 7.11 -8.23
C GLN A 55 -0.73 7.50 -7.78
N ASP A 56 -1.60 7.78 -8.75
CA ASP A 56 -2.98 8.17 -8.45
C ASP A 56 -3.51 7.39 -7.26
N PRO A 57 -3.50 8.03 -6.08
CA PRO A 57 -3.99 7.41 -4.84
C PRO A 57 -5.50 7.24 -4.83
N ALA A 58 -6.13 7.58 -5.95
CA ALA A 58 -7.58 7.46 -6.07
C ALA A 58 -7.96 6.39 -7.09
N ARG A 59 -6.99 5.99 -7.90
CA ARG A 59 -7.21 4.97 -8.93
C ARG A 59 -7.72 3.68 -8.30
N THR A 60 -8.92 3.27 -8.68
CA THR A 60 -9.52 2.06 -8.15
C THR A 60 -8.77 0.82 -8.65
N LEU A 61 -8.64 -0.17 -7.77
CA LEU A 61 -7.95 -1.40 -8.12
C LEU A 61 -8.62 -2.10 -9.30
N SER A 62 -9.94 -1.93 -9.40
CA SER A 62 -10.69 -2.54 -10.49
C SER A 62 -10.24 -2.01 -11.84
N SER A 63 -10.10 -0.70 -11.94
CA SER A 63 -9.67 -0.07 -13.18
C SER A 63 -8.22 -0.42 -13.49
N LEU A 64 -7.42 -0.62 -12.45
CA LEU A 64 -6.02 -0.97 -12.62
C LEU A 64 -5.86 -2.44 -12.95
N ASN A 65 -6.99 -3.13 -13.13
CA ASN A 65 -6.97 -4.55 -13.46
C ASN A 65 -6.29 -5.36 -12.35
N ILE A 66 -6.57 -5.00 -11.11
CA ILE A 66 -5.98 -5.68 -9.96
C ILE A 66 -6.93 -6.74 -9.42
N THR A 67 -6.71 -8.00 -9.81
CA THR A 67 -7.55 -9.10 -9.37
C THR A 67 -6.85 -9.90 -8.27
N ASN A 68 -7.54 -10.93 -7.76
CA ASN A 68 -6.99 -11.76 -6.71
C ASN A 68 -5.81 -12.58 -7.22
N ASN A 69 -4.87 -12.90 -6.33
CA ASN A 69 -3.71 -13.68 -6.69
C ASN A 69 -2.73 -12.86 -7.52
N CYS A 70 -2.66 -11.56 -7.22
CA CYS A 70 -1.76 -10.66 -7.95
C CYS A 70 -0.69 -10.10 -7.02
N VAL A 71 0.51 -9.94 -7.55
CA VAL A 71 1.63 -9.42 -6.77
C VAL A 71 1.96 -7.98 -7.18
N ILE A 72 2.21 -7.13 -6.19
CA ILE A 72 2.54 -5.74 -6.45
C ILE A 72 3.94 -5.40 -5.93
N HIS A 73 4.80 -4.96 -6.85
CA HIS A 73 6.17 -4.60 -6.50
C HIS A 73 6.20 -3.29 -5.70
N CYS A 74 6.88 -3.32 -4.56
CA CYS A 74 6.98 -2.14 -3.71
C CYS A 74 8.43 -1.65 -3.63
N HIS A 75 8.61 -0.35 -3.82
CA HIS A 75 9.95 0.24 -3.77
C HIS A 75 10.21 0.90 -2.41
N ARG A 76 11.28 0.49 -1.76
CA ARG A 76 11.64 1.03 -0.45
C ARG A 76 12.92 1.85 -0.54
N SER A 77 12.86 3.09 -0.04
CA SER A 77 14.01 3.97 -0.06
C SER A 77 14.29 4.55 1.33
N PRO A 78 15.58 4.71 1.66
CA PRO A 78 16.01 5.25 2.95
C PRO A 78 15.68 6.73 3.10
N PRO A 79 15.31 7.13 4.32
CA PRO A 79 14.97 8.52 4.63
C PRO A 79 16.19 9.45 4.58
N GLY A 80 15.99 10.64 4.02
CA GLY A 80 17.08 11.59 3.91
C GLY A 80 16.65 13.00 4.27
N ALA A 81 16.58 13.30 5.56
CA ALA A 81 16.18 14.62 6.02
C ALA A 81 17.09 15.10 7.15
N ALA A 82 16.97 16.37 7.49
CA ALA A 82 17.78 16.96 8.55
C ALA A 82 17.03 16.97 9.88
N VAL A 83 16.31 15.88 10.15
CA VAL A 83 15.55 15.76 11.39
C VAL A 83 16.11 14.65 12.28
N SER A 84 16.09 14.88 13.59
CA SER A 84 16.59 13.92 14.55
C SER A 84 16.17 14.28 15.97
N GLY A 85 15.53 13.33 16.65
CA GLY A 85 15.08 13.57 18.01
C GLY A 85 13.86 12.75 18.37
N PRO A 86 13.77 12.35 19.65
CA PRO A 86 12.64 11.55 20.15
C PRO A 86 11.35 12.35 20.20
N SER A 87 10.25 11.67 20.53
CA SER A 87 8.94 12.32 20.62
C SER A 87 7.94 11.42 21.34
N ALA A 88 7.35 11.95 22.41
CA ALA A 88 6.37 11.20 23.19
C ALA A 88 5.02 11.90 23.18
N SER A 89 3.95 11.13 23.35
CA SER A 89 2.60 11.66 23.36
C SER A 89 1.61 10.65 23.92
N SER A 90 0.51 11.16 24.48
CA SER A 90 -0.51 10.29 25.05
C SER A 90 -1.87 10.54 24.40
N GLY A 91 -2.86 9.72 24.75
CA GLY A 91 -4.18 9.88 24.19
C GLY A 91 -5.12 8.76 24.61
N PRO A 92 -5.71 8.90 25.82
CA PRO A 92 -6.63 7.91 26.37
C PRO A 92 -7.97 7.88 25.61
N SER A 93 -8.15 6.84 24.81
CA SER A 93 -9.38 6.70 24.02
C SER A 93 -10.53 6.20 24.90
N SER A 94 -10.23 5.21 25.73
CA SER A 94 -11.24 4.64 26.63
C SER A 94 -11.65 5.64 27.69
N GLY A 95 -10.66 6.24 28.35
CA GLY A 95 -10.94 7.23 29.38
C GLY A 95 -9.71 7.58 30.18
N GLY A 1 -19.50 -12.83 14.61
CA GLY A 1 -18.24 -13.50 14.33
C GLY A 1 -17.63 -13.06 13.02
N SER A 2 -16.56 -13.74 12.61
CA SER A 2 -15.87 -13.41 11.37
C SER A 2 -16.58 -14.03 10.17
N SER A 3 -16.75 -13.24 9.13
CA SER A 3 -17.42 -13.71 7.92
C SER A 3 -16.70 -14.93 7.33
N GLY A 4 -15.45 -14.73 6.92
CA GLY A 4 -14.68 -15.82 6.35
C GLY A 4 -13.85 -15.37 5.17
N SER A 5 -14.51 -15.05 4.06
CA SER A 5 -13.82 -14.62 2.85
C SER A 5 -14.65 -13.59 2.10
N SER A 6 -14.01 -12.49 1.70
CA SER A 6 -14.69 -11.43 0.96
C SER A 6 -13.68 -10.45 0.38
N GLY A 7 -13.56 -10.45 -0.95
CA GLY A 7 -12.63 -9.55 -1.61
C GLY A 7 -11.52 -10.30 -2.33
N ILE A 8 -10.56 -9.55 -2.88
CA ILE A 8 -9.45 -10.15 -3.58
C ILE A 8 -8.16 -10.01 -2.78
N ASN A 9 -7.35 -11.07 -2.77
CA ASN A 9 -6.09 -11.08 -2.04
C ASN A 9 -4.96 -10.56 -2.92
N VAL A 10 -4.09 -9.74 -2.33
CA VAL A 10 -2.96 -9.17 -3.07
C VAL A 10 -1.65 -9.42 -2.32
N ARG A 11 -0.64 -9.87 -3.06
CA ARG A 11 0.67 -10.15 -2.47
C ARG A 11 1.60 -8.96 -2.66
N LEU A 12 2.03 -8.36 -1.55
CA LEU A 12 2.93 -7.22 -1.60
C LEU A 12 4.39 -7.67 -1.69
N LYS A 13 4.98 -7.50 -2.86
CA LYS A 13 6.37 -7.89 -3.08
C LYS A 13 7.30 -6.69 -2.97
N PHE A 14 8.34 -6.82 -2.15
CA PHE A 14 9.30 -5.75 -1.95
C PHE A 14 10.63 -6.07 -2.63
N LEU A 15 11.41 -5.04 -2.90
CA LEU A 15 12.71 -5.21 -3.54
C LEU A 15 13.65 -6.04 -2.67
N ASN A 16 13.22 -6.32 -1.44
CA ASN A 16 14.02 -7.09 -0.51
C ASN A 16 13.83 -8.59 -0.74
N ASP A 17 13.32 -8.93 -1.93
CA ASP A 17 13.11 -10.33 -2.28
C ASP A 17 12.13 -10.99 -1.32
N THR A 18 11.25 -10.18 -0.73
CA THR A 18 10.27 -10.69 0.22
C THR A 18 8.85 -10.39 -0.24
N GLU A 19 7.87 -10.93 0.47
CA GLU A 19 6.46 -10.73 0.14
C GLU A 19 5.61 -10.62 1.39
N GLU A 20 4.50 -9.89 1.29
CA GLU A 20 3.59 -9.71 2.42
C GLU A 20 2.15 -9.93 2.00
N LEU A 21 1.41 -10.67 2.82
CA LEU A 21 0.00 -10.96 2.52
C LEU A 21 -0.87 -9.74 2.82
N ALA A 22 -1.55 -9.25 1.79
CA ALA A 22 -2.42 -8.09 1.94
C ALA A 22 -3.67 -8.22 1.07
N VAL A 23 -4.83 -8.22 1.71
CA VAL A 23 -6.10 -8.35 1.00
C VAL A 23 -6.63 -6.98 0.58
N ALA A 24 -6.84 -6.79 -0.71
CA ALA A 24 -7.36 -5.53 -1.23
C ALA A 24 -8.67 -5.73 -1.98
N ARG A 25 -9.45 -4.67 -2.10
CA ARG A 25 -10.72 -4.73 -2.80
C ARG A 25 -10.67 -3.97 -4.12
N PRO A 26 -11.52 -4.38 -5.07
CA PRO A 26 -11.59 -3.73 -6.39
C PRO A 26 -12.18 -2.33 -6.33
N GLU A 27 -12.70 -1.97 -5.16
CA GLU A 27 -13.30 -0.65 -4.97
C GLU A 27 -12.31 0.30 -4.30
N ASP A 28 -11.56 -0.21 -3.33
CA ASP A 28 -10.58 0.58 -2.60
C ASP A 28 -9.66 1.32 -3.58
N THR A 29 -8.92 2.30 -3.06
CA THR A 29 -8.01 3.08 -3.88
C THR A 29 -6.56 2.73 -3.56
N VAL A 30 -5.66 3.09 -4.46
CA VAL A 30 -4.23 2.83 -4.28
C VAL A 30 -3.69 3.58 -3.07
N GLY A 31 -4.12 4.83 -2.91
CA GLY A 31 -3.66 5.64 -1.79
C GLY A 31 -4.06 5.06 -0.46
N THR A 32 -5.24 4.46 -0.40
CA THR A 32 -5.74 3.87 0.83
C THR A 32 -4.97 2.59 1.18
N LEU A 33 -4.69 1.79 0.16
CA LEU A 33 -3.95 0.54 0.35
C LEU A 33 -2.62 0.79 1.05
N LYS A 34 -1.88 1.79 0.57
CA LYS A 34 -0.59 2.15 1.15
C LYS A 34 -0.74 2.50 2.63
N SER A 35 -1.71 3.35 2.93
CA SER A 35 -1.94 3.77 4.32
C SER A 35 -2.53 2.63 5.14
N LYS A 36 -3.25 1.73 4.46
CA LYS A 36 -3.86 0.59 5.12
C LYS A 36 -2.80 -0.36 5.68
N TYR A 37 -1.82 -0.69 4.85
CA TYR A 37 -0.74 -1.58 5.25
C TYR A 37 0.51 -0.80 5.65
N PHE A 38 0.85 0.21 4.85
CA PHE A 38 2.02 1.04 5.12
C PHE A 38 1.60 2.46 5.47
N PRO A 39 1.11 2.65 6.69
CA PRO A 39 0.66 3.96 7.18
C PRO A 39 1.82 4.92 7.40
N GLY A 40 1.71 6.11 6.81
CA GLY A 40 2.77 7.10 6.94
C GLY A 40 3.96 6.82 6.06
N GLN A 41 4.10 5.56 5.64
CA GLN A 41 5.20 5.16 4.77
C GLN A 41 4.81 5.26 3.30
N GLU A 42 3.54 5.58 3.05
CA GLU A 42 3.04 5.70 1.69
C GLU A 42 3.93 6.62 0.86
N SER A 43 4.75 7.42 1.55
CA SER A 43 5.64 8.36 0.88
C SER A 43 6.67 7.61 0.04
N GLN A 44 7.44 6.73 0.69
CA GLN A 44 8.45 5.96 -0.01
C GLN A 44 7.86 4.67 -0.60
N MET A 45 6.91 4.08 0.12
CA MET A 45 6.26 2.87 -0.33
C MET A 45 5.56 3.09 -1.66
N LYS A 46 6.28 2.84 -2.75
CA LYS A 46 5.72 3.01 -4.09
C LYS A 46 5.38 1.66 -4.72
N LEU A 47 4.14 1.52 -5.14
CA LEU A 47 3.68 0.28 -5.76
C LEU A 47 3.64 0.40 -7.28
N ILE A 48 4.06 -0.66 -7.97
CA ILE A 48 4.07 -0.66 -9.42
C ILE A 48 3.37 -1.90 -9.98
N TYR A 49 2.35 -1.68 -10.80
CA TYR A 49 1.61 -2.78 -11.40
C TYR A 49 1.86 -2.86 -12.90
N GLN A 50 2.49 -3.95 -13.33
CA GLN A 50 2.79 -4.16 -14.74
C GLN A 50 3.73 -3.06 -15.26
N GLY A 51 4.80 -2.80 -14.52
CA GLY A 51 5.75 -1.79 -14.92
C GLY A 51 5.18 -0.38 -14.81
N ARG A 52 3.94 -0.29 -14.34
CA ARG A 52 3.28 1.00 -14.19
C ARG A 52 3.23 1.42 -12.73
N LEU A 53 3.55 2.68 -12.47
CA LEU A 53 3.54 3.20 -11.10
C LEU A 53 2.12 3.61 -10.69
N LEU A 54 1.67 3.07 -9.56
CA LEU A 54 0.34 3.38 -9.06
C LEU A 54 0.30 4.77 -8.41
N GLN A 55 0.86 5.75 -9.11
CA GLN A 55 0.88 7.11 -8.60
C GLN A 55 -0.49 7.56 -8.12
N ASP A 56 -1.39 7.81 -9.07
CA ASP A 56 -2.75 8.24 -8.76
C ASP A 56 -3.30 7.45 -7.58
N PRO A 57 -3.30 8.08 -6.39
CA PRO A 57 -3.80 7.44 -5.17
C PRO A 57 -5.31 7.26 -5.18
N ALA A 58 -5.95 7.71 -6.26
CA ALA A 58 -7.39 7.60 -6.41
C ALA A 58 -7.77 6.45 -7.34
N ARG A 59 -6.85 6.09 -8.22
CA ARG A 59 -7.08 5.00 -9.18
C ARG A 59 -7.55 3.74 -8.46
N THR A 60 -8.78 3.34 -8.74
CA THR A 60 -9.35 2.15 -8.13
C THR A 60 -8.58 0.90 -8.51
N LEU A 61 -8.58 -0.10 -7.63
CA LEU A 61 -7.88 -1.35 -7.89
C LEU A 61 -8.49 -2.09 -9.08
N SER A 62 -9.81 -1.97 -9.22
CA SER A 62 -10.52 -2.63 -10.31
C SER A 62 -10.07 -2.08 -11.67
N SER A 63 -10.00 -0.75 -11.76
CA SER A 63 -9.59 -0.09 -13.00
C SER A 63 -8.16 -0.47 -13.36
N LEU A 64 -7.32 -0.61 -12.34
CA LEU A 64 -5.91 -0.97 -12.54
C LEU A 64 -5.78 -2.45 -12.88
N ASN A 65 -6.91 -3.14 -13.02
CA ASN A 65 -6.91 -4.56 -13.33
C ASN A 65 -6.25 -5.37 -12.22
N ILE A 66 -6.50 -4.97 -10.98
CA ILE A 66 -5.93 -5.66 -9.82
C ILE A 66 -6.87 -6.74 -9.30
N THR A 67 -6.73 -7.95 -9.85
CA THR A 67 -7.57 -9.06 -9.44
C THR A 67 -6.88 -9.91 -8.38
N ASN A 68 -7.63 -10.84 -7.78
CA ASN A 68 -7.09 -11.71 -6.74
C ASN A 68 -5.90 -12.51 -7.27
N ASN A 69 -5.05 -12.97 -6.36
CA ASN A 69 -3.87 -13.74 -6.73
C ASN A 69 -2.91 -12.91 -7.56
N CYS A 70 -2.77 -11.64 -7.20
CA CYS A 70 -1.88 -10.73 -7.91
C CYS A 70 -0.82 -10.16 -6.97
N VAL A 71 0.38 -9.96 -7.50
CA VAL A 71 1.48 -9.42 -6.71
C VAL A 71 1.82 -8.00 -7.15
N ILE A 72 2.14 -7.15 -6.18
CA ILE A 72 2.48 -5.76 -6.47
C ILE A 72 3.90 -5.44 -6.00
N HIS A 73 4.72 -4.91 -6.91
CA HIS A 73 6.09 -4.55 -6.59
C HIS A 73 6.15 -3.25 -5.80
N CYS A 74 6.90 -3.27 -4.70
CA CYS A 74 7.03 -2.09 -3.85
C CYS A 74 8.47 -1.56 -3.89
N HIS A 75 8.59 -0.23 -3.94
CA HIS A 75 9.90 0.41 -3.99
C HIS A 75 10.18 1.18 -2.70
N ARG A 76 11.27 0.83 -2.04
CA ARG A 76 11.65 1.48 -0.79
C ARG A 76 12.75 2.51 -1.02
N SER A 77 12.49 3.75 -0.61
CA SER A 77 13.44 4.83 -0.78
C SER A 77 13.95 5.31 0.57
N PRO A 78 15.25 5.64 0.63
CA PRO A 78 15.90 6.12 1.86
C PRO A 78 15.43 7.53 2.23
N PRO A 79 14.97 7.69 3.48
CA PRO A 79 14.49 8.97 3.99
C PRO A 79 15.62 9.98 4.18
N GLY A 80 15.29 11.13 4.75
CA GLY A 80 16.29 12.16 4.98
C GLY A 80 16.79 12.17 6.41
N ALA A 81 15.98 12.71 7.32
CA ALA A 81 16.35 12.78 8.73
C ALA A 81 15.13 12.60 9.62
N ALA A 82 15.27 11.79 10.66
CA ALA A 82 14.18 11.53 11.59
C ALA A 82 14.58 11.90 13.01
N VAL A 83 13.84 12.84 13.60
CA VAL A 83 14.12 13.30 14.96
C VAL A 83 13.75 12.22 15.98
N SER A 84 13.05 11.19 15.51
CA SER A 84 12.63 10.10 16.38
C SER A 84 13.67 8.99 16.40
N GLY A 85 14.04 8.51 15.22
CA GLY A 85 15.02 7.45 15.11
C GLY A 85 14.41 6.07 15.28
N PRO A 86 14.78 5.38 16.37
CA PRO A 86 14.28 4.04 16.67
C PRO A 86 12.82 4.04 17.05
N SER A 87 11.99 3.40 16.25
CA SER A 87 10.55 3.32 16.51
C SER A 87 9.90 2.21 15.68
N ALA A 88 8.94 1.52 16.30
CA ALA A 88 8.24 0.44 15.62
C ALA A 88 6.99 0.95 14.92
N SER A 89 6.41 0.12 14.05
CA SER A 89 5.20 0.49 13.32
C SER A 89 4.03 -0.41 13.71
N SER A 90 4.20 -1.71 13.50
CA SER A 90 3.15 -2.68 13.83
C SER A 90 2.58 -2.41 15.22
N GLY A 91 1.29 -2.71 15.39
CA GLY A 91 0.64 -2.49 16.66
C GLY A 91 -0.57 -3.39 16.87
N PRO A 92 -1.75 -2.87 16.51
CA PRO A 92 -3.01 -3.62 16.65
C PRO A 92 -3.10 -4.78 15.65
N SER A 93 -3.83 -5.83 16.04
CA SER A 93 -3.99 -6.99 15.19
C SER A 93 -5.46 -7.18 14.81
N SER A 94 -5.70 -7.55 13.56
CA SER A 94 -7.06 -7.76 13.07
C SER A 94 -7.23 -9.19 12.56
N GLY A 95 -8.34 -9.81 12.92
CA GLY A 95 -8.61 -11.17 12.49
C GLY A 95 -9.89 -11.74 13.08
#